data_5LGV
#
_entry.id   5LGV
#
_cell.length_a   113.611
_cell.length_b   113.611
_cell.length_c   313.692
_cell.angle_alpha   90.000
_cell.angle_beta   90.000
_cell.angle_gamma   90.000
#
_symmetry.space_group_name_H-M   'P 41 21 2'
#
loop_
_entity.id
_entity.type
_entity.pdbx_description
1 polymer 'Alpha-1,4-glucan:maltose-1-phosphate maltosyltransferase 1'
2 branched alpha-D-glucopyranose-(1-4)-alpha-D-glucopyranose-(1-4)-alpha-D-glucopyranose-(1-4)-alpha-D-glucopyranose-(1-4)-alpha-D-glucopyranose-(1-4)-alpha-D-glucopyranose-(1-4)-alpha-D-glucopyranose-(1-4)-alpha-D-glucopyranose
3 branched alpha-D-glucopyranose-(1-4)-alpha-D-glucopyranose-(1-4)-alpha-D-glucopyranose-(1-4)-alpha-D-glucopyranose-(1-4)-alpha-D-glucopyranose
4 water water
#
_entity_poly.entity_id   1
_entity_poly.type   'polypeptide(L)'
_entity_poly.pdbx_seq_one_letter_code
;MGSSHHHHHHSSGLVPRGSHMPATHHSSATSAERPTVVGRIPVLDVRPVVQRGRRPAKAVTGESFEVSATVFREGHDAVG
ANVVLRDPRGRPGPWTPMRELAPGTDRWGATVTAGETGTWSYTVEAWGDPVTTWRHHARIKIPAGLDTDLVLEEGARLYE
RAAADVPGREDRRELLAAVDALRDESRPAASRLAAALTPQVDAVLARHPLRDLVTSSDPLPLLVERERALYGAWYEFFPR
SEGTPHTPHGTFRTAARRLPAIAAMGFDVVYLPPIHPIGTTHRKGRNNTLSATGDDVGVPWAIGSPEGGHDSIHPALGTL
DDFDHFVTEAGKLGLEIALDFALQCSPDHPWVHKHPEWFHHRPDGTIAHAENPPKKYQDIYPIAFDADPDGLATETVRIL
RHWMDHGVRIFRVDNPHTKPVAFWERVIADINGTDPDVIFLAAAFTRPAMMATLAQIGFQQSYTYFTWRNTKQELTEYLT
ELSGEAASYMRPNFFANTPDILHAYLQHGGRPAFEVRAVLAATLSPTWGIYSGYELCENTPLREGSEEYLDSEKYQLKPR
DWTRAAREGTTIAPLVTRLNTIRRENPALRQLRDLHFHPTDKEEVIAYSKRQGSNTVLVVVNLDPRHTQEATVSLDMPQL
GLDWHESVPVRDELTGETYHWGRANYVRLEPGRTPAHVCTVLRPSHPQIGGSHTT
;
_entity_poly.pdbx_strand_id   A,B
#
loop_
_chem_comp.id
_chem_comp.type
_chem_comp.name
_chem_comp.formula
GLC D-saccharide, alpha linking alpha-D-glucopyranose 'C6 H12 O6'
#
# COMPACT_ATOMS: atom_id res chain seq x y z
N PRO A 35 20.78 -16.55 -8.94
CA PRO A 35 19.43 -16.05 -9.31
C PRO A 35 19.26 -14.52 -9.20
N THR A 36 18.18 -13.98 -9.76
CA THR A 36 17.81 -12.56 -9.57
C THR A 36 16.34 -12.47 -9.24
N VAL A 37 16.01 -11.61 -8.29
CA VAL A 37 14.60 -11.34 -7.91
C VAL A 37 13.74 -11.02 -9.13
N VAL A 38 14.23 -10.13 -9.99
CA VAL A 38 13.47 -9.64 -11.15
C VAL A 38 13.80 -10.51 -12.35
N GLY A 39 12.77 -10.87 -13.11
CA GLY A 39 12.96 -11.64 -14.33
C GLY A 39 13.34 -10.77 -15.52
N ARG A 40 13.34 -11.38 -16.70
CA ARG A 40 13.78 -10.70 -17.91
C ARG A 40 12.85 -9.51 -18.27
N ILE A 41 11.55 -9.75 -18.25
CA ILE A 41 10.57 -8.68 -18.36
C ILE A 41 9.93 -8.47 -16.99
N PRO A 42 10.18 -7.32 -16.33
CA PRO A 42 9.60 -7.08 -15.01
C PRO A 42 8.10 -7.31 -14.89
N VAL A 43 7.68 -8.14 -13.93
CA VAL A 43 6.29 -8.30 -13.55
C VAL A 43 6.30 -8.29 -12.01
N LEU A 44 5.71 -7.26 -11.44
CA LEU A 44 5.89 -6.89 -10.05
C LEU A 44 4.59 -6.53 -9.36
N ASP A 45 4.55 -6.84 -8.04
CA ASP A 45 3.50 -6.38 -7.15
C ASP A 45 2.14 -6.82 -7.68
N VAL A 46 2.04 -8.13 -7.89
CA VAL A 46 0.83 -8.75 -8.37
C VAL A 46 -0.20 -8.57 -7.29
N ARG A 47 -1.39 -8.08 -7.64
CA ARG A 47 -2.50 -8.02 -6.69
C ARG A 47 -3.69 -8.81 -7.27
N PRO A 48 -4.62 -9.32 -6.46
CA PRO A 48 -4.64 -9.19 -5.02
C PRO A 48 -3.55 -9.99 -4.33
N VAL A 49 -3.19 -9.52 -3.14
CA VAL A 49 -2.34 -10.24 -2.24
C VAL A 49 -2.75 -9.98 -0.78
N VAL A 50 -2.72 -11.04 0.03
CA VAL A 50 -3.06 -10.94 1.45
C VAL A 50 -1.86 -11.38 2.24
N GLN A 51 -1.50 -10.55 3.23
CA GLN A 51 -0.32 -10.73 4.09
CA GLN A 51 -0.33 -10.77 4.09
C GLN A 51 0.85 -11.28 3.28
N ARG A 52 1.17 -10.55 2.21
CA ARG A 52 2.34 -10.80 1.39
C ARG A 52 2.45 -12.22 0.78
N GLY A 53 1.33 -12.92 0.64
CA GLY A 53 1.34 -14.25 0.03
C GLY A 53 1.11 -15.38 0.98
N ARG A 54 1.17 -15.08 2.28
CA ARG A 54 1.04 -16.09 3.33
C ARG A 54 -0.40 -16.51 3.65
N ARG A 55 -1.39 -15.78 3.13
CA ARG A 55 -2.80 -16.10 3.30
C ARG A 55 -3.50 -15.96 1.96
N PRO A 56 -4.46 -16.84 1.67
CA PRO A 56 -5.10 -16.72 0.33
C PRO A 56 -5.98 -15.48 0.12
N ALA A 57 -6.01 -14.99 -1.11
CA ALA A 57 -7.07 -14.10 -1.53
C ALA A 57 -8.33 -14.94 -1.69
N LYS A 58 -9.47 -14.27 -1.72
CA LYS A 58 -10.77 -14.90 -1.65
C LYS A 58 -11.61 -14.65 -2.90
N ALA A 59 -12.36 -15.68 -3.27
CA ALA A 59 -13.42 -15.58 -4.24
C ALA A 59 -14.49 -16.60 -3.92
N VAL A 60 -15.60 -16.55 -4.65
CA VAL A 60 -16.56 -17.67 -4.66
C VAL A 60 -16.83 -18.14 -6.08
N THR A 61 -17.35 -19.36 -6.19
CA THR A 61 -17.74 -19.94 -7.48
C THR A 61 -18.53 -18.90 -8.28
N GLY A 62 -18.12 -18.70 -9.52
CA GLY A 62 -18.79 -17.77 -10.44
C GLY A 62 -18.39 -16.30 -10.34
N GLU A 63 -17.54 -15.94 -9.38
CA GLU A 63 -17.21 -14.53 -9.12
C GLU A 63 -16.02 -14.06 -9.95
N SER A 64 -16.17 -12.88 -10.55
CA SER A 64 -15.12 -12.25 -11.35
C SER A 64 -14.43 -11.20 -10.51
N PHE A 65 -13.11 -11.11 -10.67
CA PHE A 65 -12.32 -10.08 -9.99
C PHE A 65 -11.11 -9.75 -10.79
N GLU A 66 -10.48 -8.63 -10.47
CA GLU A 66 -9.34 -8.16 -11.21
C GLU A 66 -8.04 -8.71 -10.62
N VAL A 67 -7.20 -9.30 -11.47
CA VAL A 67 -5.78 -9.54 -11.17
C VAL A 67 -4.97 -8.45 -11.86
N SER A 68 -4.01 -7.86 -11.16
CA SER A 68 -3.23 -6.75 -11.69
C SER A 68 -1.77 -6.89 -11.34
N ALA A 69 -0.94 -6.06 -11.98
CA ALA A 69 0.48 -6.16 -11.82
C ALA A 69 1.14 -4.96 -12.45
N THR A 70 2.40 -4.71 -12.06
CA THR A 70 3.22 -3.68 -12.69
C THR A 70 4.11 -4.42 -13.66
N VAL A 71 3.93 -4.11 -14.96
CA VAL A 71 4.62 -4.75 -16.09
C VAL A 71 5.20 -3.72 -17.01
N PHE A 72 6.47 -3.89 -17.38
CA PHE A 72 7.19 -2.94 -18.26
C PHE A 72 8.51 -3.57 -18.69
N ARG A 73 9.24 -2.86 -19.56
CA ARG A 73 10.56 -3.33 -19.98
C ARG A 73 11.52 -2.21 -20.20
N GLU A 74 12.76 -2.60 -20.51
CA GLU A 74 13.80 -1.65 -20.85
C GLU A 74 13.61 -1.25 -22.30
N GLY A 75 14.04 -0.04 -22.64
CA GLY A 75 13.88 0.48 -23.99
C GLY A 75 12.44 0.88 -24.24
N HIS A 76 12.07 1.06 -25.51
CA HIS A 76 10.75 1.58 -25.89
C HIS A 76 9.78 0.61 -26.54
N ASP A 77 10.22 -0.63 -26.77
CA ASP A 77 9.39 -1.64 -27.42
C ASP A 77 8.22 -2.03 -26.54
N ALA A 78 7.19 -2.58 -27.17
CA ALA A 78 5.95 -2.86 -26.51
C ALA A 78 6.07 -4.11 -25.64
N VAL A 79 5.25 -4.15 -24.59
CA VAL A 79 5.07 -5.33 -23.74
C VAL A 79 3.63 -5.76 -23.80
N GLY A 80 3.41 -7.05 -23.55
CA GLY A 80 2.09 -7.61 -23.27
C GLY A 80 2.15 -8.44 -22.00
N ALA A 81 0.97 -8.88 -21.53
CA ALA A 81 0.88 -9.68 -20.30
C ALA A 81 -0.44 -10.42 -20.23
N ASN A 82 -0.46 -11.54 -19.52
CA ASN A 82 -1.67 -12.38 -19.40
C ASN A 82 -1.73 -13.05 -18.04
N VAL A 83 -2.92 -13.54 -17.69
CA VAL A 83 -3.12 -14.14 -16.37
C VAL A 83 -3.38 -15.63 -16.52
N VAL A 84 -2.61 -16.42 -15.79
CA VAL A 84 -2.77 -17.86 -15.80
C VAL A 84 -3.30 -18.28 -14.42
N LEU A 85 -4.62 -18.40 -14.35
CA LEU A 85 -5.35 -18.94 -13.21
C LEU A 85 -5.38 -20.48 -13.28
N ARG A 86 -4.99 -21.16 -12.18
CA ARG A 86 -4.98 -22.64 -12.13
C ARG A 86 -5.86 -23.25 -11.02
N ASP A 87 -6.58 -24.33 -11.38
CA ASP A 87 -7.54 -24.96 -10.49
C ASP A 87 -6.86 -25.90 -9.48
N PRO A 88 -7.63 -26.50 -8.57
CA PRO A 88 -6.98 -27.35 -7.57
C PRO A 88 -6.19 -28.56 -8.09
N ARG A 89 -6.53 -29.10 -9.26
CA ARG A 89 -5.71 -30.17 -9.87
C ARG A 89 -4.58 -29.60 -10.76
N GLY A 90 -4.43 -28.28 -10.83
CA GLY A 90 -3.32 -27.65 -11.57
C GLY A 90 -3.59 -27.22 -13.01
N ARG A 91 -4.84 -27.37 -13.47
CA ARG A 91 -5.18 -27.14 -14.88
C ARG A 91 -5.34 -25.65 -15.17
N PRO A 92 -4.62 -25.12 -16.20
CA PRO A 92 -4.71 -23.69 -16.52
C PRO A 92 -6.06 -23.29 -17.10
N GLY A 93 -6.44 -22.05 -16.86
CA GLY A 93 -7.70 -21.50 -17.35
C GLY A 93 -7.49 -20.96 -18.76
N PRO A 94 -8.49 -20.23 -19.27
CA PRO A 94 -8.43 -19.78 -20.66
C PRO A 94 -7.43 -18.64 -20.89
N TRP A 95 -7.11 -18.39 -22.15
CA TRP A 95 -6.25 -17.28 -22.54
C TRP A 95 -6.91 -16.00 -22.06
N THR A 96 -6.21 -15.28 -21.19
CA THR A 96 -6.72 -14.12 -20.50
C THR A 96 -5.71 -12.95 -20.62
N PRO A 97 -5.79 -12.18 -21.71
CA PRO A 97 -4.83 -11.09 -21.89
C PRO A 97 -5.13 -9.91 -21.00
N MET A 98 -4.09 -9.19 -20.63
CA MET A 98 -4.21 -8.00 -19.81
C MET A 98 -4.02 -6.76 -20.68
N ARG A 99 -4.43 -5.61 -20.13
CA ARG A 99 -4.24 -4.28 -20.75
C ARG A 99 -3.79 -3.27 -19.69
N GLU A 100 -3.01 -2.27 -20.10
CA GLU A 100 -2.62 -1.18 -19.23
C GLU A 100 -3.87 -0.44 -18.76
N LEU A 101 -4.02 -0.26 -17.45
CA LEU A 101 -5.26 0.28 -16.87
C LEU A 101 -5.38 1.79 -16.94
N ALA A 102 -4.27 2.49 -17.13
CA ALA A 102 -4.27 3.92 -17.37
C ALA A 102 -2.93 4.29 -17.98
N PRO A 103 -2.90 5.29 -18.87
CA PRO A 103 -1.65 5.53 -19.57
C PRO A 103 -0.52 6.06 -18.67
N GLY A 104 0.70 5.64 -18.96
CA GLY A 104 1.90 6.05 -18.21
C GLY A 104 2.15 5.40 -16.84
N THR A 105 1.23 4.52 -16.40
CA THR A 105 1.30 3.94 -15.07
C THR A 105 2.02 2.58 -15.04
N ASP A 106 2.11 1.92 -16.19
CA ASP A 106 2.65 0.56 -16.27
C ASP A 106 1.91 -0.46 -15.39
N ARG A 107 0.66 -0.16 -15.02
CA ARG A 107 -0.20 -1.06 -14.28
C ARG A 107 -1.14 -1.79 -15.22
N TRP A 108 -1.07 -3.12 -15.19
CA TRP A 108 -1.80 -3.93 -16.14
C TRP A 108 -2.82 -4.70 -15.36
N GLY A 109 -3.96 -5.02 -16.00
CA GLY A 109 -5.03 -5.74 -15.36
C GLY A 109 -5.87 -6.56 -16.30
N ALA A 110 -6.57 -7.54 -15.74
CA ALA A 110 -7.54 -8.36 -16.44
C ALA A 110 -8.46 -9.08 -15.46
N THR A 111 -9.68 -9.29 -15.92
CA THR A 111 -10.71 -9.95 -15.13
C THR A 111 -10.59 -11.46 -15.29
N VAL A 112 -10.65 -12.14 -14.16
CA VAL A 112 -10.61 -13.61 -14.12
C VAL A 112 -11.89 -14.05 -13.42
N THR A 113 -12.28 -15.30 -13.60
CA THR A 113 -13.51 -15.83 -12.97
C THR A 113 -13.26 -17.19 -12.34
N ALA A 114 -13.75 -17.38 -11.13
CA ALA A 114 -13.42 -18.56 -10.36
C ALA A 114 -14.48 -19.60 -10.59
N GLY A 115 -14.05 -20.87 -10.72
CA GLY A 115 -14.93 -22.02 -11.00
C GLY A 115 -15.27 -22.82 -9.76
N GLU A 116 -14.94 -24.11 -9.77
CA GLU A 116 -15.16 -25.01 -8.63
C GLU A 116 -14.45 -24.55 -7.35
N THR A 117 -15.01 -24.96 -6.20
CA THR A 117 -14.43 -24.65 -4.91
C THR A 117 -13.11 -25.38 -4.72
N GLY A 118 -12.27 -24.79 -3.86
CA GLY A 118 -10.94 -25.31 -3.52
C GLY A 118 -9.86 -24.24 -3.56
N THR A 119 -8.62 -24.68 -3.52
CA THR A 119 -7.47 -23.80 -3.51
C THR A 119 -6.86 -23.69 -4.91
N TRP A 120 -6.94 -22.49 -5.46
CA TRP A 120 -6.43 -22.20 -6.80
C TRP A 120 -5.10 -21.47 -6.65
N SER A 121 -4.45 -21.18 -7.77
CA SER A 121 -3.30 -20.28 -7.81
C SER A 121 -3.45 -19.36 -9.01
N TYR A 122 -2.76 -18.22 -8.99
CA TYR A 122 -2.69 -17.37 -10.17
C TYR A 122 -1.34 -16.76 -10.37
N THR A 123 -1.02 -16.55 -11.64
CA THR A 123 0.28 -16.17 -12.11
C THR A 123 0.05 -15.10 -13.17
N VAL A 124 0.94 -14.11 -13.21
CA VAL A 124 0.95 -13.15 -14.31
C VAL A 124 2.19 -13.44 -15.16
N GLU A 125 1.96 -13.63 -16.45
CA GLU A 125 3.04 -13.82 -17.42
C GLU A 125 3.22 -12.52 -18.16
N ALA A 126 4.45 -12.02 -18.24
CA ALA A 126 4.76 -10.79 -18.96
C ALA A 126 5.71 -11.10 -20.10
N TRP A 127 5.67 -10.29 -21.14
CA TRP A 127 6.40 -10.59 -22.36
C TRP A 127 6.57 -9.39 -23.27
N GLY A 128 7.67 -9.40 -24.01
CA GLY A 128 7.86 -8.49 -25.14
C GLY A 128 6.93 -8.87 -26.28
N ASP A 129 6.33 -7.84 -26.88
CA ASP A 129 5.35 -7.95 -27.94
C ASP A 129 5.98 -7.35 -29.20
N PRO A 130 6.85 -8.12 -29.89
CA PRO A 130 7.51 -7.60 -31.11
C PRO A 130 6.55 -7.17 -32.24
N VAL A 131 5.39 -7.83 -32.34
CA VAL A 131 4.42 -7.54 -33.42
C VAL A 131 3.80 -6.15 -33.26
N THR A 132 3.35 -5.78 -32.07
CA THR A 132 2.88 -4.40 -31.82
C THR A 132 4.00 -3.39 -32.07
N THR A 133 5.20 -3.76 -31.65
CA THR A 133 6.36 -2.90 -31.83
C THR A 133 6.58 -2.64 -33.30
N TRP A 134 6.61 -3.70 -34.10
CA TRP A 134 6.88 -3.61 -35.55
C TRP A 134 5.77 -2.88 -36.31
N ARG A 135 4.50 -3.13 -35.94
CA ARG A 135 3.36 -2.39 -36.48
C ARG A 135 3.46 -0.90 -36.18
N HIS A 136 3.83 -0.56 -34.95
CA HIS A 136 3.99 0.85 -34.60
C HIS A 136 5.01 1.54 -35.53
N HIS A 137 6.14 0.87 -35.78
CA HIS A 137 7.19 1.42 -36.65
C HIS A 137 6.81 1.32 -38.13
N ALA A 138 6.24 0.17 -38.52
CA ALA A 138 5.79 -0.07 -39.90
C ALA A 138 4.65 0.85 -40.34
N ARG A 139 3.86 1.36 -39.38
CA ARG A 139 2.84 2.38 -39.65
C ARG A 139 3.48 3.71 -40.13
N ILE A 140 4.61 4.11 -39.54
CA ILE A 140 5.22 5.43 -39.80
C ILE A 140 6.28 5.39 -40.93
N LYS A 141 7.15 4.38 -40.90
CA LYS A 141 8.28 4.29 -41.85
C LYS A 141 7.87 3.96 -43.30
N ILE A 142 6.86 3.11 -43.48
CA ILE A 142 6.44 2.68 -44.83
C ILE A 142 5.81 3.84 -45.63
N PRO A 143 4.83 4.58 -45.06
CA PRO A 143 4.34 5.84 -45.67
C PRO A 143 5.42 6.88 -45.97
N ALA A 144 6.20 7.29 -44.95
CA ALA A 144 7.22 8.33 -45.11
C ALA A 144 8.49 7.90 -45.89
N GLY A 145 8.59 6.62 -46.26
CA GLY A 145 9.53 6.15 -47.30
C GLY A 145 10.76 5.34 -46.88
N LEU A 146 11.10 5.35 -45.58
CA LEU A 146 12.38 4.82 -45.07
C LEU A 146 12.52 3.29 -45.20
N ASP A 147 13.76 2.83 -45.38
CA ASP A 147 14.14 1.41 -45.47
C ASP A 147 13.00 0.37 -45.63
N THR A 148 12.26 0.44 -46.74
CA THR A 148 10.97 -0.30 -46.89
C THR A 148 11.07 -1.82 -47.04
N ASP A 149 11.97 -2.29 -47.93
CA ASP A 149 12.24 -3.74 -48.14
C ASP A 149 12.70 -4.40 -46.84
N LEU A 150 13.52 -3.66 -46.10
CA LEU A 150 14.06 -4.07 -44.80
C LEU A 150 12.93 -4.22 -43.76
N VAL A 151 12.13 -3.16 -43.62
CA VAL A 151 11.00 -3.12 -42.66
C VAL A 151 10.02 -4.28 -42.89
N LEU A 152 9.66 -4.52 -44.15
CA LEU A 152 8.72 -5.60 -44.46
C LEU A 152 9.31 -6.99 -44.25
N GLU A 153 10.58 -7.14 -44.58
CA GLU A 153 11.31 -8.39 -44.31
C GLU A 153 11.52 -8.66 -42.78
N GLU A 154 11.70 -7.61 -41.97
CA GLU A 154 11.64 -7.72 -40.50
C GLU A 154 10.24 -8.26 -40.12
N GLY A 155 9.21 -7.71 -40.79
CA GLY A 155 7.84 -8.19 -40.69
C GLY A 155 7.66 -9.67 -40.95
N ALA A 156 8.07 -10.12 -42.13
CA ALA A 156 7.90 -11.52 -42.53
C ALA A 156 8.51 -12.53 -41.54
N ARG A 157 9.65 -12.18 -40.94
CA ARG A 157 10.34 -13.07 -39.99
C ARG A 157 9.64 -13.19 -38.65
N LEU A 158 8.96 -12.12 -38.21
CA LEU A 158 8.08 -12.18 -37.02
C LEU A 158 6.89 -13.10 -37.28
N TYR A 159 6.23 -12.91 -38.43
CA TYR A 159 5.02 -13.65 -38.76
C TYR A 159 5.32 -15.14 -38.98
N GLU A 160 6.51 -15.43 -39.51
CA GLU A 160 7.05 -16.81 -39.65
C GLU A 160 7.37 -17.47 -38.28
N ARG A 161 7.99 -16.72 -37.36
CA ARG A 161 8.16 -17.16 -35.97
C ARG A 161 6.81 -17.32 -35.22
N ALA A 162 5.80 -16.54 -35.63
CA ALA A 162 4.45 -16.65 -35.06
C ALA A 162 3.77 -17.95 -35.46
N ALA A 163 3.99 -18.39 -36.70
CA ALA A 163 3.35 -19.59 -37.24
C ALA A 163 3.79 -20.92 -36.60
N ALA A 164 4.97 -20.94 -35.98
CA ALA A 164 5.52 -22.16 -35.35
C ALA A 164 4.79 -22.56 -34.04
N ASP A 165 4.71 -21.60 -33.10
CA ASP A 165 3.98 -21.78 -31.83
C ASP A 165 2.46 -22.03 -32.02
N VAL A 166 1.87 -21.59 -33.13
CA VAL A 166 0.46 -21.83 -33.48
C VAL A 166 0.20 -23.34 -33.76
N PRO A 167 -0.64 -24.01 -32.93
CA PRO A 167 -0.90 -25.45 -33.06
C PRO A 167 -1.99 -25.89 -34.07
N GLY A 168 -2.87 -24.97 -34.48
CA GLY A 168 -3.90 -25.26 -35.49
C GLY A 168 -3.39 -24.97 -36.90
N ARG A 169 -3.76 -25.82 -37.86
CA ARG A 169 -3.26 -25.75 -39.26
C ARG A 169 -3.96 -24.73 -40.20
N GLU A 170 -5.26 -24.53 -40.02
CA GLU A 170 -5.98 -23.46 -40.75
C GLU A 170 -5.49 -22.06 -40.32
N ASP A 171 -5.27 -21.89 -39.01
CA ASP A 171 -4.66 -20.67 -38.43
C ASP A 171 -3.26 -20.40 -39.02
N ARG A 172 -2.39 -21.42 -38.93
CA ARG A 172 -1.00 -21.38 -39.42
C ARG A 172 -0.90 -20.95 -40.89
N ARG A 173 -1.77 -21.48 -41.74
CA ARG A 173 -1.87 -21.07 -43.16
C ARG A 173 -2.33 -19.59 -43.35
N GLU A 174 -3.23 -19.10 -42.48
CA GLU A 174 -3.65 -17.68 -42.51
C GLU A 174 -2.44 -16.73 -42.35
N LEU A 175 -1.49 -17.13 -41.49
CA LEU A 175 -0.23 -16.40 -41.24
C LEU A 175 0.84 -16.56 -42.35
N LEU A 176 1.05 -17.78 -42.84
CA LEU A 176 2.02 -18.02 -43.92
C LEU A 176 1.61 -17.34 -45.23
N ALA A 177 0.33 -17.00 -45.37
CA ALA A 177 -0.19 -16.14 -46.46
C ALA A 177 0.32 -14.69 -46.32
N ALA A 178 0.24 -14.15 -45.09
CA ALA A 178 0.77 -12.81 -44.79
C ALA A 178 2.29 -12.71 -45.01
N VAL A 179 3.03 -13.76 -44.65
CA VAL A 179 4.50 -13.86 -44.86
C VAL A 179 4.86 -13.79 -46.35
N ASP A 180 4.18 -14.59 -47.17
CA ASP A 180 4.45 -14.63 -48.62
C ASP A 180 4.06 -13.29 -49.28
N ALA A 181 2.95 -12.69 -48.80
CA ALA A 181 2.51 -11.34 -49.24
C ALA A 181 3.45 -10.22 -48.77
N LEU A 182 4.02 -10.37 -47.57
CA LEU A 182 5.06 -9.45 -47.09
C LEU A 182 6.32 -9.51 -47.98
N ARG A 183 6.74 -10.72 -48.36
CA ARG A 183 7.96 -10.93 -49.18
C ARG A 183 7.77 -10.82 -50.71
N ASP A 184 6.52 -10.65 -51.16
CA ASP A 184 6.20 -10.47 -52.58
C ASP A 184 6.55 -9.03 -53.03
N GLU A 185 7.69 -8.89 -53.71
CA GLU A 185 8.20 -7.56 -54.16
C GLU A 185 7.56 -7.00 -55.46
N SER A 186 6.61 -7.72 -56.05
CA SER A 186 5.83 -7.24 -57.21
C SER A 186 4.61 -6.38 -56.81
N ARG A 187 4.09 -6.61 -55.61
CA ARG A 187 3.09 -5.72 -55.00
C ARG A 187 3.79 -4.46 -54.46
N PRO A 188 3.10 -3.28 -54.49
CA PRO A 188 3.71 -2.07 -53.92
C PRO A 188 3.85 -2.13 -52.37
N ALA A 189 4.38 -1.06 -51.77
CA ALA A 189 4.68 -1.03 -50.33
C ALA A 189 3.43 -1.22 -49.42
N ALA A 190 2.45 -0.33 -49.53
CA ALA A 190 1.25 -0.36 -48.66
C ALA A 190 0.35 -1.59 -48.88
N SER A 191 0.55 -2.30 -50.00
CA SER A 191 -0.15 -3.55 -50.30
C SER A 191 0.39 -4.74 -49.47
N ARG A 192 1.72 -4.85 -49.39
CA ARG A 192 2.40 -5.93 -48.65
C ARG A 192 2.26 -5.72 -47.15
N LEU A 193 2.20 -4.45 -46.72
CA LEU A 193 1.93 -4.08 -45.32
C LEU A 193 0.53 -4.47 -44.88
N ALA A 194 -0.49 -3.99 -45.61
CA ALA A 194 -1.90 -4.12 -45.23
C ALA A 194 -2.48 -5.55 -45.31
N ALA A 195 -1.76 -6.48 -45.97
CA ALA A 195 -2.09 -7.93 -45.97
C ALA A 195 -1.61 -8.67 -44.69
N ALA A 196 -0.85 -7.96 -43.84
CA ALA A 196 -0.51 -8.37 -42.46
C ALA A 196 -1.39 -7.72 -41.35
N LEU A 197 -2.08 -6.62 -41.69
CA LEU A 197 -2.95 -5.87 -40.76
C LEU A 197 -4.47 -6.07 -41.00
N THR A 198 -4.88 -7.21 -41.56
CA THR A 198 -6.30 -7.49 -41.81
C THR A 198 -6.97 -7.89 -40.48
N PRO A 199 -8.31 -7.78 -40.37
CA PRO A 199 -8.96 -8.37 -39.19
C PRO A 199 -8.87 -9.91 -39.13
N GLN A 200 -8.73 -10.57 -40.29
CA GLN A 200 -8.51 -12.04 -40.38
C GLN A 200 -7.25 -12.53 -39.62
N VAL A 201 -6.15 -11.77 -39.72
CA VAL A 201 -4.87 -12.09 -39.02
C VAL A 201 -4.84 -11.61 -37.56
N ASP A 202 -5.32 -10.38 -37.31
CA ASP A 202 -5.55 -9.86 -35.95
C ASP A 202 -6.12 -10.94 -35.05
N ALA A 203 -7.17 -11.61 -35.55
CA ALA A 203 -7.87 -12.70 -34.85
C ALA A 203 -6.95 -13.83 -34.36
N VAL A 204 -6.05 -14.28 -35.24
CA VAL A 204 -5.10 -15.37 -34.92
C VAL A 204 -4.06 -14.90 -33.88
N LEU A 205 -3.52 -13.69 -34.07
CA LEU A 205 -2.52 -13.13 -33.14
C LEU A 205 -3.11 -12.62 -31.82
N ALA A 206 -4.37 -12.16 -31.82
CA ALA A 206 -5.08 -11.87 -30.59
C ALA A 206 -5.20 -13.15 -29.75
N ARG A 207 -5.40 -14.30 -30.40
CA ARG A 207 -5.49 -15.59 -29.71
C ARG A 207 -4.14 -16.27 -29.43
N HIS A 208 -3.24 -16.30 -30.42
CA HIS A 208 -1.90 -16.90 -30.27
C HIS A 208 -0.79 -15.91 -30.67
N PRO A 209 -0.56 -14.86 -29.86
CA PRO A 209 0.41 -13.84 -30.27
C PRO A 209 1.84 -14.32 -30.09
N LEU A 210 2.76 -13.63 -30.74
CA LEU A 210 4.16 -13.97 -30.60
C LEU A 210 4.62 -13.29 -29.33
N ARG A 211 5.08 -14.10 -28.38
CA ARG A 211 5.46 -13.62 -27.06
C ARG A 211 6.96 -13.80 -26.88
N ASP A 212 7.69 -12.68 -26.76
CA ASP A 212 9.13 -12.73 -26.45
C ASP A 212 9.43 -12.71 -24.93
N LEU A 213 10.36 -13.58 -24.52
CA LEU A 213 10.99 -13.51 -23.21
C LEU A 213 9.99 -13.67 -22.07
N VAL A 214 9.16 -14.71 -22.17
CA VAL A 214 8.08 -14.96 -21.23
C VAL A 214 8.66 -15.00 -19.81
N THR A 215 8.15 -14.13 -18.94
CA THR A 215 8.61 -13.98 -17.57
C THR A 215 7.38 -14.15 -16.69
N SER A 216 7.51 -14.93 -15.64
CA SER A 216 6.40 -15.34 -14.85
C SER A 216 6.58 -14.86 -13.41
N SER A 217 5.52 -14.31 -12.82
CA SER A 217 5.50 -14.05 -11.39
C SER A 217 5.47 -15.38 -10.61
N ASP A 218 5.79 -15.35 -9.33
CA ASP A 218 5.60 -16.51 -8.47
C ASP A 218 4.10 -16.70 -8.20
N PRO A 219 3.62 -17.95 -8.08
CA PRO A 219 2.19 -18.14 -7.86
C PRO A 219 1.64 -17.58 -6.55
N LEU A 220 0.50 -16.88 -6.63
CA LEU A 220 -0.23 -16.43 -5.45
C LEU A 220 -1.46 -17.33 -5.22
N PRO A 221 -1.83 -17.57 -3.95
CA PRO A 221 -2.94 -18.49 -3.64
C PRO A 221 -4.33 -17.81 -3.62
N LEU A 222 -5.35 -18.59 -4.02
CA LEU A 222 -6.73 -18.15 -4.08
C LEU A 222 -7.61 -19.22 -3.51
N LEU A 223 -8.38 -18.89 -2.49
CA LEU A 223 -9.35 -19.81 -1.90
C LEU A 223 -10.74 -19.52 -2.47
N VAL A 224 -11.26 -20.47 -3.24
CA VAL A 224 -12.59 -20.32 -3.80
C VAL A 224 -13.59 -21.09 -2.97
N GLU A 225 -14.54 -20.37 -2.36
CA GLU A 225 -15.56 -20.97 -1.52
C GLU A 225 -16.94 -21.00 -2.21
N ARG A 226 -17.94 -21.58 -1.56
CA ARG A 226 -19.28 -21.66 -2.16
C ARG A 226 -19.99 -20.30 -2.17
N GLU A 227 -20.99 -20.19 -3.07
CA GLU A 227 -21.74 -18.96 -3.36
C GLU A 227 -22.25 -18.22 -2.13
N ARG A 228 -22.80 -18.98 -1.18
CA ARG A 228 -23.42 -18.45 0.02
C ARG A 228 -22.47 -17.66 0.93
N ALA A 229 -21.16 -17.88 0.75
CA ALA A 229 -20.15 -17.08 1.44
C ALA A 229 -20.22 -15.61 1.09
N LEU A 230 -20.52 -15.31 -0.16
CA LEU A 230 -20.64 -13.94 -0.65
C LEU A 230 -22.06 -13.43 -0.77
N TYR A 231 -22.99 -14.29 -1.22
CA TYR A 231 -24.35 -13.89 -1.58
C TYR A 231 -25.43 -14.58 -0.74
N GLY A 232 -26.26 -13.79 -0.09
CA GLY A 232 -27.44 -14.33 0.58
C GLY A 232 -28.14 -13.30 1.45
N ALA A 233 -29.42 -13.54 1.71
CA ALA A 233 -30.18 -12.69 2.59
C ALA A 233 -30.45 -13.47 3.85
N TRP A 234 -30.26 -12.80 4.97
CA TRP A 234 -30.28 -13.39 6.29
C TRP A 234 -31.36 -12.77 7.18
N TYR A 235 -32.01 -13.59 8.00
CA TYR A 235 -33.05 -13.14 8.92
C TYR A 235 -32.81 -13.71 10.30
N GLU A 236 -32.76 -12.83 11.29
CA GLU A 236 -32.45 -13.25 12.66
C GLU A 236 -33.72 -13.21 13.49
N PHE A 237 -33.99 -14.28 14.22
CA PHE A 237 -35.10 -14.26 15.19
C PHE A 237 -34.88 -15.20 16.38
N PHE A 238 -35.63 -14.92 17.46
CA PHE A 238 -35.57 -15.65 18.72
C PHE A 238 -36.69 -16.67 18.74
N PRO A 239 -36.37 -17.98 18.62
CA PRO A 239 -37.45 -18.95 18.62
C PRO A 239 -38.34 -18.88 19.86
N ARG A 240 -37.76 -18.58 21.00
CA ARG A 240 -38.51 -18.52 22.23
C ARG A 240 -39.62 -17.48 22.22
N SER A 241 -39.51 -16.45 21.41
CA SER A 241 -40.57 -15.42 21.33
C SER A 241 -41.85 -15.92 20.64
N GLU A 242 -41.72 -16.88 19.74
CA GLU A 242 -42.87 -17.39 18.98
C GLU A 242 -43.58 -18.53 19.70
N GLY A 243 -44.25 -18.19 20.81
CA GLY A 243 -44.95 -19.17 21.65
C GLY A 243 -46.44 -19.22 21.39
N THR A 244 -47.21 -19.53 22.44
CA THR A 244 -48.68 -19.69 22.41
C THR A 244 -49.24 -19.09 23.70
N PRO A 245 -50.57 -18.87 23.77
CA PRO A 245 -51.19 -18.39 25.01
C PRO A 245 -50.98 -19.28 26.25
N HIS A 246 -51.10 -20.60 26.09
CA HIS A 246 -50.90 -21.57 27.20
CA HIS A 246 -50.91 -21.53 27.20
C HIS A 246 -49.41 -21.74 27.52
N THR A 247 -48.56 -21.76 26.49
CA THR A 247 -47.09 -21.88 26.67
C THR A 247 -46.38 -20.72 25.93
N PRO A 248 -46.26 -19.55 26.59
CA PRO A 248 -45.57 -18.34 26.09
C PRO A 248 -44.16 -18.56 25.53
N HIS A 249 -43.36 -19.40 26.19
CA HIS A 249 -42.01 -19.68 25.75
C HIS A 249 -42.06 -20.62 24.54
N GLY A 250 -41.73 -20.10 23.37
CA GLY A 250 -41.75 -20.88 22.14
C GLY A 250 -40.82 -22.09 22.20
N THR A 251 -41.14 -23.08 21.37
CA THR A 251 -40.29 -24.26 21.16
C THR A 251 -39.82 -24.27 19.71
N PHE A 252 -38.96 -25.22 19.36
CA PHE A 252 -38.67 -25.41 17.94
C PHE A 252 -39.91 -25.81 17.13
N ARG A 253 -40.82 -26.61 17.70
CA ARG A 253 -42.06 -26.99 17.03
C ARG A 253 -42.94 -25.77 16.70
N THR A 254 -43.10 -24.85 17.65
CA THR A 254 -43.93 -23.68 17.42
C THR A 254 -43.24 -22.68 16.51
N ALA A 255 -41.95 -22.43 16.73
CA ALA A 255 -41.21 -21.43 15.92
C ALA A 255 -41.05 -21.81 14.46
N ALA A 256 -41.10 -23.10 14.15
CA ALA A 256 -41.14 -23.61 12.78
C ALA A 256 -42.26 -22.94 11.94
N ARG A 257 -43.33 -22.49 12.58
CA ARG A 257 -44.43 -21.84 11.86
C ARG A 257 -44.04 -20.49 11.24
N ARG A 258 -42.93 -19.89 11.69
CA ARG A 258 -42.40 -18.65 11.08
C ARG A 258 -41.59 -18.94 9.82
N LEU A 259 -41.11 -20.17 9.66
CA LEU A 259 -40.24 -20.50 8.53
C LEU A 259 -40.92 -20.20 7.17
N PRO A 260 -42.18 -20.61 6.99
CA PRO A 260 -42.82 -20.31 5.69
C PRO A 260 -42.81 -18.83 5.32
N ALA A 261 -43.14 -17.97 6.29
CA ALA A 261 -43.14 -16.51 6.12
C ALA A 261 -41.74 -15.94 5.82
N ILE A 262 -40.72 -16.41 6.53
CA ILE A 262 -39.35 -15.97 6.32
C ILE A 262 -38.87 -16.33 4.91
N ALA A 263 -39.20 -17.54 4.46
CA ALA A 263 -38.92 -17.94 3.07
C ALA A 263 -39.71 -17.11 2.03
N ALA A 264 -40.96 -16.79 2.35
CA ALA A 264 -41.78 -15.95 1.46
C ALA A 264 -41.22 -14.53 1.29
N MET A 265 -40.48 -14.04 2.29
CA MET A 265 -39.78 -12.76 2.19
C MET A 265 -38.50 -12.79 1.33
N GLY A 266 -38.09 -13.97 0.87
CA GLY A 266 -36.89 -14.12 0.04
C GLY A 266 -35.59 -14.39 0.79
N PHE A 267 -35.67 -14.79 2.05
CA PHE A 267 -34.45 -15.03 2.82
C PHE A 267 -33.85 -16.41 2.50
N ASP A 268 -32.55 -16.54 2.71
CA ASP A 268 -31.81 -17.77 2.45
C ASP A 268 -31.23 -18.40 3.70
N VAL A 269 -30.94 -17.58 4.72
CA VAL A 269 -30.32 -18.01 5.97
C VAL A 269 -31.16 -17.51 7.15
N VAL A 270 -31.28 -18.34 8.18
CA VAL A 270 -31.98 -18.01 9.41
C VAL A 270 -30.93 -18.08 10.50
N TYR A 271 -30.61 -16.92 11.08
CA TYR A 271 -29.63 -16.86 12.17
C TYR A 271 -30.39 -16.92 13.50
N LEU A 272 -30.10 -17.93 14.31
CA LEU A 272 -30.72 -18.10 15.61
C LEU A 272 -29.73 -17.68 16.68
N PRO A 273 -30.17 -16.90 17.68
CA PRO A 273 -29.34 -16.68 18.84
C PRO A 273 -29.15 -17.96 19.64
N PRO A 274 -28.22 -17.95 20.60
CA PRO A 274 -27.87 -19.21 21.24
C PRO A 274 -29.09 -20.03 21.75
N ILE A 275 -29.06 -21.34 21.46
CA ILE A 275 -30.17 -22.25 21.71
C ILE A 275 -29.90 -23.21 22.85
N HIS A 276 -28.94 -22.87 23.72
CA HIS A 276 -28.50 -23.76 24.80
C HIS A 276 -29.18 -23.36 26.08
N PRO A 277 -29.07 -24.19 27.12
CA PRO A 277 -29.56 -23.74 28.43
C PRO A 277 -28.92 -22.42 28.83
N ILE A 278 -29.65 -21.66 29.62
CA ILE A 278 -29.26 -20.35 30.08
C ILE A 278 -29.05 -20.44 31.59
N GLY A 279 -27.97 -19.80 32.05
CA GLY A 279 -27.65 -19.78 33.49
C GLY A 279 -28.69 -19.07 34.35
N THR A 280 -28.73 -19.44 35.64
CA THR A 280 -29.58 -18.79 36.66
C THR A 280 -28.79 -17.82 37.55
N THR A 281 -27.55 -18.15 37.88
CA THR A 281 -26.71 -17.29 38.73
C THR A 281 -26.36 -16.00 38.00
N HIS A 282 -26.69 -14.87 38.60
CA HIS A 282 -26.56 -13.53 38.01
C HIS A 282 -27.34 -13.37 36.70
N ARG A 283 -28.48 -14.05 36.58
CA ARG A 283 -29.32 -13.87 35.39
C ARG A 283 -29.83 -12.44 35.29
N LYS A 284 -29.77 -11.86 34.11
CA LYS A 284 -30.23 -10.49 33.92
C LYS A 284 -31.76 -10.44 33.74
N GLY A 285 -32.39 -9.37 34.22
CA GLY A 285 -33.83 -9.17 34.11
C GLY A 285 -34.19 -8.30 32.91
N ARG A 286 -35.45 -7.88 32.85
CA ARG A 286 -35.93 -7.07 31.72
CA ARG A 286 -35.92 -7.07 31.73
C ARG A 286 -35.12 -5.78 31.59
N ASN A 287 -34.98 -5.30 30.36
CA ASN A 287 -34.24 -4.09 30.04
C ASN A 287 -32.85 -4.00 30.60
N ASN A 288 -32.15 -5.14 30.63
CA ASN A 288 -30.78 -5.22 31.10
C ASN A 288 -30.64 -4.81 32.59
N THR A 289 -31.58 -5.23 33.44
CA THR A 289 -31.47 -5.02 34.89
C THR A 289 -30.68 -6.18 35.51
N LEU A 290 -30.09 -5.95 36.69
CA LEU A 290 -29.17 -6.95 37.28
C LEU A 290 -29.84 -8.19 37.87
N SER A 291 -31.04 -8.03 38.44
CA SER A 291 -31.77 -9.11 39.10
C SER A 291 -32.98 -9.57 38.29
N ALA A 292 -33.01 -10.86 37.98
CA ALA A 292 -34.16 -11.51 37.39
C ALA A 292 -35.24 -11.78 38.45
N THR A 293 -36.49 -11.61 38.05
CA THR A 293 -37.66 -12.10 38.80
C THR A 293 -37.82 -13.61 38.51
N GLY A 294 -38.87 -14.21 39.06
CA GLY A 294 -39.10 -15.65 38.90
C GLY A 294 -39.33 -16.11 37.47
N ASP A 295 -40.21 -15.41 36.76
CA ASP A 295 -40.55 -15.76 35.37
C ASP A 295 -39.47 -15.40 34.33
N ASP A 296 -38.56 -14.47 34.66
CA ASP A 296 -37.66 -13.85 33.67
C ASP A 296 -36.80 -14.90 32.98
N VAL A 297 -36.72 -14.79 31.65
CA VAL A 297 -36.08 -15.83 30.80
C VAL A 297 -34.56 -15.72 30.66
N GLY A 298 -33.97 -14.58 31.03
CA GLY A 298 -32.54 -14.39 30.86
C GLY A 298 -32.08 -14.22 29.40
N VAL A 299 -30.76 -14.13 29.24
CA VAL A 299 -30.15 -13.75 27.97
C VAL A 299 -29.53 -14.95 27.31
N PRO A 300 -29.94 -15.27 26.06
CA PRO A 300 -29.46 -16.53 25.50
C PRO A 300 -27.93 -16.71 25.50
N TRP A 301 -27.22 -15.59 25.42
CA TRP A 301 -25.78 -15.58 25.41
C TRP A 301 -25.17 -16.01 26.75
N ALA A 302 -25.92 -15.99 27.85
CA ALA A 302 -25.40 -16.52 29.12
C ALA A 302 -25.53 -18.04 29.17
N ILE A 303 -24.65 -18.70 28.42
CA ILE A 303 -24.80 -20.10 28.08
C ILE A 303 -24.35 -21.00 29.20
N GLY A 304 -25.17 -21.98 29.55
CA GLY A 304 -24.78 -23.05 30.46
C GLY A 304 -25.56 -23.14 31.77
N SER A 305 -25.92 -24.38 32.12
CA SER A 305 -26.58 -24.72 33.38
C SER A 305 -26.26 -26.17 33.75
N PRO A 306 -26.79 -26.66 34.86
CA PRO A 306 -26.74 -28.12 35.08
C PRO A 306 -27.41 -28.96 33.97
N GLU A 307 -28.37 -28.38 33.26
CA GLU A 307 -29.05 -29.10 32.17
C GLU A 307 -28.17 -29.22 30.90
N GLY A 308 -27.04 -28.51 30.82
CA GLY A 308 -26.05 -28.71 29.75
C GLY A 308 -25.31 -27.43 29.30
N GLY A 309 -24.38 -27.58 28.37
CA GLY A 309 -23.64 -26.44 27.81
C GLY A 309 -23.87 -26.21 26.31
N HIS A 310 -22.81 -25.86 25.60
CA HIS A 310 -22.85 -25.55 24.17
C HIS A 310 -23.27 -26.71 23.27
N ASP A 311 -23.18 -27.95 23.75
CA ASP A 311 -23.66 -29.12 22.98
C ASP A 311 -25.08 -29.56 23.36
N SER A 312 -25.80 -28.70 24.12
CA SER A 312 -27.19 -28.98 24.56
C SER A 312 -28.25 -28.00 24.06
N ILE A 313 -29.49 -28.42 24.18
CA ILE A 313 -30.66 -27.61 23.80
C ILE A 313 -31.37 -27.14 25.08
N HIS A 314 -31.68 -25.84 25.16
CA HIS A 314 -32.53 -25.30 26.23
C HIS A 314 -33.79 -26.20 26.35
N PRO A 315 -34.09 -26.75 27.55
CA PRO A 315 -35.26 -27.67 27.65
C PRO A 315 -36.62 -27.08 27.22
N ALA A 316 -36.81 -25.79 27.46
CA ALA A 316 -37.97 -25.03 26.96
C ALA A 316 -38.08 -24.92 25.42
N LEU A 317 -36.97 -25.05 24.71
CA LEU A 317 -37.00 -25.13 23.24
C LEU A 317 -37.37 -26.52 22.68
N GLY A 318 -37.24 -27.57 23.49
CA GLY A 318 -37.52 -28.94 23.05
C GLY A 318 -36.26 -29.77 23.13
N THR A 319 -36.21 -30.83 22.32
CA THR A 319 -35.09 -31.78 22.29
C THR A 319 -34.30 -31.62 21.01
N LEU A 320 -33.15 -32.30 20.97
CA LEU A 320 -32.32 -32.40 19.78
C LEU A 320 -33.12 -32.91 18.56
N ASP A 321 -34.08 -33.79 18.85
CA ASP A 321 -35.00 -34.29 17.84
C ASP A 321 -35.86 -33.17 17.24
N ASP A 322 -36.43 -32.32 18.10
CA ASP A 322 -37.23 -31.18 17.65
C ASP A 322 -36.38 -30.23 16.81
N PHE A 323 -35.12 -30.07 17.20
CA PHE A 323 -34.20 -29.23 16.45
C PHE A 323 -33.92 -29.78 15.06
N ASP A 324 -33.76 -31.10 14.92
CA ASP A 324 -33.56 -31.71 13.59
C ASP A 324 -34.76 -31.46 12.67
N HIS A 325 -35.96 -31.54 13.24
CA HIS A 325 -37.18 -31.32 12.48
CA HIS A 325 -37.21 -31.30 12.49
C HIS A 325 -37.28 -29.86 12.01
N PHE A 326 -36.82 -28.93 12.84
CA PHE A 326 -36.79 -27.49 12.48
C PHE A 326 -35.84 -27.25 11.31
N VAL A 327 -34.66 -27.87 11.41
CA VAL A 327 -33.64 -27.80 10.35
C VAL A 327 -34.17 -28.43 9.05
N THR A 328 -34.87 -29.57 9.18
CA THR A 328 -35.44 -30.26 8.01
C THR A 328 -36.52 -29.43 7.33
N GLU A 329 -37.40 -28.81 8.13
CA GLU A 329 -38.45 -27.93 7.59
C GLU A 329 -37.83 -26.71 6.95
N ALA A 330 -36.79 -26.18 7.61
CA ALA A 330 -36.10 -25.02 7.09
C ALA A 330 -35.55 -25.33 5.70
N GLY A 331 -34.81 -26.43 5.62
CA GLY A 331 -34.23 -26.90 4.36
C GLY A 331 -35.20 -27.08 3.22
N LYS A 332 -36.37 -27.65 3.49
CA LYS A 332 -37.39 -27.82 2.45
C LYS A 332 -37.93 -26.49 1.92
N LEU A 333 -37.80 -25.42 2.70
CA LEU A 333 -38.13 -24.05 2.29
C LEU A 333 -36.94 -23.23 1.70
N GLY A 334 -35.81 -23.89 1.47
CA GLY A 334 -34.59 -23.23 0.97
C GLY A 334 -33.86 -22.35 1.96
N LEU A 335 -34.07 -22.58 3.26
CA LEU A 335 -33.38 -21.83 4.31
C LEU A 335 -32.28 -22.66 5.00
N GLU A 336 -31.08 -22.15 5.08
CA GLU A 336 -30.03 -22.74 5.93
C GLU A 336 -30.10 -22.12 7.30
N ILE A 337 -29.67 -22.87 8.30
CA ILE A 337 -29.65 -22.38 9.68
C ILE A 337 -28.22 -21.96 10.00
N ALA A 338 -28.09 -20.79 10.60
CA ALA A 338 -26.84 -20.33 11.18
C ALA A 338 -27.01 -20.23 12.69
N LEU A 339 -26.19 -20.97 13.44
CA LEU A 339 -26.20 -20.91 14.90
C LEU A 339 -25.17 -19.92 15.40
N ASP A 340 -25.51 -19.26 16.50
CA ASP A 340 -24.59 -18.38 17.18
C ASP A 340 -23.60 -19.27 17.92
N PHE A 341 -22.30 -19.04 17.73
CA PHE A 341 -21.30 -19.69 18.58
C PHE A 341 -20.66 -18.59 19.45
N ALA A 342 -20.90 -18.65 20.76
CA ALA A 342 -20.40 -17.66 21.68
C ALA A 342 -19.53 -18.38 22.72
N LEU A 343 -18.21 -18.20 22.64
CA LEU A 343 -17.27 -18.95 23.47
C LEU A 343 -17.07 -18.20 24.79
N GLN A 344 -18.05 -18.45 25.67
CA GLN A 344 -18.21 -17.84 26.98
C GLN A 344 -19.19 -18.72 27.73
N CYS A 345 -19.39 -18.46 29.02
CA CYS A 345 -20.10 -19.32 29.95
C CYS A 345 -20.82 -18.48 30.99
N SER A 346 -22.05 -18.86 31.38
CA SER A 346 -22.66 -18.40 32.65
C SER A 346 -21.93 -19.07 33.82
N PRO A 347 -22.11 -18.55 35.05
CA PRO A 347 -21.38 -19.25 36.17
C PRO A 347 -21.83 -20.68 36.40
N ASP A 348 -22.98 -21.04 35.86
CA ASP A 348 -23.52 -22.39 36.00
C ASP A 348 -23.11 -23.36 34.89
N HIS A 349 -22.34 -22.91 33.91
CA HIS A 349 -21.89 -23.77 32.83
C HIS A 349 -21.06 -24.91 33.42
N PRO A 350 -21.26 -26.17 33.00
CA PRO A 350 -20.45 -27.29 33.56
C PRO A 350 -18.92 -27.04 33.59
N TRP A 351 -18.39 -26.47 32.51
CA TRP A 351 -17.00 -26.04 32.37
C TRP A 351 -16.42 -25.31 33.58
N VAL A 352 -17.23 -24.53 34.30
CA VAL A 352 -16.71 -23.81 35.45
C VAL A 352 -16.10 -24.78 36.49
N HIS A 353 -16.76 -25.92 36.72
CA HIS A 353 -16.19 -26.94 37.62
C HIS A 353 -15.35 -28.00 36.90
N LYS A 354 -15.73 -28.42 35.70
CA LYS A 354 -14.99 -29.45 34.94
C LYS A 354 -13.65 -28.96 34.38
N HIS A 355 -13.56 -27.69 33.99
CA HIS A 355 -12.36 -27.14 33.41
C HIS A 355 -12.01 -25.77 34.03
N PRO A 356 -11.76 -25.70 35.35
CA PRO A 356 -11.44 -24.40 35.97
C PRO A 356 -10.31 -23.65 35.25
N GLU A 357 -9.34 -24.39 34.71
CA GLU A 357 -8.20 -23.83 34.01
C GLU A 357 -8.49 -23.08 32.72
N TRP A 358 -9.74 -23.14 32.24
CA TRP A 358 -10.19 -22.34 31.11
C TRP A 358 -10.72 -20.96 31.53
N PHE A 359 -10.43 -20.54 32.78
CA PHE A 359 -10.87 -19.24 33.28
C PHE A 359 -9.73 -18.58 34.06
N HIS A 360 -9.68 -17.25 34.03
CA HIS A 360 -8.78 -16.52 34.90
C HIS A 360 -9.45 -16.32 36.25
N HIS A 361 -8.78 -16.80 37.30
CA HIS A 361 -9.20 -16.65 38.69
C HIS A 361 -8.32 -15.65 39.38
N ARG A 362 -8.92 -14.87 40.26
CA ARG A 362 -8.24 -13.80 40.97
C ARG A 362 -7.77 -14.41 42.28
N PRO A 363 -6.91 -13.70 43.02
CA PRO A 363 -6.33 -14.31 44.25
C PRO A 363 -7.31 -14.99 45.22
N ASP A 364 -8.56 -14.53 45.25
CA ASP A 364 -9.58 -15.13 46.10
C ASP A 364 -10.43 -16.22 45.44
N GLY A 365 -10.02 -16.72 44.27
CA GLY A 365 -10.74 -17.79 43.59
C GLY A 365 -11.82 -17.37 42.62
N THR A 366 -12.36 -16.15 42.75
CA THR A 366 -13.49 -15.70 41.93
C THR A 366 -13.09 -15.41 40.49
N ILE A 367 -14.07 -15.36 39.61
CA ILE A 367 -13.82 -15.10 38.19
C ILE A 367 -14.52 -13.78 37.80
N ALA A 368 -13.73 -12.84 37.28
CA ALA A 368 -14.25 -11.53 36.81
C ALA A 368 -15.23 -11.74 35.66
N HIS A 369 -16.44 -11.19 35.79
CA HIS A 369 -17.37 -11.22 34.66
C HIS A 369 -16.80 -10.49 33.43
N ALA A 370 -17.28 -10.88 32.26
CA ALA A 370 -16.88 -10.26 30.98
C ALA A 370 -17.27 -8.79 30.86
N GLU A 371 -16.48 -8.06 30.08
CA GLU A 371 -16.73 -6.63 29.80
C GLU A 371 -16.44 -6.31 28.34
N ASN A 372 -16.96 -5.17 27.90
CA ASN A 372 -16.69 -4.62 26.57
C ASN A 372 -16.98 -3.13 26.65
N PRO A 373 -16.19 -2.40 27.48
CA PRO A 373 -16.65 -1.11 28.05
C PRO A 373 -17.23 -0.06 27.07
N PRO A 374 -18.16 0.79 27.53
CA PRO A 374 -18.64 0.81 28.95
C PRO A 374 -19.69 -0.28 29.34
N LYS A 375 -19.97 -1.25 28.45
CA LYS A 375 -20.89 -2.38 28.71
C LYS A 375 -20.30 -3.46 29.60
N LYS A 376 -21.09 -3.91 30.59
CA LYS A 376 -20.70 -4.95 31.54
C LYS A 376 -21.63 -6.14 31.35
N TYR A 377 -21.05 -7.34 31.34
CA TYR A 377 -21.81 -8.58 31.19
C TYR A 377 -21.75 -9.42 32.48
N GLN A 378 -22.49 -8.95 33.49
CA GLN A 378 -22.46 -9.54 34.84
C GLN A 378 -23.00 -10.99 34.90
N ASP A 379 -23.69 -11.44 33.85
CA ASP A 379 -24.21 -12.82 33.75
C ASP A 379 -23.25 -13.85 33.14
N ILE A 380 -22.00 -13.47 32.82
CA ILE A 380 -21.08 -14.39 32.13
C ILE A 380 -19.61 -14.23 32.49
N TYR A 381 -18.87 -15.31 32.25
CA TYR A 381 -17.42 -15.31 32.39
C TYR A 381 -16.79 -15.43 31.01
N PRO A 382 -15.68 -14.69 30.77
CA PRO A 382 -14.92 -14.91 29.57
C PRO A 382 -13.95 -16.10 29.75
N ILE A 383 -13.60 -16.75 28.64
CA ILE A 383 -12.66 -17.84 28.61
C ILE A 383 -11.26 -17.29 28.62
N ALA A 384 -10.36 -17.94 29.37
CA ALA A 384 -8.90 -17.75 29.28
C ALA A 384 -8.27 -18.89 28.43
N PHE A 385 -7.28 -18.55 27.60
CA PHE A 385 -6.72 -19.46 26.59
C PHE A 385 -5.28 -19.92 26.82
N ASP A 386 -4.64 -19.50 27.91
CA ASP A 386 -3.20 -19.70 28.01
C ASP A 386 -2.77 -20.83 28.94
N ALA A 387 -3.65 -21.31 29.82
CA ALA A 387 -3.39 -22.55 30.52
C ALA A 387 -3.56 -23.77 29.62
N ASP A 388 -4.59 -23.81 28.80
CA ASP A 388 -4.92 -25.02 28.05
C ASP A 388 -5.51 -24.70 26.67
N PRO A 389 -4.67 -24.17 25.76
CA PRO A 389 -5.16 -23.80 24.44
C PRO A 389 -5.58 -25.01 23.60
N ASP A 390 -4.78 -26.09 23.69
CA ASP A 390 -5.04 -27.37 23.00
C ASP A 390 -6.36 -27.99 23.43
N GLY A 391 -6.62 -27.99 24.74
CA GLY A 391 -7.87 -28.53 25.26
C GLY A 391 -9.06 -27.78 24.75
N LEU A 392 -8.91 -26.46 24.65
CA LEU A 392 -10.00 -25.58 24.23
C LEU A 392 -10.28 -25.66 22.72
N ALA A 393 -9.25 -25.82 21.90
CA ALA A 393 -9.42 -25.96 20.45
C ALA A 393 -10.11 -27.27 20.13
N THR A 394 -9.71 -28.31 20.87
CA THR A 394 -10.25 -29.66 20.71
C THR A 394 -11.72 -29.71 21.06
N GLU A 395 -12.09 -29.06 22.15
CA GLU A 395 -13.46 -29.05 22.58
C GLU A 395 -14.30 -28.20 21.65
N THR A 396 -13.75 -27.08 21.16
CA THR A 396 -14.47 -26.16 20.30
C THR A 396 -14.83 -26.85 18.98
N VAL A 397 -13.85 -27.43 18.29
CA VAL A 397 -14.16 -28.13 17.04
C VAL A 397 -15.05 -29.36 17.27
N ARG A 398 -14.94 -30.00 18.43
CA ARG A 398 -15.91 -31.06 18.77
C ARG A 398 -17.35 -30.51 18.79
N ILE A 399 -17.56 -29.36 19.44
CA ILE A 399 -18.89 -28.74 19.52
C ILE A 399 -19.42 -28.37 18.13
N LEU A 400 -18.59 -27.70 17.34
CA LEU A 400 -18.99 -27.30 16.00
C LEU A 400 -19.33 -28.52 15.15
N ARG A 401 -18.53 -29.57 15.26
CA ARG A 401 -18.79 -30.82 14.54
C ARG A 401 -20.10 -31.45 14.98
N HIS A 402 -20.46 -31.31 16.25
CA HIS A 402 -21.78 -31.75 16.70
C HIS A 402 -22.92 -31.08 15.92
N TRP A 403 -22.93 -29.75 15.88
CA TRP A 403 -24.01 -29.04 15.20
C TRP A 403 -23.96 -29.22 13.67
N MET A 404 -22.75 -29.40 13.14
CA MET A 404 -22.58 -29.76 11.74
C MET A 404 -23.18 -31.12 11.42
N ASP A 405 -23.04 -32.08 12.32
CA ASP A 405 -23.71 -33.37 12.14
C ASP A 405 -25.23 -33.20 12.02
N HIS A 406 -25.79 -32.21 12.72
CA HIS A 406 -27.22 -31.94 12.70
C HIS A 406 -27.63 -30.82 11.73
N GLY A 407 -26.82 -30.63 10.66
CA GLY A 407 -27.22 -29.86 9.49
C GLY A 407 -26.91 -28.38 9.54
N VAL A 408 -26.12 -27.95 10.53
CA VAL A 408 -25.70 -26.56 10.64
C VAL A 408 -24.37 -26.44 9.96
N ARG A 409 -24.36 -25.73 8.83
CA ARG A 409 -23.15 -25.50 8.04
C ARG A 409 -22.71 -24.01 8.07
N ILE A 410 -23.33 -23.20 8.92
CA ILE A 410 -22.96 -21.79 9.09
C ILE A 410 -22.93 -21.43 10.57
N PHE A 411 -21.90 -20.72 11.00
CA PHE A 411 -21.80 -20.25 12.39
C PHE A 411 -21.60 -18.74 12.47
N ARG A 412 -22.49 -18.04 13.17
CA ARG A 412 -22.30 -16.62 13.50
C ARG A 412 -21.48 -16.54 14.80
N VAL A 413 -20.21 -16.17 14.71
CA VAL A 413 -19.30 -16.19 15.87
C VAL A 413 -19.36 -14.88 16.65
N ASP A 414 -19.78 -14.96 17.92
CA ASP A 414 -19.98 -13.78 18.77
C ASP A 414 -18.65 -13.29 19.30
N ASN A 415 -18.45 -11.96 19.30
CA ASN A 415 -17.27 -11.29 19.88
C ASN A 415 -15.97 -12.00 19.59
N PRO A 416 -15.67 -12.24 18.32
CA PRO A 416 -14.46 -13.05 18.08
C PRO A 416 -13.19 -12.32 18.54
N HIS A 417 -13.27 -11.00 18.49
CA HIS A 417 -12.20 -10.12 18.90
C HIS A 417 -11.82 -10.15 20.38
N THR A 418 -12.57 -10.87 21.22
CA THR A 418 -12.17 -11.09 22.63
C THR A 418 -11.56 -12.46 22.92
N LYS A 419 -11.36 -13.25 21.87
CA LYS A 419 -10.59 -14.50 21.94
C LYS A 419 -9.36 -14.31 21.04
N PRO A 420 -8.27 -15.06 21.24
CA PRO A 420 -7.07 -14.82 20.43
C PRO A 420 -7.26 -15.09 18.94
N VAL A 421 -6.54 -14.35 18.11
CA VAL A 421 -6.70 -14.43 16.65
C VAL A 421 -6.24 -15.80 16.11
N ALA A 422 -5.14 -16.28 16.68
CA ALA A 422 -4.56 -17.58 16.32
C ALA A 422 -5.45 -18.75 16.70
N PHE A 423 -6.30 -18.59 17.71
CA PHE A 423 -7.20 -19.66 18.10
C PHE A 423 -8.26 -19.83 16.98
N TRP A 424 -8.79 -18.73 16.47
CA TRP A 424 -9.74 -18.83 15.34
C TRP A 424 -9.09 -19.30 14.05
N GLU A 425 -7.84 -18.89 13.82
CA GLU A 425 -7.11 -19.38 12.67
C GLU A 425 -6.96 -20.91 12.73
N ARG A 426 -6.69 -21.46 13.91
CA ARG A 426 -6.58 -22.90 14.08
C ARG A 426 -7.93 -23.61 13.94
N VAL A 427 -8.94 -23.04 14.56
CA VAL A 427 -10.26 -23.64 14.59
C VAL A 427 -10.86 -23.71 13.19
N ILE A 428 -10.85 -22.58 12.49
CA ILE A 428 -11.41 -22.52 11.15
C ILE A 428 -10.64 -23.44 10.19
N ALA A 429 -9.31 -23.42 10.27
CA ALA A 429 -8.46 -24.33 9.45
C ALA A 429 -8.81 -25.81 9.66
N ASP A 430 -9.13 -26.14 10.91
CA ASP A 430 -9.47 -27.49 11.30
C ASP A 430 -10.85 -27.87 10.74
N ILE A 431 -11.85 -27.04 10.98
CA ILE A 431 -13.20 -27.30 10.44
C ILE A 431 -13.26 -27.36 8.89
N ASN A 432 -12.61 -26.40 8.21
CA ASN A 432 -12.60 -26.35 6.75
C ASN A 432 -11.72 -27.43 6.14
N GLY A 433 -10.72 -27.88 6.89
CA GLY A 433 -9.87 -29.00 6.48
C GLY A 433 -10.70 -30.22 6.15
N THR A 434 -11.67 -30.56 6.99
CA THR A 434 -12.58 -31.68 6.75
C THR A 434 -13.89 -31.28 6.07
N ASP A 435 -14.41 -30.09 6.37
CA ASP A 435 -15.69 -29.62 5.82
C ASP A 435 -15.52 -28.20 5.27
N PRO A 436 -14.96 -28.08 4.04
CA PRO A 436 -14.73 -26.77 3.45
C PRO A 436 -15.99 -25.92 3.18
N ASP A 437 -17.18 -26.52 3.23
CA ASP A 437 -18.40 -25.77 2.98
C ASP A 437 -18.86 -24.94 4.18
N VAL A 438 -18.31 -25.17 5.37
CA VAL A 438 -18.77 -24.44 6.55
C VAL A 438 -18.36 -22.96 6.44
N ILE A 439 -19.27 -22.08 6.81
CA ILE A 439 -19.07 -20.64 6.70
C ILE A 439 -19.08 -20.05 8.09
N PHE A 440 -18.12 -19.18 8.40
CA PHE A 440 -18.07 -18.50 9.67
C PHE A 440 -18.21 -16.99 9.43
N LEU A 441 -19.06 -16.35 10.22
CA LEU A 441 -19.34 -14.91 10.15
C LEU A 441 -18.81 -14.28 11.43
N ALA A 442 -17.87 -13.35 11.29
CA ALA A 442 -17.27 -12.66 12.43
C ALA A 442 -18.13 -11.49 12.85
N ALA A 443 -18.70 -11.56 14.05
CA ALA A 443 -19.43 -10.44 14.64
C ALA A 443 -18.49 -9.50 15.39
N ALA A 444 -17.55 -8.93 14.64
CA ALA A 444 -16.45 -8.19 15.19
C ALA A 444 -16.72 -6.72 15.02
N PHE A 445 -17.50 -6.21 15.95
CA PHE A 445 -17.74 -4.77 16.06
C PHE A 445 -16.59 -4.19 16.88
N THR A 446 -15.54 -3.78 16.17
CA THR A 446 -14.26 -3.41 16.81
C THR A 446 -13.41 -2.57 15.86
N ARG A 447 -12.16 -2.31 16.22
CA ARG A 447 -11.31 -1.42 15.44
C ARG A 447 -10.92 -2.03 14.08
N PRO A 448 -10.50 -1.20 13.11
CA PRO A 448 -10.29 -1.74 11.77
C PRO A 448 -9.23 -2.83 11.62
N ALA A 449 -8.11 -2.71 12.34
CA ALA A 449 -7.05 -3.68 12.22
C ALA A 449 -7.53 -5.09 12.59
N MET A 450 -8.23 -5.23 13.72
CA MET A 450 -8.72 -6.55 14.15
C MET A 450 -9.77 -7.09 13.18
N MET A 451 -10.69 -6.22 12.73
CA MET A 451 -11.68 -6.62 11.75
C MET A 451 -11.07 -7.22 10.50
N ALA A 452 -10.08 -6.54 9.97
CA ALA A 452 -9.36 -6.98 8.78
C ALA A 452 -8.67 -8.29 9.03
N THR A 453 -7.92 -8.34 10.13
CA THR A 453 -7.11 -9.48 10.48
C THR A 453 -7.96 -10.76 10.62
N LEU A 454 -9.14 -10.65 11.22
CA LEU A 454 -10.02 -11.80 11.42
C LEU A 454 -10.46 -12.39 10.09
N ALA A 455 -10.83 -11.50 9.16
CA ALA A 455 -11.20 -11.91 7.82
C ALA A 455 -10.00 -12.56 7.11
N GLN A 456 -8.82 -11.98 7.26
CA GLN A 456 -7.64 -12.51 6.62
C GLN A 456 -7.18 -13.88 7.10
N ILE A 457 -7.48 -14.23 8.35
CA ILE A 457 -7.08 -15.55 8.89
C ILE A 457 -8.12 -16.66 8.65
N GLY A 458 -9.22 -16.35 7.99
CA GLY A 458 -10.13 -17.39 7.51
C GLY A 458 -11.62 -17.15 7.66
N PHE A 459 -12.05 -16.15 8.43
CA PHE A 459 -13.48 -15.89 8.55
C PHE A 459 -14.10 -15.55 7.17
N GLN A 460 -15.12 -16.30 6.77
CA GLN A 460 -15.73 -16.15 5.44
C GLN A 460 -16.49 -14.86 5.24
N GLN A 461 -17.21 -14.42 6.27
CA GLN A 461 -17.92 -13.16 6.25
C GLN A 461 -17.60 -12.35 7.48
N SER A 462 -17.88 -11.06 7.38
CA SER A 462 -17.75 -10.14 8.48
C SER A 462 -18.94 -9.19 8.58
N TYR A 463 -19.37 -8.92 9.81
CA TYR A 463 -20.16 -7.71 10.08
C TYR A 463 -19.19 -6.55 9.86
N THR A 464 -19.76 -5.36 9.74
CA THR A 464 -19.10 -4.17 9.21
C THR A 464 -19.55 -2.94 9.99
N TYR A 465 -19.07 -1.75 9.59
CA TYR A 465 -19.57 -0.48 10.12
C TYR A 465 -20.84 0.05 9.44
N PHE A 466 -21.54 -0.80 8.66
CA PHE A 466 -22.71 -0.36 7.86
C PHE A 466 -23.69 0.55 8.63
N THR A 467 -24.14 0.07 9.80
CA THR A 467 -25.11 0.80 10.62
C THR A 467 -24.71 2.24 11.00
N TRP A 468 -23.41 2.52 10.98
CA TRP A 468 -22.87 3.83 11.33
C TRP A 468 -22.37 4.60 10.11
N ARG A 469 -22.89 4.24 8.94
CA ARG A 469 -22.64 4.94 7.68
C ARG A 469 -24.00 5.28 7.07
N ASN A 470 -24.43 6.53 7.27
CA ASN A 470 -25.80 7.00 6.90
C ASN A 470 -25.89 8.20 5.96
N THR A 471 -24.90 9.09 5.95
CA THR A 471 -24.83 10.16 4.98
C THR A 471 -24.26 9.64 3.67
N LYS A 472 -24.36 10.47 2.62
CA LYS A 472 -23.87 10.11 1.28
C LYS A 472 -22.37 9.94 1.30
N GLN A 473 -21.67 10.87 1.96
CA GLN A 473 -20.21 10.77 2.04
C GLN A 473 -19.74 9.50 2.75
N GLU A 474 -20.34 9.22 3.90
CA GLU A 474 -20.05 8.03 4.67
C GLU A 474 -20.23 6.74 3.90
N LEU A 475 -21.32 6.64 3.14
CA LEU A 475 -21.62 5.40 2.41
C LEU A 475 -20.68 5.25 1.24
N THR A 476 -20.41 6.34 0.57
CA THR A 476 -19.57 6.33 -0.62
C THR A 476 -18.13 5.96 -0.25
N GLU A 477 -17.61 6.62 0.79
CA GLU A 477 -16.27 6.33 1.30
C GLU A 477 -16.15 4.87 1.68
N TYR A 478 -17.13 4.37 2.43
CA TYR A 478 -17.05 3.02 3.01
C TYR A 478 -17.27 1.93 1.98
N LEU A 479 -18.26 2.11 1.10
CA LEU A 479 -18.49 1.11 0.05
C LEU A 479 -17.37 1.14 -0.96
N THR A 480 -16.72 2.30 -1.14
CA THR A 480 -15.52 2.38 -1.98
C THR A 480 -14.40 1.52 -1.40
N GLU A 481 -14.28 1.52 -0.08
CA GLU A 481 -13.30 0.71 0.65
C GLU A 481 -13.64 -0.82 0.59
N LEU A 482 -14.88 -1.21 0.86
CA LEU A 482 -15.26 -2.64 0.89
C LEU A 482 -15.23 -3.34 -0.47
N SER A 483 -15.59 -2.61 -1.52
CA SER A 483 -15.58 -3.13 -2.88
C SER A 483 -14.21 -3.03 -3.56
N GLY A 484 -13.29 -2.30 -2.93
CA GLY A 484 -11.95 -2.14 -3.45
C GLY A 484 -11.05 -3.25 -2.95
N GLU A 485 -9.92 -2.87 -2.33
CA GLU A 485 -8.88 -3.82 -1.91
C GLU A 485 -9.42 -4.83 -0.92
N ALA A 486 -10.22 -4.36 0.03
CA ALA A 486 -10.77 -5.23 1.06
C ALA A 486 -11.52 -6.47 0.55
N ALA A 487 -12.03 -6.42 -0.68
CA ALA A 487 -12.81 -7.52 -1.22
C ALA A 487 -11.98 -8.79 -1.47
N SER A 488 -10.66 -8.69 -1.44
CA SER A 488 -9.84 -9.86 -1.60
C SER A 488 -9.73 -10.72 -0.33
N TYR A 489 -10.14 -10.18 0.83
CA TYR A 489 -10.12 -10.94 2.06
C TYR A 489 -11.36 -10.82 2.92
N MET A 490 -12.30 -9.93 2.58
CA MET A 490 -13.49 -9.68 3.43
C MET A 490 -14.76 -9.78 2.62
N ARG A 491 -15.75 -10.50 3.14
CA ARG A 491 -17.10 -10.53 2.54
C ARG A 491 -18.09 -9.91 3.51
N PRO A 492 -18.61 -8.72 3.18
CA PRO A 492 -19.40 -7.99 4.17
C PRO A 492 -20.81 -8.52 4.27
N ASN A 493 -21.34 -8.53 5.50
CA ASN A 493 -22.74 -8.90 5.73
C ASN A 493 -23.45 -7.66 6.32
N PHE A 494 -24.32 -7.04 5.52
CA PHE A 494 -24.97 -5.78 5.90
C PHE A 494 -26.28 -6.03 6.63
N PHE A 495 -26.21 -6.16 7.95
CA PHE A 495 -27.40 -6.20 8.77
C PHE A 495 -27.81 -4.76 9.00
N ALA A 496 -29.03 -4.39 8.57
CA ALA A 496 -29.53 -3.01 8.80
C ALA A 496 -29.84 -2.68 10.27
N ASN A 497 -30.17 -3.73 11.03
CA ASN A 497 -30.28 -3.66 12.45
C ASN A 497 -29.76 -4.97 13.11
N THR A 498 -29.53 -4.91 14.42
CA THR A 498 -29.29 -6.11 15.19
C THR A 498 -29.98 -5.95 16.52
N PRO A 499 -30.02 -7.03 17.33
CA PRO A 499 -30.60 -6.83 18.65
C PRO A 499 -29.88 -5.79 19.51
N ASP A 500 -28.63 -5.47 19.21
CA ASP A 500 -27.85 -4.49 19.99
C ASP A 500 -27.69 -3.13 19.30
N ILE A 501 -28.22 -2.99 18.08
CA ILE A 501 -28.00 -1.81 17.22
C ILE A 501 -29.29 -1.35 16.57
N LEU A 502 -29.88 -0.31 17.17
CA LEU A 502 -30.94 0.51 16.57
C LEU A 502 -30.38 1.94 16.42
N HIS A 503 -29.94 2.27 15.21
CA HIS A 503 -29.27 3.57 14.97
C HIS A 503 -30.27 4.73 15.07
N ALA A 504 -29.76 5.90 15.46
CA ALA A 504 -30.55 7.14 15.55
C ALA A 504 -31.25 7.52 14.23
N TYR A 505 -30.76 6.98 13.11
CA TYR A 505 -31.33 7.24 11.80
C TYR A 505 -32.71 6.59 11.75
N LEU A 506 -32.79 5.35 12.25
CA LEU A 506 -34.03 4.61 12.31
C LEU A 506 -34.93 5.18 13.41
N GLN A 507 -34.33 5.52 14.54
CA GLN A 507 -35.09 6.10 15.64
C GLN A 507 -35.82 7.37 15.20
N HIS A 508 -35.07 8.31 14.62
CA HIS A 508 -35.59 9.64 14.30
C HIS A 508 -36.41 9.69 13.00
N GLY A 509 -36.15 8.78 12.06
CA GLY A 509 -36.72 8.84 10.71
C GLY A 509 -37.91 7.95 10.46
N GLY A 510 -38.17 7.03 11.39
CA GLY A 510 -39.35 6.17 11.29
C GLY A 510 -39.34 5.31 10.05
N ARG A 511 -40.53 4.97 9.55
CA ARG A 511 -40.69 3.99 8.48
C ARG A 511 -39.93 4.36 7.20
N PRO A 512 -40.03 5.62 6.73
CA PRO A 512 -39.21 5.98 5.57
C PRO A 512 -37.73 5.66 5.75
N ALA A 513 -37.21 5.77 6.96
CA ALA A 513 -35.82 5.43 7.25
C ALA A 513 -35.56 3.90 7.11
N PHE A 514 -36.44 3.08 7.64
CA PHE A 514 -36.33 1.61 7.47
C PHE A 514 -36.33 1.19 6.01
N GLU A 515 -37.12 1.90 5.20
CA GLU A 515 -37.25 1.61 3.78
C GLU A 515 -35.93 1.96 3.08
N VAL A 516 -35.38 3.15 3.36
CA VAL A 516 -34.05 3.55 2.86
C VAL A 516 -32.93 2.57 3.27
N ARG A 517 -32.80 2.22 4.54
CA ARG A 517 -31.68 1.34 4.94
C ARG A 517 -31.78 -0.08 4.34
N ALA A 518 -33.00 -0.57 4.11
CA ALA A 518 -33.21 -1.87 3.46
C ALA A 518 -32.83 -1.80 1.99
N VAL A 519 -33.22 -0.74 1.32
CA VAL A 519 -32.82 -0.57 -0.07
C VAL A 519 -31.28 -0.53 -0.15
N LEU A 520 -30.68 0.38 0.62
CA LEU A 520 -29.23 0.47 0.73
C LEU A 520 -28.56 -0.86 1.07
N ALA A 521 -29.04 -1.56 2.09
CA ALA A 521 -28.35 -2.78 2.50
C ALA A 521 -28.36 -3.83 1.38
N ALA A 522 -29.52 -4.00 0.77
CA ALA A 522 -29.75 -5.11 -0.19
C ALA A 522 -29.12 -4.86 -1.55
N THR A 523 -28.93 -3.58 -1.90
CA THR A 523 -28.30 -3.22 -3.17
C THR A 523 -26.80 -2.96 -3.07
N LEU A 524 -26.25 -2.64 -1.90
CA LEU A 524 -24.81 -2.33 -1.83
C LEU A 524 -23.96 -3.53 -1.50
N SER A 525 -24.57 -4.56 -0.89
CA SER A 525 -23.86 -5.78 -0.55
C SER A 525 -24.61 -7.03 -0.99
N PRO A 526 -23.88 -8.00 -1.55
CA PRO A 526 -24.53 -9.24 -1.92
C PRO A 526 -24.98 -10.05 -0.75
N THR A 527 -24.48 -9.77 0.46
CA THR A 527 -25.11 -10.31 1.65
C THR A 527 -25.66 -9.17 2.52
N TRP A 528 -26.92 -9.31 2.90
CA TRP A 528 -27.57 -8.39 3.83
C TRP A 528 -28.48 -9.12 4.77
N GLY A 529 -28.89 -8.43 5.83
CA GLY A 529 -29.84 -9.01 6.76
C GLY A 529 -30.59 -8.06 7.66
N ILE A 530 -31.63 -8.60 8.28
CA ILE A 530 -32.41 -7.89 9.28
C ILE A 530 -32.65 -8.79 10.47
N TYR A 531 -32.94 -8.16 11.61
CA TYR A 531 -33.32 -8.84 12.82
C TYR A 531 -34.81 -8.59 12.98
N SER A 532 -35.56 -9.67 13.21
CA SER A 532 -37.01 -9.65 13.41
C SER A 532 -37.51 -8.44 14.17
N GLY A 533 -38.53 -7.80 13.60
CA GLY A 533 -39.06 -6.54 14.12
C GLY A 533 -38.70 -5.33 13.26
N TYR A 534 -37.66 -5.47 12.44
CA TYR A 534 -37.29 -4.43 11.47
C TYR A 534 -38.44 -4.20 10.49
N GLU A 535 -39.13 -5.28 10.12
CA GLU A 535 -40.26 -5.21 9.22
C GLU A 535 -41.35 -4.31 9.79
N LEU A 536 -41.49 -4.29 11.13
CA LEU A 536 -42.54 -3.53 11.80
C LEU A 536 -42.11 -2.11 12.14
N CYS A 537 -40.91 -1.74 11.76
CA CYS A 537 -40.38 -0.43 12.09
C CYS A 537 -40.30 -0.17 13.60
N GLU A 538 -39.97 -1.20 14.37
CA GLU A 538 -39.68 -1.04 15.80
C GLU A 538 -38.48 -0.13 15.97
N ASN A 539 -38.67 1.03 16.59
CA ASN A 539 -37.59 2.00 16.72
C ASN A 539 -37.64 2.84 17.98
N THR A 540 -38.15 2.25 19.08
CA THR A 540 -38.20 2.97 20.32
C THR A 540 -36.96 2.59 21.12
N PRO A 541 -36.06 3.56 21.35
CA PRO A 541 -34.84 3.24 22.02
C PRO A 541 -35.04 3.12 23.55
N LEU A 542 -34.05 2.55 24.24
CA LEU A 542 -34.09 2.45 25.68
C LEU A 542 -34.13 3.83 26.34
N ARG A 543 -33.36 4.77 25.78
CA ARG A 543 -33.39 6.17 26.19
C ARG A 543 -32.75 6.98 25.08
N GLU A 544 -32.88 8.30 25.09
CA GLU A 544 -32.25 9.10 24.01
C GLU A 544 -30.74 8.97 24.13
N GLY A 545 -30.09 8.74 23.00
CA GLY A 545 -28.65 8.53 22.97
C GLY A 545 -28.21 7.08 22.97
N SER A 546 -29.12 6.13 23.25
CA SER A 546 -28.78 4.71 23.22
C SER A 546 -29.01 4.15 21.83
N GLU A 547 -28.37 3.01 21.54
CA GLU A 547 -28.68 2.22 20.35
C GLU A 547 -29.33 0.89 20.71
N GLU A 548 -29.73 0.74 21.99
CA GLU A 548 -30.50 -0.41 22.47
C GLU A 548 -32.00 -0.13 22.27
N TYR A 549 -32.73 -1.20 22.00
CA TYR A 549 -34.19 -1.20 22.01
C TYR A 549 -34.75 -1.12 23.43
N LEU A 550 -35.86 -0.42 23.60
CA LEU A 550 -36.69 -0.50 24.81
C LEU A 550 -37.30 -1.89 24.87
N ASP A 551 -37.43 -2.43 26.08
CA ASP A 551 -37.99 -3.77 26.28
C ASP A 551 -37.32 -4.81 25.34
N SER A 552 -36.00 -4.78 25.27
CA SER A 552 -35.25 -5.64 24.32
C SER A 552 -35.55 -7.15 24.46
N GLU A 553 -35.65 -7.80 23.31
CA GLU A 553 -35.94 -9.24 23.19
C GLU A 553 -34.85 -10.12 23.77
N LYS A 554 -33.65 -9.55 23.93
CA LYS A 554 -32.54 -10.20 24.60
C LYS A 554 -32.84 -10.61 26.05
N TYR A 555 -33.72 -9.86 26.72
CA TYR A 555 -34.04 -10.05 28.13
C TYR A 555 -35.52 -10.40 28.38
N GLN A 556 -36.31 -10.59 27.32
CA GLN A 556 -37.70 -11.01 27.47
C GLN A 556 -38.32 -11.66 26.23
N LEU A 557 -39.37 -12.41 26.48
CA LEU A 557 -40.20 -12.93 25.41
C LEU A 557 -40.85 -11.75 24.72
N LYS A 558 -40.83 -11.74 23.39
CA LYS A 558 -41.43 -10.63 22.64
C LYS A 558 -42.40 -11.11 21.56
N PRO A 559 -43.64 -11.47 21.98
CA PRO A 559 -44.65 -11.85 20.97
C PRO A 559 -45.00 -10.66 20.11
N ARG A 560 -45.14 -10.90 18.81
CA ARG A 560 -45.49 -9.89 17.81
C ARG A 560 -46.75 -10.35 17.05
N ASP A 561 -47.68 -9.42 16.77
CA ASP A 561 -48.88 -9.76 16.00
C ASP A 561 -48.60 -9.60 14.49
N TRP A 562 -47.89 -10.59 13.98
CA TRP A 562 -47.51 -10.66 12.57
C TRP A 562 -48.72 -10.62 11.61
N THR A 563 -49.83 -11.29 11.95
CA THR A 563 -51.04 -11.33 11.09
C THR A 563 -51.73 -9.95 10.98
N ARG A 564 -51.76 -9.24 12.10
CA ARG A 564 -52.39 -7.94 12.17
C ARG A 564 -51.57 -6.92 11.39
N ALA A 565 -50.25 -7.02 11.46
CA ALA A 565 -49.38 -6.09 10.74
C ALA A 565 -49.52 -6.25 9.21
N ALA A 566 -49.63 -7.50 8.76
CA ALA A 566 -49.90 -7.79 7.35
C ALA A 566 -51.24 -7.22 6.91
N ARG A 567 -52.29 -7.58 7.65
CA ARG A 567 -53.66 -7.09 7.43
C ARG A 567 -53.75 -5.55 7.39
N GLU A 568 -53.10 -4.86 8.32
CA GLU A 568 -53.22 -3.39 8.42
C GLU A 568 -52.12 -2.64 7.63
N GLY A 569 -51.25 -3.37 6.94
CA GLY A 569 -50.22 -2.76 6.12
C GLY A 569 -49.08 -2.04 6.86
N THR A 570 -48.90 -2.32 8.15
CA THR A 570 -47.88 -1.67 8.98
C THR A 570 -46.61 -2.53 9.06
N THR A 571 -46.28 -3.18 7.94
CA THR A 571 -45.03 -3.91 7.77
C THR A 571 -44.39 -3.49 6.45
N ILE A 572 -43.07 -3.60 6.37
CA ILE A 572 -42.39 -3.39 5.10
C ILE A 572 -41.94 -4.73 4.50
N ALA A 573 -42.57 -5.81 4.94
CA ALA A 573 -42.34 -7.15 4.38
C ALA A 573 -42.50 -7.22 2.86
N PRO A 574 -43.42 -6.44 2.27
CA PRO A 574 -43.49 -6.47 0.81
C PRO A 574 -42.25 -5.89 0.12
N LEU A 575 -41.77 -4.73 0.59
CA LEU A 575 -40.54 -4.14 0.09
C LEU A 575 -39.34 -5.08 0.29
N VAL A 576 -39.24 -5.67 1.47
CA VAL A 576 -38.20 -6.65 1.73
C VAL A 576 -38.31 -7.82 0.72
N THR A 577 -39.51 -8.37 0.55
CA THR A 577 -39.74 -9.45 -0.40
C THR A 577 -39.33 -9.02 -1.82
N ARG A 578 -39.69 -7.79 -2.18
CA ARG A 578 -39.41 -7.30 -3.51
C ARG A 578 -37.91 -7.13 -3.74
N LEU A 579 -37.21 -6.60 -2.74
CA LEU A 579 -35.75 -6.42 -2.82
C LEU A 579 -35.01 -7.75 -3.01
N ASN A 580 -35.48 -8.80 -2.36
CA ASN A 580 -34.87 -10.12 -2.51
C ASN A 580 -35.20 -10.75 -3.88
N THR A 581 -36.40 -10.48 -4.40
CA THR A 581 -36.70 -10.93 -5.75
C THR A 581 -35.79 -10.21 -6.77
N ILE A 582 -35.54 -8.93 -6.57
CA ILE A 582 -34.73 -8.18 -7.53
C ILE A 582 -33.29 -8.73 -7.54
N ARG A 583 -32.76 -9.01 -6.34
CA ARG A 583 -31.43 -9.66 -6.20
C ARG A 583 -31.38 -11.04 -6.85
N ARG A 584 -32.46 -11.82 -6.70
CA ARG A 584 -32.55 -13.16 -7.28
C ARG A 584 -32.65 -13.14 -8.79
N GLU A 585 -33.20 -12.05 -9.33
CA GLU A 585 -33.41 -11.88 -10.77
C GLU A 585 -32.29 -11.11 -11.49
N ASN A 586 -31.39 -10.45 -10.74
CA ASN A 586 -30.31 -9.65 -11.33
C ASN A 586 -28.94 -10.08 -10.79
N PRO A 587 -28.15 -10.81 -11.61
CA PRO A 587 -26.80 -11.21 -11.20
C PRO A 587 -25.91 -10.07 -10.68
N ALA A 588 -26.11 -8.83 -11.16
CA ALA A 588 -25.29 -7.70 -10.72
C ALA A 588 -25.36 -7.45 -9.21
N LEU A 589 -26.50 -7.73 -8.59
CA LEU A 589 -26.66 -7.57 -7.14
C LEU A 589 -26.17 -8.74 -6.30
N ARG A 590 -25.73 -9.81 -6.94
CA ARG A 590 -25.15 -10.96 -6.22
C ARG A 590 -23.62 -10.98 -6.25
N GLN A 591 -23.02 -9.84 -6.56
CA GLN A 591 -21.59 -9.64 -6.44
C GLN A 591 -21.32 -8.30 -5.75
N LEU A 592 -20.06 -8.11 -5.35
CA LEU A 592 -19.65 -6.99 -4.52
C LEU A 592 -18.81 -5.95 -5.24
N ARG A 593 -17.87 -6.41 -6.06
CA ARG A 593 -16.71 -5.58 -6.48
C ARG A 593 -17.00 -4.58 -7.59
N ASP A 594 -17.90 -4.91 -8.50
CA ASP A 594 -18.35 -4.00 -9.56
C ASP A 594 -19.42 -3.07 -8.98
N LEU A 595 -18.99 -1.86 -8.61
CA LEU A 595 -19.82 -0.83 -8.00
C LEU A 595 -19.26 0.54 -8.38
N HIS A 596 -20.10 1.47 -8.81
CA HIS A 596 -19.60 2.80 -9.12
C HIS A 596 -20.61 3.85 -8.73
N PHE A 597 -20.15 4.94 -8.11
CA PHE A 597 -21.01 6.03 -7.67
C PHE A 597 -21.05 7.14 -8.69
N HIS A 598 -22.26 7.58 -9.00
CA HIS A 598 -22.51 8.65 -9.99
C HIS A 598 -22.92 9.95 -9.31
N PRO A 599 -22.42 11.10 -9.78
CA PRO A 599 -22.72 12.34 -9.06
C PRO A 599 -24.16 12.85 -9.22
N THR A 600 -24.77 13.24 -8.09
CA THR A 600 -26.01 14.03 -8.11
C THR A 600 -25.68 15.42 -7.62
N ASP A 601 -26.64 16.33 -7.69
CA ASP A 601 -26.42 17.71 -7.24
C ASP A 601 -27.07 18.03 -5.89
N LYS A 602 -27.49 17.01 -5.13
CA LYS A 602 -28.01 17.15 -3.77
C LYS A 602 -27.30 16.20 -2.79
N GLU A 603 -26.86 16.80 -1.68
CA GLU A 603 -26.28 16.11 -0.51
C GLU A 603 -27.06 14.83 -0.12
N GLU A 604 -28.38 14.90 -0.22
CA GLU A 604 -29.30 13.86 0.24
C GLU A 604 -29.61 12.75 -0.78
N VAL A 605 -29.27 12.95 -2.05
CA VAL A 605 -29.55 11.94 -3.08
C VAL A 605 -28.24 11.34 -3.56
N ILE A 606 -28.13 10.03 -3.40
CA ILE A 606 -26.95 9.25 -3.73
C ILE A 606 -27.33 8.34 -4.88
N ALA A 607 -26.36 8.04 -5.75
CA ALA A 607 -26.60 7.22 -6.94
C ALA A 607 -25.43 6.28 -7.26
N TYR A 608 -25.78 5.05 -7.61
CA TYR A 608 -24.76 4.04 -7.91
C TYR A 608 -25.23 2.98 -8.87
N SER A 609 -24.26 2.31 -9.51
CA SER A 609 -24.55 1.23 -10.44
C SER A 609 -23.67 0.02 -10.20
N LYS A 610 -24.18 -1.15 -10.58
CA LYS A 610 -23.43 -2.41 -10.50
C LYS A 610 -23.70 -3.24 -11.74
N ARG A 611 -22.67 -3.97 -12.20
CA ARG A 611 -22.74 -4.73 -13.44
C ARG A 611 -22.22 -6.13 -13.32
N GLN A 612 -22.72 -7.02 -14.17
CA GLN A 612 -22.32 -8.42 -14.21
C GLN A 612 -22.81 -8.96 -15.53
N GLY A 613 -21.90 -9.18 -16.47
CA GLY A 613 -22.26 -9.54 -17.83
C GLY A 613 -23.18 -8.49 -18.41
N SER A 614 -24.24 -8.93 -19.09
CA SER A 614 -25.21 -7.99 -19.67
C SER A 614 -26.22 -7.39 -18.67
N ASN A 615 -26.08 -7.66 -17.36
CA ASN A 615 -27.00 -7.13 -16.35
C ASN A 615 -26.41 -5.88 -15.70
N THR A 616 -27.10 -4.74 -15.84
CA THR A 616 -26.72 -3.49 -15.19
C THR A 616 -27.87 -3.00 -14.30
N VAL A 617 -27.58 -2.77 -13.02
CA VAL A 617 -28.55 -2.21 -12.09
C VAL A 617 -28.12 -0.81 -11.65
N LEU A 618 -29.09 0.10 -11.64
CA LEU A 618 -28.85 1.51 -11.41
C LEU A 618 -29.79 1.96 -10.28
N VAL A 619 -29.22 2.44 -9.19
CA VAL A 619 -29.97 2.74 -7.98
C VAL A 619 -29.80 4.21 -7.60
N VAL A 620 -30.89 4.85 -7.22
CA VAL A 620 -30.86 6.25 -6.72
C VAL A 620 -31.67 6.28 -5.43
N VAL A 621 -31.06 6.76 -4.34
CA VAL A 621 -31.71 6.73 -3.04
C VAL A 621 -31.75 8.13 -2.41
N ASN A 622 -32.94 8.52 -1.95
CA ASN A 622 -33.08 9.71 -1.12
C ASN A 622 -32.78 9.31 0.32
N LEU A 623 -31.70 9.85 0.90
CA LEU A 623 -31.32 9.54 2.29
C LEU A 623 -32.07 10.41 3.32
N ASP A 624 -32.85 11.38 2.85
CA ASP A 624 -33.72 12.19 3.71
C ASP A 624 -35.03 11.44 3.93
N PRO A 625 -35.32 11.04 5.18
CA PRO A 625 -36.55 10.34 5.50
C PRO A 625 -37.71 11.25 5.92
N ARG A 626 -37.48 12.56 5.96
CA ARG A 626 -38.52 13.54 6.33
C ARG A 626 -39.00 14.40 5.18
N HIS A 627 -38.11 14.72 4.24
CA HIS A 627 -38.40 15.67 3.17
C HIS A 627 -38.22 15.06 1.79
N THR A 628 -39.15 15.38 0.91
CA THR A 628 -39.01 15.14 -0.53
C THR A 628 -37.76 15.84 -1.07
N GLN A 629 -37.01 15.11 -1.90
CA GLN A 629 -35.84 15.64 -2.57
C GLN A 629 -36.01 15.54 -4.06
N GLU A 630 -35.56 16.57 -4.77
CA GLU A 630 -35.45 16.54 -6.22
C GLU A 630 -34.03 16.89 -6.62
N ALA A 631 -33.49 16.12 -7.56
CA ALA A 631 -32.12 16.27 -8.00
C ALA A 631 -31.94 15.88 -9.45
N THR A 632 -30.80 16.28 -9.97
CA THR A 632 -30.30 15.85 -11.27
C THR A 632 -29.16 14.85 -10.99
N VAL A 633 -29.41 13.59 -11.36
CA VAL A 633 -28.43 12.52 -11.35
C VAL A 633 -27.68 12.57 -12.67
N SER A 634 -26.41 12.96 -12.63
CA SER A 634 -25.54 13.06 -13.82
C SER A 634 -24.72 11.77 -13.97
N LEU A 635 -25.23 10.86 -14.78
CA LEU A 635 -24.60 9.58 -14.99
C LEU A 635 -23.32 9.67 -15.80
N ASP A 636 -22.49 8.67 -15.58
CA ASP A 636 -21.11 8.59 -15.97
C ASP A 636 -21.16 7.43 -16.96
N MET A 637 -21.49 7.77 -18.20
CA MET A 637 -22.00 6.81 -19.20
C MET A 637 -20.98 5.75 -19.65
N PRO A 638 -19.70 6.14 -19.87
CA PRO A 638 -18.66 5.15 -20.17
C PRO A 638 -18.58 4.05 -19.14
N GLN A 639 -18.84 4.39 -17.88
CA GLN A 639 -18.90 3.42 -16.80
C GLN A 639 -20.08 2.43 -16.92
N LEU A 640 -21.16 2.85 -17.57
CA LEU A 640 -22.29 1.96 -17.92
C LEU A 640 -22.10 1.24 -19.26
N GLY A 641 -20.91 1.37 -19.86
CA GLY A 641 -20.63 0.80 -21.18
C GLY A 641 -21.46 1.43 -22.27
N LEU A 642 -21.48 2.76 -22.31
CA LEU A 642 -22.34 3.52 -23.24
C LEU A 642 -21.67 4.80 -23.73
N ASP A 643 -22.19 5.35 -24.83
CA ASP A 643 -21.83 6.69 -25.31
C ASP A 643 -22.49 7.78 -24.45
N TRP A 644 -21.78 8.89 -24.27
CA TRP A 644 -22.28 10.08 -23.56
C TRP A 644 -23.62 10.62 -24.08
N HIS A 645 -23.84 10.53 -25.39
CA HIS A 645 -25.01 11.13 -26.03
C HIS A 645 -26.17 10.13 -26.09
N GLU A 646 -25.98 8.93 -25.54
CA GLU A 646 -26.95 7.86 -25.63
C GLU A 646 -28.08 8.04 -24.61
N SER A 647 -29.22 7.44 -24.93
CA SER A 647 -30.42 7.39 -24.11
C SER A 647 -30.77 5.90 -24.00
N VAL A 648 -31.05 5.41 -22.78
CA VAL A 648 -31.37 3.98 -22.59
C VAL A 648 -32.60 3.77 -21.72
N PRO A 649 -33.43 2.78 -22.08
CA PRO A 649 -34.60 2.48 -21.28
C PRO A 649 -34.22 1.80 -19.95
N VAL A 650 -34.91 2.21 -18.90
CA VAL A 650 -34.83 1.58 -17.58
C VAL A 650 -36.23 1.33 -17.02
N ARG A 651 -36.32 0.31 -16.15
CA ARG A 651 -37.52 -0.02 -15.41
C ARG A 651 -37.17 0.03 -13.91
N ASP A 652 -37.90 0.84 -13.16
CA ASP A 652 -37.84 0.81 -11.71
C ASP A 652 -38.50 -0.49 -11.27
N GLU A 653 -37.74 -1.38 -10.63
CA GLU A 653 -38.29 -2.66 -10.20
C GLU A 653 -39.13 -2.53 -8.92
N LEU A 654 -38.98 -1.44 -8.17
CA LEU A 654 -39.89 -1.14 -7.06
C LEU A 654 -41.29 -0.73 -7.51
N THR A 655 -41.44 -0.11 -8.68
CA THR A 655 -42.78 0.30 -9.15
C THR A 655 -43.27 -0.37 -10.45
N GLY A 656 -42.39 -0.94 -11.26
CA GLY A 656 -42.72 -1.35 -12.63
C GLY A 656 -42.81 -0.23 -13.67
N GLU A 657 -42.62 1.02 -13.25
CA GLU A 657 -42.66 2.17 -14.15
C GLU A 657 -41.36 2.28 -14.92
N THR A 658 -41.48 2.64 -16.20
CA THR A 658 -40.37 2.72 -17.14
C THR A 658 -40.00 4.19 -17.38
N TYR A 659 -38.70 4.44 -17.45
CA TYR A 659 -38.17 5.78 -17.73
C TYR A 659 -37.14 5.69 -18.85
N HIS A 660 -36.84 6.85 -19.44
CA HIS A 660 -35.76 6.97 -20.43
C HIS A 660 -34.70 7.94 -19.91
N TRP A 661 -33.54 7.38 -19.55
CA TRP A 661 -32.48 8.14 -18.92
C TRP A 661 -31.20 8.12 -19.73
N GLY A 662 -30.44 9.22 -19.65
CA GLY A 662 -29.11 9.35 -20.27
C GLY A 662 -28.16 10.07 -19.33
N ARG A 663 -27.27 10.91 -19.87
CA ARG A 663 -26.24 11.59 -19.07
C ARG A 663 -26.77 12.48 -17.93
N ALA A 664 -27.97 13.03 -18.06
CA ALA A 664 -28.55 13.95 -17.07
C ALA A 664 -30.04 13.69 -16.87
N ASN A 665 -30.41 13.27 -15.66
CA ASN A 665 -31.75 12.80 -15.36
C ASN A 665 -32.34 13.44 -14.11
N TYR A 666 -33.53 14.02 -14.26
CA TYR A 666 -34.30 14.54 -13.14
C TYR A 666 -34.90 13.34 -12.39
N VAL A 667 -34.78 13.37 -11.07
CA VAL A 667 -35.52 12.45 -10.20
C VAL A 667 -36.24 13.25 -9.14
N ARG A 668 -37.32 12.67 -8.61
CA ARG A 668 -38.08 13.28 -7.52
C ARG A 668 -38.49 12.18 -6.56
N LEU A 669 -37.99 12.23 -5.34
CA LEU A 669 -38.20 11.16 -4.37
C LEU A 669 -38.88 11.68 -3.11
N GLU A 670 -40.03 11.08 -2.77
CA GLU A 670 -40.90 11.47 -1.67
C GLU A 670 -40.85 10.37 -0.61
N PRO A 671 -40.37 10.70 0.61
CA PRO A 671 -40.32 9.64 1.60
C PRO A 671 -41.73 9.16 1.95
N GLY A 672 -41.86 7.89 2.28
CA GLY A 672 -43.16 7.25 2.50
C GLY A 672 -43.62 6.51 1.26
N ARG A 673 -43.69 7.26 0.16
CA ARG A 673 -44.16 6.80 -1.15
C ARG A 673 -43.09 6.07 -1.99
N THR A 674 -41.92 6.68 -2.15
CA THR A 674 -40.81 6.11 -2.96
C THR A 674 -39.43 6.39 -2.26
N PRO A 675 -38.88 5.39 -1.55
CA PRO A 675 -37.54 5.61 -0.93
C PRO A 675 -36.41 5.77 -1.94
N ALA A 676 -36.53 5.09 -3.07
CA ALA A 676 -35.48 5.00 -4.08
C ALA A 676 -36.06 4.54 -5.41
N HIS A 677 -35.27 4.70 -6.48
CA HIS A 677 -35.48 3.98 -7.73
C HIS A 677 -34.46 2.87 -7.79
N VAL A 678 -34.91 1.64 -8.00
CA VAL A 678 -34.04 0.49 -8.22
C VAL A 678 -34.28 0.00 -9.64
N CYS A 679 -33.38 0.36 -10.56
CA CYS A 679 -33.65 0.21 -11.99
C CYS A 679 -32.77 -0.82 -12.69
N THR A 680 -33.35 -1.63 -13.57
CA THR A 680 -32.58 -2.44 -14.51
C THR A 680 -32.54 -1.70 -15.84
N VAL A 681 -31.42 -1.87 -16.55
CA VAL A 681 -31.25 -1.32 -17.89
C VAL A 681 -31.79 -2.34 -18.88
N LEU A 682 -32.84 -1.99 -19.61
CA LEU A 682 -33.40 -2.91 -20.62
C LEU A 682 -32.48 -2.97 -21.85
N ARG A 683 -32.00 -4.19 -22.14
CA ARG A 683 -30.83 -4.41 -23.01
C ARG A 683 -31.25 -5.09 -24.31
N PRO B 35 0.50 -25.07 12.34
CA PRO B 35 1.29 -23.85 12.54
C PRO B 35 0.55 -22.62 12.01
N THR B 36 0.29 -21.63 12.86
CA THR B 36 -0.45 -20.44 12.44
C THR B 36 0.48 -19.37 11.89
N VAL B 37 0.00 -18.65 10.88
CA VAL B 37 0.70 -17.47 10.35
C VAL B 37 0.78 -16.40 11.44
N VAL B 38 -0.32 -16.24 12.18
CA VAL B 38 -0.45 -15.18 13.19
C VAL B 38 0.00 -15.69 14.56
N GLY B 39 0.83 -14.91 15.24
CA GLY B 39 1.30 -15.25 16.56
C GLY B 39 0.29 -14.96 17.64
N ARG B 40 0.71 -15.19 18.88
CA ARG B 40 -0.11 -14.98 20.05
C ARG B 40 -0.58 -13.54 20.21
N ILE B 41 0.34 -12.59 20.02
CA ILE B 41 0.03 -11.16 20.03
C ILE B 41 0.33 -10.72 18.59
N PRO B 42 -0.72 -10.40 17.81
CA PRO B 42 -0.53 -10.05 16.43
C PRO B 42 0.49 -8.95 16.19
N VAL B 43 1.43 -9.20 15.31
CA VAL B 43 2.35 -8.17 14.89
C VAL B 43 2.48 -8.36 13.42
N LEU B 44 2.03 -7.36 12.67
CA LEU B 44 1.68 -7.52 11.29
C LEU B 44 2.20 -6.35 10.49
N ASP B 45 2.43 -6.60 9.20
CA ASP B 45 2.76 -5.57 8.22
CA ASP B 45 2.76 -5.55 8.22
C ASP B 45 3.90 -4.64 8.68
N VAL B 46 5.02 -5.26 9.02
CA VAL B 46 6.20 -4.54 9.45
C VAL B 46 6.78 -3.76 8.28
N ARG B 47 7.08 -2.49 8.51
CA ARG B 47 7.67 -1.61 7.51
C ARG B 47 8.90 -0.91 8.09
N PRO B 48 9.86 -0.48 7.27
CA PRO B 48 9.87 -0.60 5.81
C PRO B 48 10.00 -2.01 5.24
N VAL B 49 9.51 -2.20 4.01
CA VAL B 49 9.65 -3.46 3.29
C VAL B 49 9.74 -3.16 1.80
N VAL B 50 10.59 -3.89 1.10
CA VAL B 50 10.83 -3.73 -0.33
C VAL B 50 10.58 -5.07 -1.02
N GLN B 51 9.81 -5.04 -2.09
CA GLN B 51 9.41 -6.24 -2.81
CA GLN B 51 9.38 -6.24 -2.82
C GLN B 51 9.06 -7.41 -1.88
N ARG B 52 8.23 -7.11 -0.87
CA ARG B 52 7.73 -8.10 0.09
C ARG B 52 8.80 -8.81 0.91
N GLY B 53 9.95 -8.17 1.13
CA GLY B 53 11.07 -8.79 1.86
C GLY B 53 12.13 -9.47 1.01
N ARG B 54 11.93 -9.53 -0.32
CA ARG B 54 12.89 -10.14 -1.24
C ARG B 54 14.08 -9.24 -1.60
N ARG B 55 14.09 -8.00 -1.12
CA ARG B 55 15.14 -7.00 -1.41
C ARG B 55 15.27 -6.16 -0.14
N PRO B 56 16.46 -5.73 0.18
CA PRO B 56 16.61 -4.99 1.42
C PRO B 56 16.14 -3.53 1.38
N ALA B 57 15.60 -3.05 2.50
CA ALA B 57 15.51 -1.62 2.74
C ALA B 57 16.91 -1.10 2.91
N LYS B 58 17.07 0.20 2.78
CA LYS B 58 18.39 0.81 2.79
C LYS B 58 18.54 1.78 3.94
N ALA B 59 19.78 1.94 4.36
CA ALA B 59 20.18 3.04 5.19
C ALA B 59 21.67 3.29 5.02
N VAL B 60 22.20 4.35 5.65
CA VAL B 60 23.64 4.56 5.70
C VAL B 60 24.07 4.75 7.14
N THR B 61 25.34 4.48 7.42
CA THR B 61 25.90 4.65 8.77
C THR B 61 25.47 6.01 9.38
N GLY B 62 24.96 5.99 10.61
CA GLY B 62 24.51 7.21 11.30
C GLY B 62 23.07 7.62 11.04
N GLU B 63 22.44 7.06 9.99
CA GLU B 63 21.09 7.47 9.57
C GLU B 63 20.00 6.86 10.45
N SER B 64 19.07 7.71 10.87
CA SER B 64 17.88 7.29 11.63
C SER B 64 16.64 7.23 10.73
N PHE B 65 15.84 6.17 10.93
CA PHE B 65 14.55 5.98 10.25
C PHE B 65 13.61 5.20 11.16
N GLU B 66 12.33 5.15 10.79
CA GLU B 66 11.28 4.57 11.60
C GLU B 66 10.95 3.11 11.18
N VAL B 67 11.02 2.18 12.14
CA VAL B 67 10.47 0.84 11.97
C VAL B 67 9.07 0.91 12.56
N SER B 68 8.07 0.53 11.78
CA SER B 68 6.68 0.49 12.25
C SER B 68 6.04 -0.88 12.06
N ALA B 69 4.89 -1.08 12.72
CA ALA B 69 4.15 -2.33 12.67
C ALA B 69 2.73 -2.17 13.18
N THR B 70 1.81 -3.00 12.70
CA THR B 70 0.46 -3.05 13.27
C THR B 70 0.47 -4.06 14.39
N VAL B 71 0.16 -3.59 15.60
CA VAL B 71 0.18 -4.38 16.84
C VAL B 71 -1.08 -4.14 17.66
N PHE B 72 -1.68 -5.22 18.15
CA PHE B 72 -2.90 -5.15 18.94
C PHE B 72 -3.10 -6.54 19.52
N ARG B 73 -4.12 -6.70 20.34
CA ARG B 73 -4.46 -8.03 20.87
C ARG B 73 -5.96 -8.16 21.07
N GLU B 74 -6.38 -9.36 21.44
CA GLU B 74 -7.77 -9.63 21.78
C GLU B 74 -8.08 -9.04 23.14
N GLY B 75 -9.32 -8.56 23.28
CA GLY B 75 -9.82 -8.00 24.53
C GLY B 75 -9.37 -6.57 24.74
N HIS B 76 -9.55 -6.05 25.95
CA HIS B 76 -9.31 -4.64 26.22
C HIS B 76 -7.89 -4.34 26.77
N ASP B 77 -7.15 -5.39 27.18
CA ASP B 77 -5.86 -5.18 27.87
C ASP B 77 -4.79 -4.55 26.98
N ALA B 78 -3.80 -3.91 27.61
CA ALA B 78 -2.79 -3.13 26.90
C ALA B 78 -1.69 -4.01 26.29
N VAL B 79 -1.14 -3.52 25.18
CA VAL B 79 -0.01 -4.13 24.51
C VAL B 79 1.16 -3.19 24.57
N GLY B 80 2.35 -3.76 24.44
CA GLY B 80 3.56 -2.99 24.21
C GLY B 80 4.29 -3.59 23.05
N ALA B 81 5.34 -2.90 22.61
CA ALA B 81 6.13 -3.40 21.51
C ALA B 81 7.49 -2.76 21.46
N ASN B 82 8.43 -3.43 20.82
CA ASN B 82 9.80 -2.92 20.68
C ASN B 82 10.49 -3.42 19.44
N VAL B 83 11.56 -2.74 19.02
CA VAL B 83 12.33 -3.07 17.83
C VAL B 83 13.70 -3.65 18.20
N VAL B 84 14.03 -4.80 17.61
CA VAL B 84 15.30 -5.46 17.80
C VAL B 84 16.03 -5.40 16.46
N LEU B 85 16.97 -4.45 16.39
CA LEU B 85 17.82 -4.23 15.24
C LEU B 85 19.08 -5.06 15.48
N ARG B 86 19.37 -5.99 14.57
CA ARG B 86 20.55 -6.83 14.71
C ARG B 86 21.57 -6.49 13.65
N ASP B 87 22.84 -6.48 14.06
CA ASP B 87 23.95 -6.07 13.20
C ASP B 87 24.38 -7.27 12.35
N PRO B 88 25.42 -7.11 11.49
CA PRO B 88 25.80 -8.21 10.62
C PRO B 88 26.34 -9.46 11.30
N ARG B 89 26.89 -9.33 12.52
CA ARG B 89 27.28 -10.51 13.32
C ARG B 89 26.16 -11.05 14.21
N GLY B 90 24.99 -10.40 14.25
CA GLY B 90 23.83 -10.88 15.03
C GLY B 90 23.59 -10.18 16.35
N ARG B 91 24.45 -9.24 16.70
CA ARG B 91 24.42 -8.58 18.00
C ARG B 91 23.19 -7.66 18.06
N PRO B 92 22.26 -7.92 18.99
CA PRO B 92 21.11 -7.02 19.06
C PRO B 92 21.46 -5.60 19.52
N GLY B 93 20.69 -4.64 19.05
CA GLY B 93 20.85 -3.25 19.42
C GLY B 93 20.27 -3.01 20.79
N PRO B 94 20.23 -1.75 21.23
CA PRO B 94 19.70 -1.43 22.56
C PRO B 94 18.16 -1.58 22.64
N TRP B 95 17.63 -1.66 23.85
CA TRP B 95 16.18 -1.58 24.11
C TRP B 95 15.55 -0.41 23.35
N THR B 96 14.52 -0.68 22.55
CA THR B 96 13.94 0.33 21.67
C THR B 96 12.40 0.22 21.62
N PRO B 97 11.73 0.77 22.66
CA PRO B 97 10.29 0.60 22.75
C PRO B 97 9.56 1.46 21.74
N MET B 98 8.45 0.94 21.26
CA MET B 98 7.62 1.62 20.28
C MET B 98 6.48 2.28 21.02
N ARG B 99 5.82 3.21 20.33
CA ARG B 99 4.60 3.83 20.84
C ARG B 99 3.55 3.83 19.70
N GLU B 100 2.27 3.85 20.05
CA GLU B 100 1.20 3.96 19.04
C GLU B 100 1.31 5.36 18.43
N LEU B 101 1.35 5.45 17.09
CA LEU B 101 1.63 6.72 16.41
C LEU B 101 0.43 7.63 16.26
N ALA B 102 -0.77 7.08 16.37
CA ALA B 102 -1.98 7.90 16.36
C ALA B 102 -3.05 7.10 17.04
N PRO B 103 -3.93 7.76 17.80
CA PRO B 103 -4.91 7.00 18.58
C PRO B 103 -5.88 6.21 17.69
N GLY B 104 -6.21 4.99 18.15
CA GLY B 104 -7.12 4.10 17.46
C GLY B 104 -6.64 3.45 16.17
N THR B 105 -5.37 3.60 15.79
CA THR B 105 -4.89 3.06 14.52
C THR B 105 -4.22 1.70 14.66
N ASP B 106 -3.84 1.34 15.88
CA ASP B 106 -3.04 0.15 16.18
C ASP B 106 -1.70 0.08 15.43
N ARG B 107 -1.19 1.23 14.99
CA ARG B 107 0.05 1.32 14.23
C ARG B 107 1.10 1.88 15.16
N TRP B 108 2.19 1.15 15.32
CA TRP B 108 3.22 1.45 16.32
C TRP B 108 4.54 1.72 15.63
N GLY B 109 5.36 2.59 16.21
CA GLY B 109 6.68 2.89 15.62
C GLY B 109 7.74 3.25 16.64
N ALA B 110 9.00 3.15 16.21
CA ALA B 110 10.14 3.66 16.95
C ALA B 110 11.24 3.99 15.98
N THR B 111 12.09 4.95 16.36
CA THR B 111 13.28 5.27 15.59
C THR B 111 14.45 4.34 15.92
N VAL B 112 15.12 3.88 14.87
CA VAL B 112 16.36 3.12 14.97
C VAL B 112 17.44 3.86 14.21
N THR B 113 18.70 3.60 14.57
CA THR B 113 19.87 4.22 13.95
C THR B 113 20.85 3.14 13.50
N ALA B 114 21.22 3.19 12.22
CA ALA B 114 22.12 2.22 11.61
C ALA B 114 23.56 2.55 11.95
N GLY B 115 24.37 1.52 12.18
CA GLY B 115 25.77 1.64 12.58
C GLY B 115 26.74 1.29 11.48
N GLU B 116 27.59 0.28 11.70
CA GLU B 116 28.58 -0.12 10.71
C GLU B 116 27.89 -0.66 9.47
N THR B 117 28.60 -0.60 8.36
CA THR B 117 28.08 -1.11 7.08
C THR B 117 27.92 -2.63 7.06
N GLY B 118 27.03 -3.08 6.18
CA GLY B 118 26.77 -4.49 5.94
C GLY B 118 25.28 -4.75 5.96
N THR B 119 24.92 -6.04 5.93
CA THR B 119 23.54 -6.49 5.96
C THR B 119 23.10 -6.68 7.42
N TRP B 120 22.07 -5.93 7.80
CA TRP B 120 21.48 -5.99 9.13
C TRP B 120 20.10 -6.63 8.99
N SER B 121 19.43 -6.85 10.12
CA SER B 121 18.06 -7.37 10.13
C SER B 121 17.31 -6.63 11.21
N TYR B 122 15.99 -6.56 11.07
CA TYR B 122 15.15 -5.98 12.09
C TYR B 122 13.86 -6.73 12.28
N THR B 123 13.40 -6.68 13.52
CA THR B 123 12.32 -7.50 14.00
C THR B 123 11.53 -6.67 14.99
N VAL B 124 10.20 -6.85 15.00
CA VAL B 124 9.35 -6.20 15.98
C VAL B 124 8.87 -7.26 16.94
N GLU B 125 9.03 -7.00 18.24
CA GLU B 125 8.49 -7.85 19.31
C GLU B 125 7.25 -7.14 19.88
N ALA B 126 6.16 -7.89 20.08
CA ALA B 126 4.91 -7.36 20.62
C ALA B 126 4.55 -8.21 21.82
N TRP B 127 3.88 -7.62 22.79
CA TRP B 127 3.66 -8.30 24.07
C TRP B 127 2.49 -7.71 24.84
N GLY B 128 1.92 -8.51 25.73
CA GLY B 128 0.96 -7.99 26.68
C GLY B 128 1.73 -7.15 27.70
N ASP B 129 1.17 -5.99 28.04
CA ASP B 129 1.71 -5.08 29.04
C ASP B 129 0.78 -5.13 30.25
N PRO B 130 0.93 -6.16 31.10
CA PRO B 130 0.00 -6.29 32.22
C PRO B 130 0.02 -5.13 33.23
N VAL B 131 1.19 -4.53 33.47
CA VAL B 131 1.33 -3.44 34.44
C VAL B 131 0.50 -2.21 34.04
N THR B 132 0.55 -1.81 32.78
CA THR B 132 -0.30 -0.71 32.29
C THR B 132 -1.79 -1.00 32.50
N THR B 133 -2.17 -2.23 32.13
CA THR B 133 -3.54 -2.72 32.28
C THR B 133 -4.01 -2.67 33.73
N TRP B 134 -3.23 -3.28 34.64
CA TRP B 134 -3.55 -3.22 36.06
C TRP B 134 -3.70 -1.76 36.56
N ARG B 135 -2.81 -0.88 36.15
CA ARG B 135 -2.90 0.54 36.52
C ARG B 135 -4.18 1.21 36.10
N HIS B 136 -4.56 1.07 34.82
CA HIS B 136 -5.79 1.68 34.30
CA HIS B 136 -5.80 1.74 34.38
C HIS B 136 -7.02 1.12 35.06
N HIS B 137 -7.02 -0.20 35.32
CA HIS B 137 -8.10 -0.81 36.12
C HIS B 137 -8.10 -0.28 37.56
N ALA B 138 -6.90 -0.14 38.15
CA ALA B 138 -6.76 0.28 39.56
C ALA B 138 -6.99 1.77 39.80
N ARG B 139 -6.54 2.63 38.88
CA ARG B 139 -6.81 4.09 38.96
C ARG B 139 -8.31 4.38 39.05
N ILE B 140 -9.14 3.52 38.45
CA ILE B 140 -10.62 3.58 38.53
C ILE B 140 -11.14 2.85 39.78
N LYS B 141 -10.79 1.58 39.92
CA LYS B 141 -11.41 0.71 40.94
C LYS B 141 -11.05 1.03 42.41
N ILE B 142 -10.01 1.82 42.66
CA ILE B 142 -9.65 2.20 44.05
C ILE B 142 -10.41 3.43 44.60
N PRO B 143 -10.48 4.55 43.84
CA PRO B 143 -11.40 5.64 44.25
C PRO B 143 -12.90 5.25 44.31
N ALA B 144 -13.30 4.23 43.55
CA ALA B 144 -14.67 3.68 43.59
C ALA B 144 -14.96 2.91 44.88
N GLY B 145 -13.99 2.11 45.33
CA GLY B 145 -14.17 1.21 46.46
C GLY B 145 -14.52 -0.23 46.07
N LEU B 146 -14.44 -0.56 44.77
CA LEU B 146 -14.85 -1.88 44.26
C LEU B 146 -13.73 -2.95 44.29
N ASP B 147 -13.76 -3.81 45.32
CA ASP B 147 -12.82 -4.94 45.51
C ASP B 147 -11.37 -4.48 45.73
N THR B 148 -11.14 -3.56 46.65
CA THR B 148 -9.84 -2.90 46.73
C THR B 148 -8.69 -3.82 47.23
N ASP B 149 -8.93 -4.59 48.29
CA ASP B 149 -7.92 -5.58 48.78
C ASP B 149 -7.50 -6.60 47.70
N LEU B 150 -8.48 -6.96 46.86
CA LEU B 150 -8.30 -7.91 45.77
C LEU B 150 -7.54 -7.32 44.58
N VAL B 151 -7.83 -6.06 44.27
CA VAL B 151 -7.09 -5.31 43.23
C VAL B 151 -5.62 -5.13 43.62
N LEU B 152 -5.37 -4.72 44.86
CA LEU B 152 -4.03 -4.35 45.30
C LEU B 152 -3.12 -5.57 45.43
N GLU B 153 -3.71 -6.71 45.80
CA GLU B 153 -3.01 -8.00 45.78
C GLU B 153 -2.62 -8.42 44.35
N GLU B 154 -3.50 -8.16 43.38
CA GLU B 154 -3.21 -8.46 41.96
C GLU B 154 -2.00 -7.68 41.45
N GLY B 155 -1.89 -6.42 41.84
CA GLY B 155 -0.70 -5.61 41.54
C GLY B 155 0.57 -6.09 42.22
N ALA B 156 0.47 -6.45 43.50
CA ALA B 156 1.61 -6.94 44.23
C ALA B 156 2.21 -8.14 43.53
N ARG B 157 1.35 -9.09 43.14
CA ARG B 157 1.80 -10.29 42.43
C ARG B 157 2.43 -9.99 41.07
N LEU B 158 1.95 -8.95 40.37
CA LEU B 158 2.58 -8.48 39.11
C LEU B 158 3.95 -7.89 39.36
N TYR B 159 4.04 -7.00 40.35
CA TYR B 159 5.30 -6.34 40.69
C TYR B 159 6.35 -7.35 41.21
N GLU B 160 5.90 -8.41 41.90
CA GLU B 160 6.74 -9.59 42.19
C GLU B 160 7.33 -10.23 40.92
N ARG B 161 6.50 -10.49 39.90
CA ARG B 161 7.02 -11.01 38.61
C ARG B 161 7.98 -10.02 37.95
N ALA B 162 7.60 -8.75 37.90
CA ALA B 162 8.45 -7.71 37.34
C ALA B 162 9.82 -7.76 38.00
N ALA B 163 9.80 -7.81 39.34
CA ALA B 163 11.02 -7.86 40.17
C ALA B 163 11.99 -9.00 39.85
N ALA B 164 11.45 -10.19 39.59
CA ALA B 164 12.23 -11.38 39.22
C ALA B 164 13.08 -11.24 37.95
N ASP B 165 12.53 -10.64 36.90
CA ASP B 165 13.26 -10.49 35.62
C ASP B 165 14.31 -9.36 35.56
N VAL B 166 14.30 -8.45 36.54
CA VAL B 166 15.18 -7.27 36.51
C VAL B 166 16.64 -7.69 36.79
N PRO B 167 17.62 -7.15 36.04
CA PRO B 167 19.02 -7.45 36.36
C PRO B 167 19.54 -6.76 37.64
N GLY B 168 19.32 -5.44 37.77
CA GLY B 168 19.92 -4.64 38.85
C GLY B 168 19.47 -4.97 40.26
N ARG B 169 20.38 -4.81 41.23
CA ARG B 169 20.08 -5.02 42.66
C ARG B 169 19.23 -3.87 43.21
N GLU B 170 19.68 -2.63 42.96
CA GLU B 170 18.95 -1.41 43.36
C GLU B 170 17.52 -1.33 42.77
N ASP B 171 17.34 -1.82 41.54
CA ASP B 171 16.01 -1.86 40.90
C ASP B 171 15.07 -2.91 41.54
N ARG B 172 15.57 -4.14 41.75
CA ARG B 172 14.77 -5.22 42.38
C ARG B 172 14.31 -4.85 43.81
N ARG B 173 15.16 -4.14 44.55
CA ARG B 173 14.78 -3.64 45.89
C ARG B 173 13.65 -2.58 45.79
N GLU B 174 13.74 -1.67 44.82
CA GLU B 174 12.70 -0.64 44.58
C GLU B 174 11.32 -1.26 44.25
N LEU B 175 11.30 -2.32 43.44
CA LEU B 175 10.06 -3.06 43.10
C LEU B 175 9.48 -3.85 44.27
N LEU B 176 10.33 -4.57 45.01
CA LEU B 176 9.88 -5.31 46.22
C LEU B 176 9.38 -4.43 47.38
N ALA B 177 9.81 -3.16 47.40
CA ALA B 177 9.30 -2.16 48.35
C ALA B 177 7.86 -1.82 48.04
N ALA B 178 7.60 -1.45 46.79
CA ALA B 178 6.24 -1.22 46.29
C ALA B 178 5.27 -2.42 46.52
N VAL B 179 5.79 -3.65 46.50
CA VAL B 179 5.01 -4.86 46.83
C VAL B 179 4.49 -4.85 48.28
N ASP B 180 5.39 -4.61 49.22
CA ASP B 180 5.02 -4.55 50.65
C ASP B 180 4.02 -3.42 50.95
N ALA B 181 4.20 -2.27 50.29
CA ALA B 181 3.28 -1.13 50.40
C ALA B 181 1.88 -1.48 49.87
N LEU B 182 1.83 -2.21 48.74
CA LEU B 182 0.57 -2.77 48.20
C LEU B 182 -0.10 -3.79 49.14
N ARG B 183 0.72 -4.63 49.78
CA ARG B 183 0.25 -5.67 50.71
C ARG B 183 -0.18 -5.16 52.11
N ASP B 184 0.25 -3.96 52.52
CA ASP B 184 0.06 -3.49 53.90
C ASP B 184 -1.42 -3.11 54.22
N GLU B 185 -2.22 -4.11 54.61
CA GLU B 185 -3.67 -3.93 54.84
C GLU B 185 -4.08 -2.92 55.93
N SER B 186 -3.14 -2.48 56.76
CA SER B 186 -3.36 -1.42 57.76
C SER B 186 -3.35 0.04 57.21
N ARG B 187 -2.87 0.23 55.97
CA ARG B 187 -2.84 1.55 55.34
C ARG B 187 -4.10 1.74 54.47
N PRO B 188 -4.56 3.01 54.28
CA PRO B 188 -5.65 3.28 53.31
C PRO B 188 -5.36 2.86 51.87
N ALA B 189 -6.42 2.69 51.07
CA ALA B 189 -6.30 2.17 49.70
C ALA B 189 -5.49 3.06 48.76
N ALA B 190 -5.74 4.38 48.79
CA ALA B 190 -5.07 5.35 47.89
C ALA B 190 -3.57 5.49 48.14
N SER B 191 -3.12 5.24 49.37
CA SER B 191 -1.70 5.30 49.76
C SER B 191 -0.94 3.99 49.47
N ARG B 192 -1.64 2.85 49.56
CA ARG B 192 -1.06 1.57 49.11
C ARG B 192 -0.79 1.56 47.59
N LEU B 193 -1.78 2.05 46.82
CA LEU B 193 -1.66 2.24 45.36
C LEU B 193 -0.61 3.27 45.00
N ALA B 194 -0.71 4.48 45.57
CA ALA B 194 0.26 5.58 45.33
C ALA B 194 1.74 5.17 45.45
N ALA B 195 2.01 4.23 46.36
CA ALA B 195 3.36 3.64 46.56
C ALA B 195 3.88 2.79 45.39
N ALA B 196 2.97 2.38 44.50
CA ALA B 196 3.29 1.66 43.26
C ALA B 196 3.22 2.50 41.97
N LEU B 197 2.77 3.76 42.07
CA LEU B 197 2.61 4.65 40.89
C LEU B 197 3.65 5.75 40.83
N THR B 198 4.72 5.64 41.63
CA THR B 198 5.70 6.75 41.78
C THR B 198 6.52 6.97 40.49
N PRO B 199 7.11 8.17 40.31
CA PRO B 199 8.08 8.35 39.21
C PRO B 199 9.32 7.44 39.34
N GLN B 200 9.74 7.13 40.57
CA GLN B 200 10.91 6.24 40.84
C GLN B 200 10.72 4.84 40.26
N VAL B 201 9.52 4.26 40.46
CA VAL B 201 9.16 2.94 39.90
C VAL B 201 8.91 2.99 38.37
N ASP B 202 8.18 3.99 37.91
CA ASP B 202 7.93 4.22 36.46
C ASP B 202 9.18 4.09 35.58
N ALA B 203 10.30 4.60 36.08
CA ALA B 203 11.58 4.55 35.37
C ALA B 203 12.11 3.13 35.21
N VAL B 204 12.10 2.37 36.32
CA VAL B 204 12.55 0.97 36.32
C VAL B 204 11.78 0.15 35.27
N LEU B 205 10.46 0.24 35.35
CA LEU B 205 9.58 -0.53 34.48
C LEU B 205 9.66 -0.09 33.02
N ALA B 206 9.86 1.20 32.74
CA ALA B 206 10.06 1.68 31.35
C ALA B 206 11.37 1.17 30.72
N ARG B 207 12.39 0.96 31.55
CA ARG B 207 13.65 0.38 31.13
C ARG B 207 13.60 -1.14 31.10
N HIS B 208 12.89 -1.78 32.07
CA HIS B 208 12.80 -3.26 32.16
C HIS B 208 11.39 -3.82 32.46
N PRO B 209 10.49 -3.70 31.48
CA PRO B 209 9.08 -3.99 31.68
C PRO B 209 8.74 -5.46 31.64
N LEU B 210 7.54 -5.76 32.12
CA LEU B 210 7.09 -7.12 32.28
C LEU B 210 6.30 -7.45 31.03
N ARG B 211 6.83 -8.35 30.21
CA ARG B 211 6.26 -8.64 28.91
C ARG B 211 5.64 -10.04 28.89
N ASP B 212 4.31 -10.09 28.79
CA ASP B 212 3.60 -11.33 28.55
C ASP B 212 3.56 -11.69 27.05
N LEU B 213 3.74 -12.97 26.77
CA LEU B 213 3.33 -13.57 25.51
C LEU B 213 4.06 -12.96 24.32
N VAL B 214 5.36 -12.80 24.51
CA VAL B 214 6.26 -12.15 23.54
C VAL B 214 6.18 -12.89 22.21
N THR B 215 5.96 -12.11 21.16
CA THR B 215 5.68 -12.59 19.82
C THR B 215 6.53 -11.76 18.87
N SER B 216 7.17 -12.45 17.94
CA SER B 216 8.11 -11.85 17.06
C SER B 216 7.64 -11.88 15.60
N SER B 217 7.86 -10.78 14.89
CA SER B 217 7.72 -10.79 13.44
C SER B 217 8.86 -11.62 12.85
N ASP B 218 8.74 -12.02 11.58
CA ASP B 218 9.88 -12.58 10.86
C ASP B 218 10.86 -11.47 10.50
N PRO B 219 12.17 -11.77 10.56
CA PRO B 219 13.15 -10.70 10.36
C PRO B 219 13.15 -10.15 8.94
N LEU B 220 13.26 -8.82 8.81
CA LEU B 220 13.39 -8.16 7.51
C LEU B 220 14.81 -7.63 7.28
N PRO B 221 15.33 -7.71 6.04
CA PRO B 221 16.71 -7.29 5.79
C PRO B 221 16.87 -5.76 5.61
N LEU B 222 18.00 -5.25 6.14
CA LEU B 222 18.44 -3.85 6.03
C LEU B 222 19.88 -3.86 5.48
N LEU B 223 20.13 -3.08 4.42
CA LEU B 223 21.48 -2.91 3.86
C LEU B 223 22.00 -1.54 4.27
N VAL B 224 23.14 -1.53 4.93
CA VAL B 224 23.70 -0.31 5.46
C VAL B 224 24.95 0.01 4.68
N GLU B 225 24.95 1.19 4.07
CA GLU B 225 26.03 1.59 3.18
C GLU B 225 26.77 2.83 3.71
N ARG B 226 27.87 3.16 3.04
CA ARG B 226 28.70 4.26 3.50
C ARG B 226 27.96 5.59 3.39
N GLU B 227 28.29 6.53 4.27
CA GLU B 227 27.71 7.88 4.29
C GLU B 227 27.55 8.53 2.90
N ARG B 228 28.59 8.50 2.08
CA ARG B 228 28.56 9.09 0.73
C ARG B 228 27.37 8.68 -0.18
N ALA B 229 26.85 7.46 0.00
CA ALA B 229 25.65 7.02 -0.72
C ALA B 229 24.44 7.90 -0.48
N LEU B 230 24.35 8.54 0.68
CA LEU B 230 23.23 9.42 0.96
C LEU B 230 23.62 10.89 0.89
N TYR B 231 24.81 11.23 1.41
CA TYR B 231 25.25 12.62 1.59
C TYR B 231 26.47 12.90 0.75
N GLY B 232 26.41 13.99 0.00
CA GLY B 232 27.54 14.46 -0.78
C GLY B 232 27.17 15.50 -1.82
N ALA B 233 28.10 16.39 -2.11
CA ALA B 233 27.94 17.41 -3.13
C ALA B 233 28.77 17.04 -4.36
N TRP B 234 28.10 17.03 -5.51
CA TRP B 234 28.67 16.55 -6.76
C TRP B 234 28.89 17.67 -7.76
N TYR B 235 29.98 17.58 -8.52
CA TYR B 235 30.31 18.54 -9.57
C TYR B 235 30.73 17.80 -10.83
N GLU B 236 29.98 18.02 -11.92
CA GLU B 236 30.28 17.43 -13.21
C GLU B 236 31.06 18.41 -14.07
N PHE B 237 32.15 17.94 -14.67
CA PHE B 237 32.84 18.76 -15.67
C PHE B 237 33.58 17.86 -16.67
N PHE B 238 33.85 18.43 -17.84
CA PHE B 238 34.49 17.76 -18.97
C PHE B 238 35.95 18.15 -18.90
N PRO B 239 36.87 17.18 -18.69
CA PRO B 239 38.30 17.54 -18.65
C PRO B 239 38.84 18.21 -19.89
N ARG B 240 38.44 17.74 -21.07
CA ARG B 240 38.92 18.31 -22.34
C ARG B 240 38.71 19.83 -22.50
N SER B 241 37.69 20.39 -21.86
CA SER B 241 37.48 21.84 -21.89
C SER B 241 38.45 22.64 -21.02
N GLU B 242 39.23 21.99 -20.14
CA GLU B 242 40.27 22.66 -19.35
C GLU B 242 41.65 22.51 -20.00
N GLY B 243 41.82 23.20 -21.13
CA GLY B 243 43.04 23.15 -21.90
C GLY B 243 43.89 24.41 -21.81
N THR B 244 44.81 24.53 -22.76
CA THR B 244 45.73 25.67 -22.83
C THR B 244 45.57 26.38 -24.17
N PRO B 245 46.14 27.59 -24.29
CA PRO B 245 46.17 28.25 -25.61
C PRO B 245 46.90 27.46 -26.68
N HIS B 246 48.04 26.88 -26.31
CA HIS B 246 48.89 26.12 -27.26
C HIS B 246 48.47 24.63 -27.41
N THR B 247 47.74 24.10 -26.42
CA THR B 247 47.09 22.78 -26.53
C THR B 247 45.62 22.87 -26.03
N PRO B 248 44.67 23.19 -26.95
CA PRO B 248 43.26 23.46 -26.59
C PRO B 248 42.52 22.30 -25.91
N HIS B 249 42.72 21.09 -26.41
CA HIS B 249 42.10 19.89 -25.85
C HIS B 249 42.81 19.55 -24.55
N GLY B 250 42.10 19.75 -23.44
CA GLY B 250 42.61 19.47 -22.11
C GLY B 250 43.09 18.04 -21.91
N THR B 251 44.04 17.88 -20.98
CA THR B 251 44.55 16.59 -20.54
C THR B 251 44.17 16.39 -19.09
N PHE B 252 44.40 15.20 -18.56
CA PHE B 252 44.28 15.00 -17.13
C PHE B 252 45.28 15.86 -16.32
N ARG B 253 46.46 16.14 -16.89
CA ARG B 253 47.45 16.99 -16.21
C ARG B 253 46.92 18.43 -16.08
N THR B 254 46.35 18.97 -17.16
CA THR B 254 45.80 20.33 -17.12
C THR B 254 44.49 20.36 -16.35
N ALA B 255 43.64 19.35 -16.54
CA ALA B 255 42.35 19.29 -15.84
C ALA B 255 42.48 19.17 -14.32
N ALA B 256 43.58 18.57 -13.84
CA ALA B 256 43.88 18.52 -12.40
C ALA B 256 43.95 19.91 -11.75
N ARG B 257 44.27 20.94 -12.51
CA ARG B 257 44.37 22.31 -11.98
C ARG B 257 43.02 22.99 -11.74
N ARG B 258 41.95 22.37 -12.25
CA ARG B 258 40.58 22.75 -11.94
C ARG B 258 40.07 22.15 -10.61
N LEU B 259 40.70 21.09 -10.12
CA LEU B 259 40.25 20.43 -8.91
C LEU B 259 40.26 21.32 -7.66
N PRO B 260 41.30 22.15 -7.46
CA PRO B 260 41.33 23.04 -6.28
C PRO B 260 40.13 23.97 -6.14
N ALA B 261 39.69 24.56 -7.24
CA ALA B 261 38.48 25.41 -7.23
C ALA B 261 37.19 24.60 -6.94
N ILE B 262 37.16 23.37 -7.43
CA ILE B 262 36.05 22.45 -7.19
C ILE B 262 35.99 22.10 -5.69
N ALA B 263 37.13 21.76 -5.10
CA ALA B 263 37.20 21.52 -3.64
C ALA B 263 36.99 22.81 -2.78
N ALA B 264 37.40 23.95 -3.27
CA ALA B 264 37.13 25.24 -2.59
C ALA B 264 35.64 25.58 -2.56
N MET B 265 34.91 25.12 -3.59
CA MET B 265 33.46 25.27 -3.61
C MET B 265 32.74 24.30 -2.65
N GLY B 266 33.48 23.34 -2.10
CA GLY B 266 32.99 22.50 -1.02
C GLY B 266 32.33 21.25 -1.54
N PHE B 267 32.75 20.82 -2.73
CA PHE B 267 32.24 19.59 -3.31
C PHE B 267 32.97 18.38 -2.75
N ASP B 268 32.33 17.24 -2.85
CA ASP B 268 32.89 15.98 -2.39
C ASP B 268 33.16 15.02 -3.53
N VAL B 269 32.45 15.17 -4.66
CA VAL B 269 32.53 14.23 -5.80
C VAL B 269 32.72 14.95 -7.12
N VAL B 270 33.52 14.38 -8.00
CA VAL B 270 33.69 14.89 -9.35
C VAL B 270 33.14 13.87 -10.34
N TYR B 271 32.08 14.26 -11.05
CA TYR B 271 31.51 13.40 -12.08
C TYR B 271 32.12 13.79 -13.43
N LEU B 272 32.87 12.87 -14.04
CA LEU B 272 33.46 13.07 -15.38
C LEU B 272 32.65 12.32 -16.43
N PRO B 273 32.34 12.97 -17.57
CA PRO B 273 31.75 12.21 -18.68
C PRO B 273 32.74 11.19 -19.20
N PRO B 274 32.30 10.25 -20.06
CA PRO B 274 33.18 9.17 -20.50
C PRO B 274 34.54 9.65 -20.98
N ILE B 275 35.58 8.99 -20.47
CA ILE B 275 36.97 9.41 -20.66
C ILE B 275 37.70 8.50 -21.65
N HIS B 276 36.93 7.79 -22.46
CA HIS B 276 37.48 6.79 -23.34
C HIS B 276 37.70 7.41 -24.71
N PRO B 277 38.39 6.70 -25.63
CA PRO B 277 38.43 7.14 -27.03
C PRO B 277 37.03 7.32 -27.65
N ILE B 278 36.94 8.17 -28.66
CA ILE B 278 35.65 8.56 -29.24
C ILE B 278 35.64 8.16 -30.70
N GLY B 279 34.53 7.60 -31.14
CA GLY B 279 34.40 7.17 -32.54
C GLY B 279 34.44 8.30 -33.55
N THR B 280 34.85 7.98 -34.78
CA THR B 280 34.80 8.90 -35.92
C THR B 280 33.63 8.63 -36.87
N THR B 281 33.36 7.37 -37.22
CA THR B 281 32.17 7.01 -38.03
C THR B 281 30.89 7.57 -37.44
N HIS B 282 30.16 8.34 -38.25
CA HIS B 282 28.98 9.09 -37.84
C HIS B 282 29.17 10.05 -36.65
N ARG B 283 30.40 10.54 -36.42
CA ARG B 283 30.67 11.50 -35.35
C ARG B 283 29.88 12.78 -35.57
N LYS B 284 29.36 13.34 -34.48
CA LYS B 284 28.51 14.53 -34.55
C LYS B 284 29.32 15.81 -34.43
N GLY B 285 28.87 16.84 -35.16
CA GLY B 285 29.45 18.17 -35.06
C GLY B 285 28.80 19.00 -33.98
N ARG B 286 29.10 20.28 -34.01
CA ARG B 286 28.68 21.24 -32.99
C ARG B 286 27.16 21.41 -33.06
N ASN B 287 26.55 21.73 -31.91
CA ASN B 287 25.10 21.83 -31.76
C ASN B 287 24.32 20.65 -32.33
N ASN B 288 24.86 19.44 -32.14
CA ASN B 288 24.17 18.20 -32.45
C ASN B 288 23.79 18.14 -33.93
N THR B 289 24.78 18.43 -34.78
CA THR B 289 24.65 18.24 -36.25
C THR B 289 25.33 16.92 -36.63
N LEU B 290 24.94 16.36 -37.75
CA LEU B 290 25.25 14.95 -38.07
C LEU B 290 26.69 14.66 -38.50
N SER B 291 27.29 15.57 -39.26
CA SER B 291 28.64 15.35 -39.78
C SER B 291 29.60 16.38 -39.21
N ALA B 292 30.65 15.87 -38.58
CA ALA B 292 31.69 16.68 -37.97
C ALA B 292 32.70 17.17 -39.00
N THR B 293 33.28 18.34 -38.75
CA THR B 293 34.43 18.86 -39.50
C THR B 293 35.73 18.22 -38.97
N GLY B 294 36.84 18.45 -39.68
CA GLY B 294 38.11 17.76 -39.43
C GLY B 294 38.64 17.79 -38.01
N ASP B 295 38.38 18.88 -37.31
CA ASP B 295 38.85 19.03 -35.92
C ASP B 295 37.72 19.07 -34.86
N ASP B 296 36.52 18.56 -35.20
CA ASP B 296 35.40 18.49 -34.25
C ASP B 296 35.69 17.31 -33.31
N VAL B 297 35.53 17.52 -32.02
CA VAL B 297 35.95 16.55 -31.00
C VAL B 297 34.96 15.41 -30.75
N GLY B 298 33.72 15.57 -31.19
CA GLY B 298 32.70 14.54 -30.99
C GLY B 298 32.13 14.49 -29.58
N VAL B 299 31.23 13.52 -29.39
CA VAL B 299 30.51 13.34 -28.15
C VAL B 299 31.18 12.23 -27.33
N PRO B 300 31.61 12.55 -26.08
CA PRO B 300 32.25 11.53 -25.21
C PRO B 300 31.48 10.19 -25.08
N TRP B 301 30.15 10.26 -25.04
CA TRP B 301 29.31 9.06 -24.91
C TRP B 301 29.33 8.11 -26.14
N ALA B 302 29.92 8.53 -27.26
CA ALA B 302 30.13 7.68 -28.43
C ALA B 302 31.47 6.95 -28.33
N ILE B 303 31.50 6.00 -27.41
CA ILE B 303 32.72 5.39 -26.90
C ILE B 303 33.27 4.37 -27.90
N GLY B 304 34.57 4.44 -28.17
CA GLY B 304 35.26 3.37 -28.89
C GLY B 304 35.89 3.74 -30.20
N SER B 305 37.17 3.39 -30.35
CA SER B 305 37.90 3.49 -31.62
C SER B 305 38.89 2.32 -31.67
N PRO B 306 39.57 2.14 -32.81
CA PRO B 306 40.68 1.21 -32.83
C PRO B 306 41.70 1.39 -31.68
N GLU B 307 41.83 2.61 -31.15
CA GLU B 307 42.70 2.91 -29.99
C GLU B 307 42.20 2.40 -28.63
N GLY B 308 40.97 1.89 -28.56
CA GLY B 308 40.48 1.24 -27.35
C GLY B 308 39.00 1.44 -27.09
N GLY B 309 38.52 0.75 -26.05
CA GLY B 309 37.11 0.78 -25.63
C GLY B 309 36.95 1.35 -24.23
N HIS B 310 36.00 0.78 -23.48
CA HIS B 310 35.65 1.29 -22.14
C HIS B 310 36.74 1.05 -21.08
N ASP B 311 37.75 0.23 -21.38
CA ASP B 311 38.93 0.04 -20.50
C ASP B 311 40.13 0.95 -20.83
N SER B 312 39.96 1.88 -21.80
CA SER B 312 41.04 2.75 -22.30
C SER B 312 40.80 4.22 -22.03
N ILE B 313 41.88 4.99 -22.11
CA ILE B 313 41.84 6.44 -21.99
C ILE B 313 41.86 7.05 -23.40
N HIS B 314 41.09 8.12 -23.60
CA HIS B 314 41.19 8.92 -24.83
C HIS B 314 42.64 9.43 -24.97
N PRO B 315 43.29 9.25 -26.14
CA PRO B 315 44.73 9.61 -26.21
C PRO B 315 45.04 11.11 -26.03
N ALA B 316 44.13 11.98 -26.43
CA ALA B 316 44.16 13.41 -26.07
C ALA B 316 43.99 13.75 -24.59
N LEU B 317 43.46 12.82 -23.79
CA LEU B 317 43.36 13.05 -22.35
C LEU B 317 44.67 12.74 -21.60
N GLY B 318 45.48 11.84 -22.15
CA GLY B 318 46.74 11.42 -21.54
C GLY B 318 46.86 9.91 -21.47
N THR B 319 47.65 9.42 -20.53
CA THR B 319 47.82 7.98 -20.31
C THR B 319 47.09 7.53 -19.05
N LEU B 320 47.04 6.22 -18.85
CA LEU B 320 46.52 5.65 -17.61
C LEU B 320 47.25 6.25 -16.40
N ASP B 321 48.57 6.40 -16.53
CA ASP B 321 49.39 7.01 -15.48
C ASP B 321 48.94 8.45 -15.14
N ASP B 322 48.62 9.27 -16.14
CA ASP B 322 48.14 10.65 -15.90
C ASP B 322 46.82 10.66 -15.13
N PHE B 323 45.97 9.68 -15.44
CA PHE B 323 44.72 9.48 -14.71
C PHE B 323 44.98 9.17 -13.23
N ASP B 324 46.00 8.36 -12.92
CA ASP B 324 46.32 8.03 -11.52
C ASP B 324 46.73 9.29 -10.77
N HIS B 325 47.59 10.12 -11.39
CA HIS B 325 47.99 11.41 -10.81
CA HIS B 325 48.00 11.35 -10.75
C HIS B 325 46.77 12.27 -10.56
N PHE B 326 45.83 12.27 -11.52
CA PHE B 326 44.58 13.06 -11.38
C PHE B 326 43.75 12.62 -10.16
N VAL B 327 43.56 11.32 -10.03
CA VAL B 327 42.80 10.71 -8.94
C VAL B 327 43.44 11.04 -7.59
N THR B 328 44.78 10.94 -7.54
CA THR B 328 45.55 11.22 -6.33
C THR B 328 45.39 12.70 -5.95
N GLU B 329 45.56 13.59 -6.92
CA GLU B 329 45.33 15.02 -6.68
C GLU B 329 43.91 15.31 -6.20
N ALA B 330 42.92 14.61 -6.75
CA ALA B 330 41.55 14.74 -6.26
C ALA B 330 41.44 14.37 -4.78
N GLY B 331 41.90 13.16 -4.43
CA GLY B 331 41.94 12.67 -3.05
C GLY B 331 42.63 13.58 -2.05
N LYS B 332 43.80 14.09 -2.42
CA LYS B 332 44.50 15.11 -1.61
C LYS B 332 43.65 16.32 -1.26
N LEU B 333 42.68 16.65 -2.14
CA LEU B 333 41.70 17.70 -1.89
C LEU B 333 40.34 17.19 -1.37
N GLY B 334 40.27 15.92 -0.96
CA GLY B 334 39.03 15.32 -0.47
C GLY B 334 37.92 15.13 -1.48
N LEU B 335 38.29 14.93 -2.75
CA LEU B 335 37.35 14.66 -3.81
C LEU B 335 37.50 13.22 -4.30
N GLU B 336 36.37 12.54 -4.45
CA GLU B 336 36.32 11.23 -5.07
C GLU B 336 35.88 11.40 -6.50
N ILE B 337 36.26 10.43 -7.32
CA ILE B 337 36.00 10.47 -8.73
C ILE B 337 34.85 9.55 -9.05
N ALA B 338 33.92 10.03 -9.87
CA ALA B 338 32.84 9.22 -10.44
C ALA B 338 32.93 9.22 -11.96
N LEU B 339 33.17 8.04 -12.54
CA LEU B 339 33.23 7.90 -14.00
C LEU B 339 31.85 7.54 -14.54
N ASP B 340 31.55 8.09 -15.71
CA ASP B 340 30.38 7.72 -16.44
C ASP B 340 30.64 6.34 -16.98
N PHE B 341 29.70 5.41 -16.75
CA PHE B 341 29.66 4.11 -17.42
C PHE B 341 28.42 4.06 -18.33
N ALA B 342 28.66 4.24 -19.63
CA ALA B 342 27.60 4.13 -20.62
C ALA B 342 27.84 2.87 -21.46
N LEU B 343 26.99 1.86 -21.28
CA LEU B 343 27.10 0.59 -22.00
C LEU B 343 26.48 0.67 -23.41
N GLN B 344 27.30 1.17 -24.32
CA GLN B 344 26.95 1.41 -25.72
C GLN B 344 28.28 1.63 -26.49
N CYS B 345 28.21 1.77 -27.82
CA CYS B 345 29.42 1.79 -28.66
C CYS B 345 29.30 2.73 -29.84
N SER B 346 30.41 3.37 -30.21
CA SER B 346 30.53 3.95 -31.55
C SER B 346 30.72 2.80 -32.54
N PRO B 347 30.40 3.03 -33.84
CA PRO B 347 30.63 1.95 -34.81
C PRO B 347 32.09 1.45 -34.91
N ASP B 348 33.05 2.30 -34.54
CA ASP B 348 34.48 1.94 -34.56
C ASP B 348 34.95 1.23 -33.28
N HIS B 349 34.05 0.97 -32.34
CA HIS B 349 34.39 0.27 -31.10
C HIS B 349 34.80 -1.17 -31.46
N PRO B 350 35.92 -1.67 -30.92
CA PRO B 350 36.36 -3.02 -31.25
C PRO B 350 35.27 -4.09 -31.17
N TRP B 351 34.48 -4.06 -30.10
CA TRP B 351 33.32 -4.95 -29.89
C TRP B 351 32.42 -5.20 -31.09
N VAL B 352 32.28 -4.22 -32.00
CA VAL B 352 31.40 -4.43 -33.16
C VAL B 352 31.80 -5.68 -33.97
N HIS B 353 33.12 -5.85 -34.22
CA HIS B 353 33.65 -6.99 -34.97
CA HIS B 353 33.62 -6.99 -34.98
C HIS B 353 34.04 -8.16 -34.08
N LYS B 354 34.49 -7.89 -32.86
CA LYS B 354 34.85 -8.96 -31.90
C LYS B 354 33.63 -9.73 -31.36
N HIS B 355 32.59 -8.99 -30.98
CA HIS B 355 31.41 -9.61 -30.38
C HIS B 355 30.18 -9.12 -31.16
N PRO B 356 29.97 -9.62 -32.40
CA PRO B 356 28.81 -9.21 -33.19
C PRO B 356 27.45 -9.47 -32.49
N GLU B 357 27.38 -10.59 -31.78
CA GLU B 357 26.20 -10.97 -31.01
C GLU B 357 25.82 -9.99 -29.89
N TRP B 358 26.67 -9.01 -29.59
CA TRP B 358 26.30 -7.98 -28.61
C TRP B 358 25.54 -6.80 -29.20
N PHE B 359 25.08 -6.92 -30.45
CA PHE B 359 24.26 -5.89 -31.12
C PHE B 359 23.14 -6.58 -31.87
N HIS B 360 22.08 -5.82 -32.16
CA HIS B 360 20.93 -6.32 -32.93
C HIS B 360 21.16 -5.91 -34.38
N HIS B 361 21.11 -6.88 -35.29
CA HIS B 361 21.37 -6.65 -36.71
C HIS B 361 20.08 -6.83 -37.50
N ARG B 362 19.79 -5.87 -38.38
CA ARG B 362 18.65 -5.96 -39.30
C ARG B 362 18.92 -7.00 -40.40
N PRO B 363 17.90 -7.33 -41.24
CA PRO B 363 18.14 -8.37 -42.27
C PRO B 363 19.34 -8.21 -43.22
N ASP B 364 19.80 -6.97 -43.43
CA ASP B 364 20.98 -6.68 -44.25
C ASP B 364 22.30 -6.63 -43.46
N GLY B 365 22.28 -6.97 -42.18
CA GLY B 365 23.48 -6.99 -41.36
C GLY B 365 23.88 -5.66 -40.76
N THR B 366 23.14 -4.59 -41.01
CA THR B 366 23.42 -3.29 -40.38
C THR B 366 22.77 -3.18 -39.02
N ILE B 367 23.40 -2.37 -38.19
CA ILE B 367 22.96 -2.17 -36.82
C ILE B 367 22.28 -0.81 -36.81
N ALA B 368 21.01 -0.80 -36.35
CA ALA B 368 20.24 0.44 -36.14
C ALA B 368 20.86 1.27 -35.01
N HIS B 369 21.10 2.55 -35.28
CA HIS B 369 21.58 3.50 -34.29
C HIS B 369 20.60 3.70 -33.13
N ALA B 370 21.12 4.12 -31.98
CA ALA B 370 20.31 4.29 -30.77
C ALA B 370 19.31 5.47 -30.83
N GLU B 371 18.20 5.27 -30.13
CA GLU B 371 17.07 6.21 -30.08
C GLU B 371 16.52 6.32 -28.66
N ASN B 372 15.97 7.49 -28.35
CA ASN B 372 15.21 7.70 -27.11
C ASN B 372 14.20 8.78 -27.51
N PRO B 373 13.21 8.40 -28.35
CA PRO B 373 12.46 9.34 -29.19
C PRO B 373 11.88 10.58 -28.44
N PRO B 374 11.91 11.79 -29.03
CA PRO B 374 12.39 12.05 -30.40
C PRO B 374 13.92 12.31 -30.57
N LYS B 375 14.71 12.10 -29.50
CA LYS B 375 16.19 12.20 -29.58
C LYS B 375 16.80 11.02 -30.35
N LYS B 376 17.44 11.33 -31.47
CA LYS B 376 18.17 10.35 -32.26
C LYS B 376 19.65 10.32 -31.84
N TYR B 377 20.25 9.13 -31.79
CA TYR B 377 21.67 8.99 -31.47
C TYR B 377 22.44 8.29 -32.62
N GLN B 378 22.65 9.03 -33.71
CA GLN B 378 23.26 8.50 -34.95
C GLN B 378 24.73 8.08 -34.80
N ASP B 379 25.42 8.65 -33.80
CA ASP B 379 26.81 8.33 -33.51
C ASP B 379 27.03 7.05 -32.68
N ILE B 380 25.98 6.41 -32.17
CA ILE B 380 26.15 5.17 -31.38
C ILE B 380 25.24 3.96 -31.75
N TYR B 381 25.69 2.78 -31.33
CA TYR B 381 24.89 1.54 -31.37
C TYR B 381 24.45 1.12 -29.95
N PRO B 382 23.18 0.71 -29.78
CA PRO B 382 22.79 0.08 -28.51
C PRO B 382 23.21 -1.39 -28.44
N ILE B 383 23.45 -1.86 -27.22
CA ILE B 383 23.84 -3.22 -26.92
C ILE B 383 22.57 -4.06 -26.83
N ALA B 384 22.63 -5.28 -27.38
CA ALA B 384 21.59 -6.32 -27.24
C ALA B 384 22.08 -7.36 -26.26
N PHE B 385 21.15 -7.91 -25.49
CA PHE B 385 21.48 -8.62 -24.27
C PHE B 385 21.16 -10.11 -24.24
N ASP B 386 20.39 -10.59 -25.22
CA ASP B 386 19.80 -11.94 -25.14
C ASP B 386 20.57 -13.03 -25.90
N ALA B 387 21.62 -12.65 -26.61
CA ALA B 387 22.48 -13.61 -27.29
C ALA B 387 23.61 -14.10 -26.39
N ASP B 388 24.29 -13.17 -25.69
CA ASP B 388 25.43 -13.50 -24.82
C ASP B 388 25.40 -12.68 -23.52
N PRO B 389 24.39 -12.93 -22.67
CA PRO B 389 24.31 -12.20 -21.39
C PRO B 389 25.45 -12.52 -20.40
N ASP B 390 25.93 -13.75 -20.40
CA ASP B 390 27.03 -14.14 -19.52
C ASP B 390 28.33 -13.41 -19.87
N GLY B 391 28.66 -13.33 -21.14
CA GLY B 391 29.87 -12.63 -21.59
C GLY B 391 29.79 -11.12 -21.37
N LEU B 392 28.60 -10.57 -21.56
CA LEU B 392 28.33 -9.15 -21.33
C LEU B 392 28.49 -8.76 -19.86
N ALA B 393 27.97 -9.60 -18.97
CA ALA B 393 28.08 -9.37 -17.54
C ALA B 393 29.55 -9.48 -17.11
N THR B 394 30.19 -10.56 -17.54
CA THR B 394 31.60 -10.84 -17.26
C THR B 394 32.48 -9.67 -17.69
N GLU B 395 32.22 -9.13 -18.87
CA GLU B 395 33.03 -8.06 -19.41
C GLU B 395 32.76 -6.75 -18.70
N THR B 396 31.51 -6.57 -18.25
CA THR B 396 31.12 -5.34 -17.60
C THR B 396 31.75 -5.27 -16.23
N VAL B 397 31.65 -6.33 -15.46
CA VAL B 397 32.32 -6.34 -14.14
C VAL B 397 33.84 -6.22 -14.26
N ARG B 398 34.45 -6.77 -15.32
CA ARG B 398 35.89 -6.62 -15.55
C ARG B 398 36.27 -5.14 -15.79
N ILE B 399 35.52 -4.46 -16.65
CA ILE B 399 35.74 -3.03 -16.92
C ILE B 399 35.57 -2.21 -15.64
N LEU B 400 34.53 -2.49 -14.87
CA LEU B 400 34.30 -1.80 -13.61
C LEU B 400 35.41 -2.05 -12.61
N ARG B 401 35.87 -3.30 -12.54
CA ARG B 401 36.97 -3.64 -11.62
C ARG B 401 38.27 -2.97 -12.00
N HIS B 402 38.53 -2.84 -13.30
CA HIS B 402 39.71 -2.09 -13.77
C HIS B 402 39.73 -0.66 -13.20
N TRP B 403 38.63 0.07 -13.38
CA TRP B 403 38.55 1.46 -12.90
C TRP B 403 38.59 1.53 -11.36
N MET B 404 38.01 0.53 -10.70
CA MET B 404 38.12 0.39 -9.25
C MET B 404 39.57 0.16 -8.79
N ASP B 405 40.38 -0.54 -9.59
CA ASP B 405 41.82 -0.72 -9.27
C ASP B 405 42.56 0.62 -9.29
N HIS B 406 42.01 1.60 -10.01
CA HIS B 406 42.60 2.93 -10.06
C HIS B 406 41.84 3.95 -9.22
N GLY B 407 41.11 3.48 -8.22
CA GLY B 407 40.54 4.37 -7.23
C GLY B 407 39.22 5.02 -7.61
N VAL B 408 38.52 4.46 -8.61
CA VAL B 408 37.17 4.89 -8.91
C VAL B 408 36.22 4.00 -8.13
N ARG B 409 35.59 4.56 -7.10
CA ARG B 409 34.62 3.86 -6.24
C ARG B 409 33.16 4.31 -6.49
N ILE B 410 32.91 5.05 -7.56
CA ILE B 410 31.58 5.57 -7.87
C ILE B 410 31.39 5.57 -9.39
N PHE B 411 30.23 5.10 -9.84
CA PHE B 411 29.90 5.01 -11.26
C PHE B 411 28.54 5.60 -11.50
N ARG B 412 28.49 6.59 -12.40
CA ARG B 412 27.25 7.23 -12.81
C ARG B 412 26.90 6.41 -14.03
N VAL B 413 25.86 5.59 -13.93
CA VAL B 413 25.49 4.68 -15.01
C VAL B 413 24.50 5.38 -15.96
N ASP B 414 24.93 5.55 -17.21
CA ASP B 414 24.13 6.24 -18.21
C ASP B 414 23.00 5.36 -18.72
N ASN B 415 21.80 5.95 -18.85
CA ASN B 415 20.63 5.32 -19.46
C ASN B 415 20.33 3.89 -18.98
N PRO B 416 20.38 3.66 -17.66
CA PRO B 416 20.27 2.26 -17.22
C PRO B 416 18.98 1.56 -17.67
N HIS B 417 17.91 2.36 -17.81
CA HIS B 417 16.60 1.91 -18.25
C HIS B 417 16.50 1.39 -19.67
N THR B 418 17.57 1.51 -20.45
CA THR B 418 17.62 0.92 -21.81
C THR B 418 18.36 -0.41 -21.85
N LYS B 419 18.85 -0.87 -20.70
CA LYS B 419 19.45 -2.20 -20.54
C LYS B 419 18.55 -2.94 -19.58
N PRO B 420 18.52 -4.29 -19.62
CA PRO B 420 17.62 -5.10 -18.77
C PRO B 420 17.78 -4.86 -17.27
N VAL B 421 16.67 -4.89 -16.54
CA VAL B 421 16.69 -4.54 -15.12
C VAL B 421 17.52 -5.58 -14.38
N ALA B 422 17.30 -6.85 -14.74
CA ALA B 422 18.03 -7.97 -14.16
C ALA B 422 19.51 -7.96 -14.50
N PHE B 423 19.92 -7.25 -15.56
CA PHE B 423 21.34 -7.13 -15.86
C PHE B 423 22.04 -6.32 -14.77
N TRP B 424 21.46 -5.17 -14.42
CA TRP B 424 22.02 -4.34 -13.35
C TRP B 424 21.92 -4.99 -11.97
N GLU B 425 20.87 -5.75 -11.74
CA GLU B 425 20.76 -6.49 -10.49
C GLU B 425 21.96 -7.45 -10.32
N ARG B 426 22.25 -8.19 -11.39
CA ARG B 426 23.36 -9.11 -11.42
C ARG B 426 24.69 -8.40 -11.28
N VAL B 427 24.87 -7.36 -12.07
CA VAL B 427 26.13 -6.64 -12.09
C VAL B 427 26.42 -5.98 -10.74
N ILE B 428 25.43 -5.34 -10.14
CA ILE B 428 25.62 -4.64 -8.86
C ILE B 428 25.90 -5.64 -7.73
N ALA B 429 25.14 -6.73 -7.70
CA ALA B 429 25.35 -7.81 -6.73
C ALA B 429 26.78 -8.38 -6.81
N ASP B 430 27.25 -8.64 -8.04
CA ASP B 430 28.62 -9.06 -8.25
C ASP B 430 29.65 -8.09 -7.65
N ILE B 431 29.55 -6.80 -8.01
CA ILE B 431 30.59 -5.83 -7.65
C ILE B 431 30.58 -5.54 -6.15
N ASN B 432 29.39 -5.31 -5.60
CA ASN B 432 29.24 -5.09 -4.16
C ASN B 432 29.59 -6.32 -3.30
N GLY B 433 29.51 -7.53 -3.85
CA GLY B 433 29.91 -8.77 -3.16
C GLY B 433 31.36 -8.82 -2.74
N THR B 434 32.25 -8.23 -3.52
CA THR B 434 33.68 -8.07 -3.16
C THR B 434 34.00 -6.67 -2.63
N ASP B 435 33.36 -5.66 -3.21
CA ASP B 435 33.62 -4.26 -2.94
C ASP B 435 32.28 -3.57 -2.64
N PRO B 436 31.79 -3.73 -1.38
CA PRO B 436 30.49 -3.13 -1.00
C PRO B 436 30.48 -1.60 -0.93
N ASP B 437 31.65 -0.96 -0.91
CA ASP B 437 31.75 0.50 -0.88
C ASP B 437 31.48 1.18 -2.25
N VAL B 438 31.36 0.39 -3.34
CA VAL B 438 31.13 0.97 -4.64
C VAL B 438 29.69 1.45 -4.69
N ILE B 439 29.52 2.66 -5.24
CA ILE B 439 28.25 3.39 -5.31
C ILE B 439 27.85 3.51 -6.78
N PHE B 440 26.65 3.05 -7.11
CA PHE B 440 26.10 3.15 -8.45
C PHE B 440 24.96 4.18 -8.45
N LEU B 441 25.01 5.12 -9.39
CA LEU B 441 24.04 6.21 -9.49
C LEU B 441 23.27 6.04 -10.78
N ALA B 442 21.95 5.93 -10.68
CA ALA B 442 21.12 5.60 -11.82
C ALA B 442 20.67 6.88 -12.48
N ALA B 443 21.18 7.16 -13.68
CA ALA B 443 20.66 8.27 -14.50
C ALA B 443 19.48 7.83 -15.31
N ALA B 444 18.37 7.55 -14.62
CA ALA B 444 17.14 7.07 -15.23
C ALA B 444 16.06 8.15 -15.24
N PHE B 445 16.14 9.00 -16.24
CA PHE B 445 15.08 9.95 -16.54
C PHE B 445 14.00 9.22 -17.37
N THR B 446 13.12 8.51 -16.68
CA THR B 446 12.14 7.59 -17.27
C THR B 446 10.85 7.60 -16.41
N ARG B 447 9.95 6.65 -16.64
CA ARG B 447 8.71 6.58 -15.91
C ARG B 447 8.92 6.10 -14.46
N PRO B 448 7.97 6.40 -13.55
CA PRO B 448 8.13 6.04 -12.13
C PRO B 448 8.44 4.57 -11.79
N ALA B 449 7.82 3.65 -12.51
CA ALA B 449 7.94 2.24 -12.14
C ALA B 449 9.37 1.70 -12.38
N MET B 450 9.96 2.02 -13.53
CA MET B 450 11.36 1.72 -13.78
C MET B 450 12.32 2.48 -12.84
N MET B 451 12.07 3.76 -12.60
CA MET B 451 12.89 4.56 -11.65
C MET B 451 13.01 3.82 -10.33
N ALA B 452 11.85 3.47 -9.78
CA ALA B 452 11.79 2.81 -8.49
C ALA B 452 12.46 1.44 -8.53
N THR B 453 12.13 0.64 -9.54
CA THR B 453 12.66 -0.70 -9.63
C THR B 453 14.20 -0.73 -9.67
N LEU B 454 14.81 0.23 -10.36
CA LEU B 454 16.26 0.29 -10.45
C LEU B 454 16.86 0.49 -9.07
N ALA B 455 16.29 1.43 -8.33
CA ALA B 455 16.77 1.70 -6.97
C ALA B 455 16.57 0.46 -6.09
N GLN B 456 15.43 -0.20 -6.20
CA GLN B 456 15.15 -1.38 -5.40
C GLN B 456 16.06 -2.58 -5.72
N ILE B 457 16.52 -2.71 -6.96
CA ILE B 457 17.41 -3.85 -7.27
C ILE B 457 18.88 -3.58 -6.96
N GLY B 458 19.21 -2.40 -6.43
CA GLY B 458 20.53 -2.15 -5.88
C GLY B 458 21.18 -0.80 -6.10
N PHE B 459 20.69 -0.01 -7.04
CA PHE B 459 21.31 1.31 -7.30
C PHE B 459 21.32 2.14 -6.04
N GLN B 460 22.51 2.47 -5.56
CA GLN B 460 22.66 3.24 -4.31
C GLN B 460 22.03 4.60 -4.39
N GLN B 461 21.96 5.17 -5.59
CA GLN B 461 21.51 6.53 -5.80
C GLN B 461 20.73 6.64 -7.09
N SER B 462 19.88 7.66 -7.19
CA SER B 462 19.01 7.87 -8.34
C SER B 462 18.89 9.34 -8.69
N TYR B 463 19.08 9.67 -9.96
CA TYR B 463 18.63 10.94 -10.51
C TYR B 463 17.11 10.97 -10.39
N THR B 464 16.53 12.16 -10.44
CA THR B 464 15.14 12.38 -10.06
C THR B 464 14.43 13.32 -11.02
N TYR B 465 13.16 13.57 -10.75
CA TYR B 465 12.42 14.63 -11.45
C TYR B 465 12.64 16.07 -10.88
N PHE B 466 13.74 16.32 -10.17
CA PHE B 466 13.94 17.60 -9.47
C PHE B 466 13.89 18.84 -10.38
N THR B 467 14.50 18.74 -11.55
CA THR B 467 14.54 19.86 -12.52
C THR B 467 13.19 20.20 -13.16
N TRP B 468 12.21 19.30 -13.06
CA TRP B 468 10.84 19.59 -13.52
C TRP B 468 9.85 19.82 -12.35
N ARG B 469 10.38 20.25 -11.20
CA ARG B 469 9.58 20.57 -10.02
C ARG B 469 10.03 21.94 -9.53
N ASN B 470 9.36 22.98 -10.01
CA ASN B 470 9.80 24.38 -9.80
C ASN B 470 8.87 25.25 -8.97
N THR B 471 7.56 24.97 -9.01
CA THR B 471 6.56 25.63 -8.17
C THR B 471 6.49 25.05 -6.76
N LYS B 472 5.81 25.76 -5.87
CA LYS B 472 5.68 25.34 -4.47
C LYS B 472 4.88 24.05 -4.33
N GLN B 473 3.81 23.93 -5.11
CA GLN B 473 2.99 22.74 -5.11
C GLN B 473 3.76 21.51 -5.64
N GLU B 474 4.58 21.73 -6.67
CA GLU B 474 5.37 20.66 -7.28
C GLU B 474 6.46 20.18 -6.34
N LEU B 475 7.14 21.13 -5.71
CA LEU B 475 8.24 20.81 -4.82
C LEU B 475 7.75 20.06 -3.59
N THR B 476 6.71 20.61 -2.96
CA THR B 476 6.12 20.02 -1.75
C THR B 476 5.63 18.58 -1.99
N GLU B 477 4.88 18.37 -3.07
CA GLU B 477 4.34 17.05 -3.43
C GLU B 477 5.42 16.02 -3.68
N TYR B 478 6.41 16.42 -4.48
CA TYR B 478 7.51 15.54 -4.86
C TYR B 478 8.41 15.22 -3.65
N LEU B 479 8.76 16.22 -2.84
CA LEU B 479 9.67 15.99 -1.72
C LEU B 479 9.00 15.21 -0.60
N THR B 480 7.70 15.42 -0.43
CA THR B 480 6.90 14.59 0.47
C THR B 480 6.97 13.13 0.02
N GLU B 481 6.92 12.90 -1.29
CA GLU B 481 7.06 11.56 -1.83
C GLU B 481 8.49 11.00 -1.54
N LEU B 482 9.51 11.76 -1.90
CA LEU B 482 10.89 11.27 -1.77
C LEU B 482 11.39 11.06 -0.33
N SER B 483 10.87 11.83 0.64
CA SER B 483 11.26 11.70 2.06
C SER B 483 10.37 10.76 2.87
N GLY B 484 9.24 10.34 2.30
CA GLY B 484 8.38 9.32 2.91
C GLY B 484 8.81 7.92 2.54
N GLU B 485 7.87 7.12 2.06
CA GLU B 485 8.08 5.68 1.90
C GLU B 485 9.21 5.30 0.96
N ALA B 486 9.47 6.11 -0.06
CA ALA B 486 10.52 5.75 -1.03
C ALA B 486 11.95 5.89 -0.49
N ALA B 487 12.12 6.62 0.61
CA ALA B 487 13.43 6.72 1.28
C ALA B 487 14.03 5.37 1.73
N SER B 488 13.18 4.37 1.89
CA SER B 488 13.63 3.03 2.25
C SER B 488 14.33 2.25 1.14
N TYR B 489 14.20 2.70 -0.11
CA TYR B 489 14.89 2.06 -1.24
C TYR B 489 15.61 3.02 -2.21
N MET B 490 15.31 4.31 -2.21
CA MET B 490 15.89 5.28 -3.15
C MET B 490 16.56 6.43 -2.43
N ARG B 491 17.75 6.81 -2.89
CA ARG B 491 18.45 7.98 -2.38
C ARG B 491 18.57 8.99 -3.54
N PRO B 492 18.03 10.20 -3.36
CA PRO B 492 17.99 11.14 -4.47
C PRO B 492 19.28 11.94 -4.62
N ASN B 493 19.69 12.18 -5.86
CA ASN B 493 20.77 13.10 -6.17
C ASN B 493 20.18 14.26 -7.01
N PHE B 494 20.06 15.44 -6.40
CA PHE B 494 19.48 16.63 -7.05
C PHE B 494 20.50 17.47 -7.84
N PHE B 495 20.63 17.14 -9.12
CA PHE B 495 21.40 17.97 -10.02
C PHE B 495 20.47 19.12 -10.43
N ALA B 496 20.86 20.34 -10.09
CA ALA B 496 20.09 21.52 -10.50
C ALA B 496 20.10 21.70 -12.04
N ASN B 497 21.13 21.19 -12.71
CA ASN B 497 21.19 21.12 -14.17
C ASN B 497 22.04 19.91 -14.62
N THR B 498 21.88 19.50 -15.88
CA THR B 498 22.81 18.57 -16.49
C THR B 498 23.18 19.09 -17.87
N PRO B 499 24.16 18.45 -18.52
CA PRO B 499 24.43 18.91 -19.89
C PRO B 499 23.25 18.69 -20.86
N ASP B 500 22.28 17.87 -20.47
CA ASP B 500 21.06 17.65 -21.25
C ASP B 500 19.83 18.45 -20.79
N ILE B 501 19.92 19.14 -19.65
CA ILE B 501 18.75 19.78 -19.01
C ILE B 501 19.02 21.21 -18.48
N LEU B 502 18.75 22.19 -19.33
CA LEU B 502 18.66 23.60 -18.94
C LEU B 502 17.17 23.97 -18.92
N HIS B 503 16.57 23.93 -17.74
CA HIS B 503 15.14 24.14 -17.59
C HIS B 503 14.77 25.61 -17.80
N ALA B 504 13.54 25.81 -18.27
CA ALA B 504 13.06 27.15 -18.66
C ALA B 504 13.07 28.17 -17.51
N TYR B 505 12.72 27.71 -16.31
CA TYR B 505 12.89 28.48 -15.06
C TYR B 505 14.24 29.19 -15.01
N LEU B 506 15.30 28.49 -15.39
CA LEU B 506 16.62 29.09 -15.41
C LEU B 506 16.82 29.97 -16.66
N GLN B 507 16.25 29.56 -17.79
CA GLN B 507 16.29 30.35 -19.03
C GLN B 507 15.61 31.71 -18.85
N HIS B 508 14.34 31.67 -18.42
CA HIS B 508 13.54 32.88 -18.18
C HIS B 508 13.94 33.60 -16.88
N GLY B 509 14.59 32.90 -15.96
CA GLY B 509 14.92 33.45 -14.64
C GLY B 509 16.23 34.22 -14.43
N GLY B 510 17.27 33.91 -15.20
CA GLY B 510 18.58 34.51 -15.00
C GLY B 510 19.24 34.11 -13.68
N ARG B 511 20.24 34.88 -13.25
CA ARG B 511 21.01 34.56 -12.03
C ARG B 511 20.16 34.32 -10.76
N PRO B 512 19.14 35.18 -10.49
CA PRO B 512 18.22 34.96 -9.35
C PRO B 512 17.61 33.57 -9.28
N ALA B 513 17.20 33.05 -10.43
CA ALA B 513 16.72 31.67 -10.55
C ALA B 513 17.79 30.62 -10.25
N PHE B 514 19.02 30.87 -10.69
CA PHE B 514 20.16 29.98 -10.34
C PHE B 514 20.41 29.93 -8.83
N GLU B 515 20.20 31.06 -8.15
CA GLU B 515 20.33 31.11 -6.71
C GLU B 515 19.23 30.30 -6.04
N VAL B 516 18.00 30.50 -6.48
CA VAL B 516 16.84 29.76 -5.97
C VAL B 516 17.01 28.25 -6.12
N ARG B 517 17.31 27.78 -7.33
CA ARG B 517 17.43 26.33 -7.56
C ARG B 517 18.61 25.70 -6.82
N ALA B 518 19.69 26.46 -6.60
CA ALA B 518 20.84 25.94 -5.85
C ALA B 518 20.53 25.74 -4.36
N VAL B 519 19.82 26.70 -3.75
CA VAL B 519 19.40 26.63 -2.34
C VAL B 519 18.38 25.49 -2.14
N LEU B 520 17.39 25.43 -3.03
CA LEU B 520 16.45 24.32 -3.06
C LEU B 520 17.15 22.95 -3.17
N ALA B 521 18.07 22.77 -4.11
CA ALA B 521 18.72 21.45 -4.26
C ALA B 521 19.59 21.06 -3.06
N ALA B 522 20.37 22.01 -2.57
CA ALA B 522 21.33 21.75 -1.49
C ALA B 522 20.68 21.48 -0.13
N THR B 523 19.52 22.12 0.12
CA THR B 523 18.82 21.98 1.40
C THR B 523 17.69 20.92 1.40
N LEU B 524 17.16 20.52 0.26
CA LEU B 524 16.09 19.53 0.24
C LEU B 524 16.57 18.07 0.09
N SER B 525 17.79 17.86 -0.40
CA SER B 525 18.39 16.53 -0.49
C SER B 525 19.79 16.56 0.07
N PRO B 526 20.19 15.53 0.86
CA PRO B 526 21.57 15.43 1.32
C PRO B 526 22.61 15.18 0.20
N THR B 527 22.15 14.75 -0.99
CA THR B 527 23.00 14.75 -2.18
C THR B 527 22.43 15.67 -3.26
N TRP B 528 23.26 16.62 -3.70
CA TRP B 528 22.94 17.48 -4.85
C TRP B 528 24.18 17.65 -5.72
N GLY B 529 23.99 18.32 -6.84
CA GLY B 529 25.12 18.59 -7.71
C GLY B 529 24.80 19.57 -8.82
N ILE B 530 25.85 19.96 -9.53
CA ILE B 530 25.74 20.86 -10.66
C ILE B 530 26.68 20.41 -11.76
N TYR B 531 26.32 20.76 -12.99
CA TYR B 531 27.17 20.64 -14.17
C TYR B 531 27.78 22.01 -14.43
N SER B 532 29.09 22.02 -14.65
CA SER B 532 29.89 23.24 -14.75
C SER B 532 29.28 24.21 -15.74
N GLY B 533 29.32 25.49 -15.37
CA GLY B 533 28.66 26.53 -16.14
C GLY B 533 27.41 26.98 -15.40
N TYR B 534 26.93 26.14 -14.49
CA TYR B 534 25.83 26.52 -13.62
C TYR B 534 26.23 27.78 -12.82
N GLU B 535 27.45 27.81 -12.28
CA GLU B 535 28.02 28.97 -11.59
C GLU B 535 27.89 30.29 -12.36
N LEU B 536 28.17 30.22 -13.66
CA LEU B 536 28.24 31.40 -14.51
C LEU B 536 26.86 31.82 -15.03
N CYS B 537 25.81 31.13 -14.59
CA CYS B 537 24.44 31.41 -14.98
C CYS B 537 24.24 31.27 -16.50
N GLU B 538 24.90 30.26 -17.06
CA GLU B 538 24.74 29.88 -18.48
C GLU B 538 23.34 29.37 -18.70
N ASN B 539 22.57 30.11 -19.46
CA ASN B 539 21.17 29.82 -19.63
C ASN B 539 20.62 30.05 -21.05
N THR B 540 21.50 30.21 -22.05
CA THR B 540 21.06 30.34 -23.42
C THR B 540 20.69 28.94 -23.93
N PRO B 541 19.45 28.76 -24.39
CA PRO B 541 19.05 27.47 -24.93
C PRO B 541 19.30 27.36 -26.43
N LEU B 542 19.37 26.13 -26.93
CA LEU B 542 19.57 25.89 -28.38
C LEU B 542 18.53 26.64 -29.21
N ARG B 543 17.27 26.59 -28.79
CA ARG B 543 16.17 27.37 -29.34
C ARG B 543 15.10 27.48 -28.26
N GLU B 544 14.07 28.32 -28.47
CA GLU B 544 12.96 28.46 -27.50
C GLU B 544 12.16 27.14 -27.40
N GLY B 545 11.79 26.74 -26.17
CA GLY B 545 11.10 25.45 -25.95
C GLY B 545 11.95 24.18 -25.94
N SER B 546 13.27 24.34 -25.97
CA SER B 546 14.21 23.22 -25.83
C SER B 546 14.81 23.31 -24.44
N GLU B 547 15.35 22.20 -23.95
CA GLU B 547 16.11 22.18 -22.68
C GLU B 547 17.60 21.90 -22.89
N GLU B 548 18.04 22.05 -24.15
CA GLU B 548 19.44 21.86 -24.52
C GLU B 548 20.16 23.21 -24.46
N TYR B 549 21.45 23.18 -24.13
CA TYR B 549 22.30 24.37 -24.17
C TYR B 549 22.63 24.74 -25.60
N LEU B 550 22.74 26.04 -25.89
CA LEU B 550 23.32 26.48 -27.15
C LEU B 550 24.82 26.21 -27.05
N ASP B 551 25.40 25.78 -28.17
CA ASP B 551 26.82 25.42 -28.27
C ASP B 551 27.18 24.42 -27.18
N SER B 552 26.38 23.37 -27.08
CA SER B 552 26.50 22.41 -25.99
C SER B 552 27.90 21.79 -25.90
N GLU B 553 28.44 21.77 -24.68
CA GLU B 553 29.74 21.17 -24.41
C GLU B 553 29.89 19.69 -24.83
N LYS B 554 28.77 19.01 -25.09
CA LYS B 554 28.80 17.61 -25.56
C LYS B 554 29.46 17.43 -26.94
N TYR B 555 29.39 18.47 -27.76
CA TYR B 555 29.85 18.44 -29.14
C TYR B 555 31.04 19.35 -29.42
N GLN B 556 31.49 20.12 -28.41
CA GLN B 556 32.61 21.04 -28.61
C GLN B 556 33.41 21.29 -27.34
N LEU B 557 34.67 21.68 -27.54
CA LEU B 557 35.49 22.21 -26.46
C LEU B 557 34.78 23.48 -26.01
N LYS B 558 34.70 23.67 -24.70
CA LYS B 558 34.02 24.81 -24.15
C LYS B 558 34.91 25.46 -23.10
N PRO B 559 35.95 26.19 -23.57
CA PRO B 559 36.87 26.82 -22.62
C PRO B 559 36.13 27.90 -21.82
N ARG B 560 36.37 27.95 -20.51
CA ARG B 560 35.72 28.94 -19.66
C ARG B 560 36.77 29.72 -18.87
N ASP B 561 36.62 31.04 -18.84
CA ASP B 561 37.61 31.90 -18.24
C ASP B 561 37.27 32.06 -16.77
N TRP B 562 37.58 31.03 -16.00
CA TRP B 562 37.20 30.97 -14.58
C TRP B 562 37.79 32.11 -13.78
N THR B 563 39.02 32.47 -14.07
CA THR B 563 39.71 33.56 -13.35
C THR B 563 38.98 34.89 -13.55
N ARG B 564 38.66 35.19 -14.82
CA ARG B 564 37.92 36.40 -15.20
C ARG B 564 36.55 36.50 -14.52
N ALA B 565 35.76 35.44 -14.55
CA ALA B 565 34.42 35.47 -13.94
C ALA B 565 34.46 35.73 -12.41
N ALA B 566 35.52 35.24 -11.77
CA ALA B 566 35.75 35.42 -10.34
C ALA B 566 36.17 36.85 -10.04
N ARG B 567 37.11 37.36 -10.83
CA ARG B 567 37.50 38.77 -10.77
C ARG B 567 36.29 39.70 -10.87
N GLU B 568 35.36 39.37 -11.77
CA GLU B 568 34.23 40.24 -12.10
C GLU B 568 32.92 39.99 -11.33
N GLY B 569 32.86 38.92 -10.52
CA GLY B 569 31.64 38.59 -9.75
C GLY B 569 30.48 38.01 -10.54
N THR B 570 30.74 37.56 -11.77
CA THR B 570 29.69 37.03 -12.63
C THR B 570 29.57 35.51 -12.45
N THR B 571 29.51 35.10 -11.19
CA THR B 571 29.52 33.72 -10.81
C THR B 571 28.88 33.59 -9.42
N ILE B 572 28.14 32.50 -9.19
CA ILE B 572 27.55 32.23 -7.89
C ILE B 572 28.38 31.22 -7.09
N ALA B 573 29.66 31.06 -7.44
CA ALA B 573 30.58 30.19 -6.67
C ALA B 573 30.68 30.52 -5.18
N PRO B 574 30.52 31.81 -4.79
CA PRO B 574 30.43 32.12 -3.34
C PRO B 574 29.24 31.50 -2.62
N LEU B 575 28.04 31.61 -3.21
CA LEU B 575 26.83 31.04 -2.64
C LEU B 575 26.93 29.51 -2.54
N VAL B 576 27.45 28.90 -3.59
CA VAL B 576 27.66 27.45 -3.65
C VAL B 576 28.56 27.00 -2.51
N THR B 577 29.69 27.69 -2.34
CA THR B 577 30.63 27.44 -1.23
C THR B 577 29.94 27.54 0.13
N ARG B 578 29.12 28.58 0.28
CA ARG B 578 28.40 28.85 1.52
C ARG B 578 27.37 27.76 1.81
N LEU B 579 26.62 27.34 0.80
CA LEU B 579 25.60 26.29 0.96
C LEU B 579 26.21 24.94 1.36
N ASN B 580 27.32 24.57 0.72
CA ASN B 580 28.05 23.35 1.10
C ASN B 580 28.63 23.44 2.51
N THR B 581 29.17 24.59 2.87
CA THR B 581 29.67 24.81 4.23
C THR B 581 28.58 24.69 5.28
N ILE B 582 27.39 25.22 4.99
CA ILE B 582 26.25 25.10 5.89
C ILE B 582 25.90 23.62 6.04
N ARG B 583 25.85 22.91 4.92
CA ARG B 583 25.62 21.45 4.92
C ARG B 583 26.64 20.67 5.76
N ARG B 584 27.91 21.07 5.68
CA ARG B 584 28.97 20.43 6.46
C ARG B 584 28.88 20.70 7.96
N GLU B 585 28.22 21.78 8.33
CA GLU B 585 28.08 22.20 9.74
C GLU B 585 26.70 21.93 10.37
N ASN B 586 25.70 21.53 9.59
CA ASN B 586 24.37 21.22 10.13
C ASN B 586 23.96 19.81 9.72
N PRO B 587 24.03 18.85 10.67
CA PRO B 587 23.66 17.45 10.39
C PRO B 587 22.22 17.25 9.89
N ALA B 588 21.36 18.22 10.13
CA ALA B 588 19.99 18.19 9.60
C ALA B 588 19.97 18.14 8.06
N LEU B 589 20.95 18.76 7.42
CA LEU B 589 21.00 18.82 5.96
C LEU B 589 21.77 17.66 5.34
N ARG B 590 22.36 16.81 6.19
CA ARG B 590 23.02 15.58 5.76
C ARG B 590 22.14 14.30 5.87
N GLN B 591 20.82 14.48 5.93
CA GLN B 591 19.86 13.38 5.93
C GLN B 591 18.65 13.76 5.12
N LEU B 592 17.84 12.76 4.78
CA LEU B 592 16.72 12.91 3.83
C LEU B 592 15.34 12.95 4.48
N ARG B 593 15.08 12.02 5.39
CA ARG B 593 13.73 11.64 5.84
C ARG B 593 12.99 12.61 6.79
N ASP B 594 13.72 13.36 7.62
CA ASP B 594 13.11 14.36 8.50
C ASP B 594 12.93 15.69 7.75
N LEU B 595 11.69 15.99 7.37
CA LEU B 595 11.38 17.12 6.51
C LEU B 595 9.90 17.46 6.64
N HIS B 596 9.61 18.69 7.03
CA HIS B 596 8.24 19.16 7.16
C HIS B 596 8.08 20.52 6.49
N PHE B 597 6.94 20.73 5.82
CA PHE B 597 6.59 21.99 5.16
C PHE B 597 5.62 22.83 5.99
N HIS B 598 5.92 24.11 6.14
CA HIS B 598 5.12 25.02 6.96
C HIS B 598 4.36 25.98 6.07
N PRO B 599 3.10 26.34 6.44
CA PRO B 599 2.28 27.19 5.55
C PRO B 599 2.75 28.65 5.43
N THR B 600 2.49 29.23 4.26
CA THR B 600 2.69 30.68 4.01
C THR B 600 1.50 31.16 3.20
N ASP B 601 1.17 32.45 3.27
CA ASP B 601 0.00 32.99 2.53
C ASP B 601 0.27 33.48 1.09
N LYS B 602 1.55 33.58 0.69
CA LYS B 602 1.90 33.81 -0.72
C LYS B 602 2.23 32.47 -1.41
N GLU B 603 1.70 32.29 -2.63
CA GLU B 603 1.92 31.06 -3.42
C GLU B 603 3.37 30.89 -3.93
N GLU B 604 4.11 32.01 -3.91
CA GLU B 604 5.45 32.11 -4.48
C GLU B 604 6.54 31.84 -3.43
N VAL B 605 6.14 31.70 -2.17
CA VAL B 605 7.06 31.52 -1.04
C VAL B 605 6.80 30.19 -0.35
N ILE B 606 7.86 29.40 -0.20
CA ILE B 606 7.80 28.04 0.36
C ILE B 606 8.69 27.98 1.59
N ALA B 607 8.23 27.26 2.61
CA ALA B 607 8.97 27.08 3.85
C ALA B 607 9.01 25.62 4.28
N TYR B 608 10.13 25.21 4.87
CA TYR B 608 10.32 23.85 5.37
C TYR B 608 11.42 23.77 6.41
N SER B 609 11.29 22.82 7.34
CA SER B 609 12.33 22.55 8.34
C SER B 609 12.88 21.14 8.24
N LYS B 610 14.11 20.97 8.70
CA LYS B 610 14.74 19.65 8.81
C LYS B 610 15.52 19.55 10.12
N ARG B 611 15.37 18.44 10.84
CA ARG B 611 16.01 18.26 12.14
C ARG B 611 16.80 16.95 12.22
N GLN B 612 17.74 16.91 13.16
CA GLN B 612 18.63 15.78 13.37
C GLN B 612 19.33 15.99 14.71
N GLY B 613 18.94 15.22 15.72
CA GLY B 613 19.36 15.47 17.09
C GLY B 613 18.85 16.84 17.48
N SER B 614 19.71 17.65 18.08
CA SER B 614 19.36 19.02 18.49
C SER B 614 19.74 20.07 17.44
N ASN B 615 19.85 19.66 16.18
CA ASN B 615 20.09 20.58 15.09
C ASN B 615 18.80 20.69 14.26
N THR B 616 18.38 21.92 13.99
CA THR B 616 17.15 22.23 13.29
C THR B 616 17.38 23.39 12.32
N VAL B 617 17.15 23.15 11.04
CA VAL B 617 17.36 24.15 10.01
C VAL B 617 16.02 24.56 9.41
N LEU B 618 15.65 25.84 9.59
CA LEU B 618 14.49 26.43 8.89
C LEU B 618 14.95 27.06 7.59
N VAL B 619 14.17 26.83 6.53
CA VAL B 619 14.46 27.39 5.21
C VAL B 619 13.19 28.02 4.64
N VAL B 620 13.30 29.28 4.19
CA VAL B 620 12.24 29.99 3.49
C VAL B 620 12.84 30.42 2.17
N VAL B 621 12.18 30.11 1.05
CA VAL B 621 12.70 30.48 -0.27
C VAL B 621 11.63 31.23 -1.07
N ASN B 622 12.06 32.31 -1.75
CA ASN B 622 11.22 33.01 -2.72
C ASN B 622 11.43 32.37 -4.07
N LEU B 623 10.40 31.71 -4.60
CA LEU B 623 10.49 31.06 -5.91
C LEU B 623 10.38 32.04 -7.08
N ASP B 624 9.91 33.27 -6.82
CA ASP B 624 9.89 34.32 -7.86
C ASP B 624 11.29 34.88 -8.06
N PRO B 625 11.84 34.77 -9.29
CA PRO B 625 13.13 35.39 -9.58
C PRO B 625 13.04 36.85 -10.02
N ARG B 626 11.89 37.28 -10.55
CA ARG B 626 11.70 38.64 -11.10
C ARG B 626 11.16 39.62 -10.05
N HIS B 627 10.11 39.24 -9.33
CA HIS B 627 9.45 40.13 -8.36
C HIS B 627 9.80 39.84 -6.89
N THR B 628 10.02 40.94 -6.15
CA THR B 628 10.18 40.95 -4.69
C THR B 628 8.89 40.48 -3.99
N GLN B 629 9.04 39.55 -3.04
CA GLN B 629 7.90 38.90 -2.37
C GLN B 629 7.94 39.07 -0.85
N GLU B 630 6.77 39.35 -0.30
CA GLU B 630 6.54 39.45 1.14
C GLU B 630 5.42 38.48 1.52
N ALA B 631 5.54 37.86 2.70
CA ALA B 631 4.60 36.83 3.13
C ALA B 631 4.71 36.60 4.63
N THR B 632 3.63 36.08 5.22
CA THR B 632 3.63 35.61 6.59
C THR B 632 3.90 34.11 6.55
N VAL B 633 4.97 33.67 7.21
CA VAL B 633 5.25 32.24 7.37
C VAL B 633 4.66 31.83 8.72
N SER B 634 3.63 30.98 8.68
CA SER B 634 3.04 30.41 9.90
C SER B 634 3.64 29.02 10.20
N LEU B 635 4.55 28.98 11.18
CA LEU B 635 5.21 27.74 11.57
C LEU B 635 4.30 26.79 12.35
N ASP B 636 4.73 25.55 12.40
CA ASP B 636 4.00 24.45 13.00
C ASP B 636 4.93 24.11 14.18
N MET B 637 4.72 24.82 15.28
CA MET B 637 5.67 24.86 16.39
C MET B 637 5.85 23.52 17.12
N PRO B 638 4.75 22.77 17.36
CA PRO B 638 4.92 21.39 17.84
C PRO B 638 5.89 20.55 17.01
N GLN B 639 5.82 20.71 15.68
CA GLN B 639 6.68 19.97 14.74
C GLN B 639 8.18 20.33 14.80
N LEU B 640 8.53 21.42 15.50
CA LEU B 640 9.92 21.79 15.81
C LEU B 640 10.33 21.44 17.25
N GLY B 641 9.47 20.70 17.96
CA GLY B 641 9.67 20.37 19.36
C GLY B 641 9.49 21.53 20.32
N LEU B 642 8.61 22.49 19.98
CA LEU B 642 8.46 23.71 20.75
C LEU B 642 7.03 23.95 21.21
N ASP B 643 6.84 24.94 22.09
CA ASP B 643 5.50 25.39 22.52
C ASP B 643 4.89 26.31 21.46
N TRP B 644 3.57 26.24 21.28
CA TRP B 644 2.81 27.15 20.40
C TRP B 644 2.99 28.63 20.74
N HIS B 645 3.23 28.91 22.03
CA HIS B 645 3.41 30.26 22.55
C HIS B 645 4.90 30.62 22.66
N GLU B 646 5.77 29.93 21.92
CA GLU B 646 7.22 30.05 22.07
C GLU B 646 7.82 31.04 21.09
N SER B 647 9.04 31.46 21.41
CA SER B 647 9.90 32.27 20.56
C SER B 647 11.26 31.56 20.48
N VAL B 648 11.97 31.73 19.36
CA VAL B 648 13.29 31.09 19.16
C VAL B 648 14.27 31.93 18.31
N PRO B 649 15.52 32.07 18.79
CA PRO B 649 16.52 32.80 18.04
C PRO B 649 17.10 31.97 16.89
N VAL B 650 16.97 32.52 15.69
CA VAL B 650 17.49 31.91 14.46
C VAL B 650 18.61 32.78 13.88
N ARG B 651 19.48 32.15 13.10
CA ARG B 651 20.52 32.85 12.35
C ARG B 651 20.54 32.43 10.89
N ASP B 652 20.25 33.38 9.99
CA ASP B 652 20.39 33.15 8.56
C ASP B 652 21.87 33.02 8.22
N GLU B 653 22.30 31.78 7.92
CA GLU B 653 23.71 31.46 7.63
C GLU B 653 24.22 32.02 6.30
N LEU B 654 23.30 32.41 5.42
CA LEU B 654 23.64 33.13 4.19
C LEU B 654 24.17 34.54 4.45
N THR B 655 23.62 35.23 5.45
CA THR B 655 23.98 36.62 5.76
C THR B 655 24.79 36.80 7.06
N GLY B 656 24.51 36.01 8.10
CA GLY B 656 24.99 36.29 9.47
C GLY B 656 23.99 37.03 10.36
N GLU B 657 22.86 37.44 9.77
CA GLU B 657 21.77 38.12 10.49
C GLU B 657 20.99 37.18 11.40
N THR B 658 20.37 37.77 12.42
CA THR B 658 19.68 37.04 13.49
C THR B 658 18.29 37.66 13.73
N TYR B 659 17.23 36.86 13.56
CA TYR B 659 15.85 37.29 13.90
C TYR B 659 15.32 36.48 15.09
N HIS B 660 14.17 36.90 15.62
CA HIS B 660 13.46 36.18 16.68
C HIS B 660 12.09 35.73 16.17
N TRP B 661 11.99 34.45 15.79
CA TRP B 661 10.80 33.89 15.13
C TRP B 661 9.93 33.06 16.09
N GLY B 662 8.62 33.02 15.81
CA GLY B 662 7.68 32.15 16.52
C GLY B 662 6.57 31.61 15.62
N ARG B 663 5.36 31.53 16.18
CA ARG B 663 4.14 31.03 15.50
C ARG B 663 3.86 31.63 14.13
N ALA B 664 4.09 32.96 14.00
CA ALA B 664 3.84 33.71 12.75
C ALA B 664 4.92 34.78 12.52
N ASN B 665 5.49 34.83 11.31
CA ASN B 665 6.70 35.63 11.01
C ASN B 665 6.65 36.32 9.66
N TYR B 666 6.86 37.64 9.66
CA TYR B 666 7.03 38.40 8.43
C TYR B 666 8.41 38.10 7.79
N VAL B 667 8.41 37.84 6.48
CA VAL B 667 9.64 37.78 5.67
C VAL B 667 9.48 38.67 4.44
N ARG B 668 10.58 39.30 4.03
CA ARG B 668 10.67 40.14 2.82
C ARG B 668 11.87 39.65 2.00
N LEU B 669 11.62 39.06 0.84
CA LEU B 669 12.69 38.42 0.04
C LEU B 669 12.84 39.06 -1.34
N GLU B 670 13.99 39.69 -1.55
CA GLU B 670 14.27 40.54 -2.70
C GLU B 670 15.25 39.84 -3.66
N PRO B 671 14.80 39.48 -4.88
CA PRO B 671 15.67 38.78 -5.83
C PRO B 671 16.96 39.55 -6.16
N GLY B 672 18.10 38.85 -6.13
CA GLY B 672 19.40 39.48 -6.26
C GLY B 672 20.05 39.55 -4.90
N ARG B 673 19.54 40.44 -4.05
CA ARG B 673 20.02 40.56 -2.65
C ARG B 673 19.74 39.31 -1.76
N THR B 674 18.47 38.86 -1.66
CA THR B 674 18.09 37.75 -0.74
C THR B 674 17.16 36.69 -1.38
N PRO B 675 17.75 35.64 -1.99
CA PRO B 675 16.92 34.57 -2.61
C PRO B 675 16.15 33.69 -1.61
N ALA B 676 16.70 33.58 -0.40
CA ALA B 676 16.19 32.70 0.63
C ALA B 676 16.75 33.09 1.98
N HIS B 677 16.14 32.56 3.04
CA HIS B 677 16.74 32.50 4.36
C HIS B 677 17.08 31.04 4.57
N VAL B 678 18.30 30.75 5.02
CA VAL B 678 18.71 29.40 5.45
C VAL B 678 19.16 29.46 6.91
N CYS B 679 18.18 29.43 7.82
CA CYS B 679 18.41 29.72 9.24
C CYS B 679 18.63 28.46 10.05
N THR B 680 19.54 28.53 11.03
CA THR B 680 19.68 27.48 12.04
C THR B 680 18.93 27.96 13.27
N VAL B 681 18.72 27.05 14.23
CA VAL B 681 18.12 27.42 15.51
C VAL B 681 19.23 27.36 16.57
N LEU B 682 19.45 28.48 17.26
CA LEU B 682 20.45 28.56 18.33
C LEU B 682 19.78 28.18 19.66
N ARG B 683 20.32 27.18 20.36
CA ARG B 683 19.70 26.62 21.59
C ARG B 683 20.69 26.58 22.76
C1 GLC C . -9.90 10.17 18.58
C2 GLC C . -9.42 10.61 17.19
C3 GLC C . -10.08 9.78 16.10
C4 GLC C . -9.89 8.30 16.38
C5 GLC C . -10.45 7.98 17.77
C6 GLC C . -10.31 6.52 18.15
O1 GLC C . -11.22 10.57 18.80
O2 GLC C . -9.69 11.99 16.98
O3 GLC C . -9.56 10.11 14.82
O4 GLC C . -10.55 7.51 15.39
O5 GLC C . -9.74 8.75 18.76
O6 GLC C . -10.06 6.33 19.54
C1 GLC C . -9.71 6.63 14.58
C2 GLC C . -10.14 6.68 13.13
C3 GLC C . -11.54 6.10 12.96
C4 GLC C . -11.67 4.72 13.60
C5 GLC C . -11.06 4.71 15.01
C6 GLC C . -10.94 3.33 15.60
O2 GLC C . -10.10 8.02 12.66
O3 GLC C . -11.88 6.02 11.58
O4 GLC C . -13.06 4.41 13.72
O5 GLC C . -9.74 5.27 15.01
O6 GLC C . -10.91 3.36 17.01
C1 GLC C . -13.52 3.20 13.08
C2 GLC C . -14.84 3.46 12.38
C3 GLC C . -15.96 3.69 13.38
C4 GLC C . -16.01 2.59 14.45
C5 GLC C . -14.61 2.36 15.03
C6 GLC C . -14.53 1.16 15.96
O2 GLC C . -14.72 4.59 11.54
O3 GLC C . -17.19 3.73 12.67
O4 GLC C . -16.94 2.94 15.47
O5 GLC C . -13.66 2.10 13.99
O6 GLC C . -13.99 1.48 17.24
C1 GLC C . -18.26 2.33 15.31
C2 GLC C . -19.35 2.98 16.19
C3 GLC C . -19.21 2.56 17.65
C4 GLC C . -19.18 1.03 17.73
C5 GLC C . -18.01 0.55 16.88
C6 GLC C . -17.78 -0.95 16.93
O2 GLC C . -19.33 4.39 16.07
O3 GLC C . -20.23 3.14 18.45
O4 GLC C . -19.00 0.59 19.08
O5 GLC C . -18.23 0.91 15.51
O6 GLC C . -18.64 -1.67 16.06
C1 GLC C . -20.21 0.40 19.89
C2 GLC C . -19.73 0.01 21.29
C3 GLC C . -19.18 -1.41 21.30
C4 GLC C . -20.21 -2.39 20.74
C5 GLC C . -20.70 -1.90 19.38
C6 GLC C . -21.83 -2.74 18.81
O2 GLC C . -18.73 0.94 21.73
O3 GLC C . -18.81 -1.76 22.63
O4 GLC C . -19.67 -3.70 20.58
O5 GLC C . -21.20 -0.55 19.44
O6 GLC C . -22.94 -2.82 19.68
C1 GLC C . -19.61 -4.56 21.75
C2 GLC C . -19.07 -5.94 21.34
C3 GLC C . -20.16 -6.81 20.72
C4 GLC C . -21.35 -6.88 21.68
C5 GLC C . -21.84 -5.45 21.91
C6 GLC C . -23.09 -5.35 22.78
O2 GLC C . -17.98 -5.78 20.43
O3 GLC C . -19.65 -8.09 20.39
O4 GLC C . -22.43 -7.69 21.18
O5 GLC C . -20.81 -4.67 22.55
O6 GLC C . -22.96 -6.06 24.00
C1 GLC C . -22.45 -9.16 21.33
C2 GLC C . -23.88 -9.66 21.18
C3 GLC C . -24.70 -9.19 22.37
C4 GLC C . -24.10 -9.76 23.65
C5 GLC C . -22.59 -9.55 23.71
C6 GLC C . -21.92 -10.45 24.73
O2 GLC C . -24.43 -9.23 19.94
O3 GLC C . -26.06 -9.56 22.19
O4 GLC C . -24.61 -9.07 24.79
O5 GLC C . -21.89 -9.81 22.47
O6 GLC C . -22.10 -11.82 24.40
C1 GLC C . -25.83 -9.61 25.34
C2 GLC C . -26.53 -8.52 26.15
C3 GLC C . -25.84 -8.27 27.49
C4 GLC C . -25.62 -9.58 28.23
C5 GLC C . -24.87 -10.56 27.31
C6 GLC C . -24.61 -11.90 27.96
O2 GLC C . -26.59 -7.30 25.42
O3 GLC C . -26.63 -7.41 28.29
O4 GLC C . -24.87 -9.36 29.42
O5 GLC C . -25.63 -10.80 26.12
O6 GLC C . -25.78 -12.61 28.33
C1 GLC D . -31.25 21.62 -8.26
C2 GLC D . -31.78 20.47 -9.14
C3 GLC D . -33.15 20.80 -9.71
C4 GLC D . -34.11 21.23 -8.59
C5 GLC D . -33.49 22.40 -7.82
C6 GLC D . -34.35 22.89 -6.68
O1 GLC D . -30.82 22.73 -9.04
O2 GLC D . -30.91 20.21 -10.22
O3 GLC D . -33.65 19.65 -10.40
O4 GLC D . -35.43 21.51 -9.09
O5 GLC D . -32.22 22.01 -7.27
O6 GLC D . -34.37 21.95 -5.61
C1 GLC D . -35.67 22.56 -10.09
C2 GLC D . -37.16 22.96 -10.09
C3 GLC D . -38.00 21.87 -10.73
C4 GLC D . -37.46 21.54 -12.13
C5 GLC D . -35.99 21.18 -12.02
C6 GLC D . -35.34 20.87 -13.34
O2 GLC D . -37.61 23.20 -8.75
O3 GLC D . -39.37 22.28 -10.81
O4 GLC D . -38.18 20.45 -12.70
O5 GLC D . -35.25 22.27 -11.42
O6 GLC D . -33.96 20.61 -13.20
C1 GLC D . -38.72 20.70 -14.01
C2 GLC D . -40.22 20.49 -13.93
C3 GLC D . -40.54 19.02 -13.74
C4 GLC D . -39.90 18.18 -14.85
C5 GLC D . -38.40 18.51 -14.95
C6 GLC D . -37.72 17.88 -16.15
O2 GLC D . -40.76 21.24 -12.83
O3 GLC D . -41.94 18.85 -13.74
O4 GLC D . -40.08 16.79 -14.56
O5 GLC D . -38.18 19.93 -15.09
O6 GLC D . -38.30 16.64 -16.54
C1 GLC D . -41.23 16.13 -15.18
C2 GLC D . -42.29 15.75 -14.15
C3 GLC D . -41.78 14.66 -13.22
C4 GLC D . -41.28 13.46 -14.02
C5 GLC D . -40.33 13.91 -15.14
C6 GLC D . -39.99 12.78 -16.10
O2 GLC D . -42.67 16.88 -13.36
O3 GLC D . -42.81 14.25 -12.34
O4 GLC D . -40.55 12.60 -13.15
O5 GLC D . -40.90 14.96 -15.94
O6 GLC D . -39.12 13.20 -17.14
C1 GLC D . -40.92 11.21 -13.11
C2 GLC D . -41.46 10.87 -11.72
C3 GLC D . -40.34 10.97 -10.67
C4 GLC D . -39.14 10.12 -11.09
C5 GLC D . -38.71 10.47 -12.52
C6 GLC D . -37.60 9.59 -13.03
O2 GLC D . -42.51 11.76 -11.38
O3 GLC D . -40.80 10.56 -9.39
O4 GLC D . -38.07 10.37 -10.20
O5 GLC D . -39.82 10.33 -13.43
O6 GLC D . -37.10 10.05 -14.29
C1 GLC E . -1.62 11.72 -19.88
C2 GLC E . -2.37 11.40 -18.60
C3 GLC E . -1.41 11.35 -17.42
C4 GLC E . -0.23 10.41 -17.69
C5 GLC E . 0.38 10.69 -19.06
C6 GLC E . 1.38 9.63 -19.49
O1 GLC E . -1.07 13.01 -19.83
O2 GLC E . -3.38 12.37 -18.37
O3 GLC E . -2.11 10.91 -16.26
O4 GLC E . 0.73 10.63 -16.66
O5 GLC E . -0.62 10.72 -20.11
O6 GLC E . 1.71 9.71 -20.87
C1 GLC E . 1.16 9.50 -15.85
C2 GLC E . 1.44 9.95 -14.42
C3 GLC E . 2.62 10.91 -14.38
C4 GLC E . 3.84 10.33 -15.08
C5 GLC E . 3.46 9.80 -16.45
C6 GLC E . 4.58 9.06 -17.16
O2 GLC E . 0.27 10.55 -13.87
O3 GLC E . 2.94 11.24 -13.03
O4 GLC E . 4.83 11.35 -15.24
O5 GLC E . 2.34 8.88 -16.36
O6 GLC E . 4.64 7.69 -16.80
C1 GLC E . 6.13 11.16 -14.67
C2 GLC E . 6.59 12.47 -14.00
C3 GLC E . 7.02 13.50 -15.04
C4 GLC E . 8.00 12.90 -16.03
C5 GLC E . 7.40 11.64 -16.63
C6 GLC E . 8.33 10.96 -17.63
O2 GLC E . 5.54 12.98 -13.21
O3 GLC E . 7.60 14.62 -14.39
O4 GLC E . 8.29 13.84 -17.08
O5 GLC E . 7.12 10.68 -15.60
O6 GLC E . 7.99 9.61 -17.88
C1 GLC E . 9.55 14.52 -16.94
C2 GLC E . 9.71 15.64 -18.00
C3 GLC E . 10.21 15.11 -19.34
C4 GLC E . 11.39 14.16 -19.15
C5 GLC E . 10.97 13.07 -18.18
C6 GLC E . 12.02 11.99 -17.97
O2 GLC E . 8.47 16.31 -18.18
O3 GLC E . 10.53 16.21 -20.19
O4 GLC E . 11.80 13.54 -20.38
O5 GLC E . 10.68 13.65 -16.90
O6 GLC E . 12.82 12.23 -16.82
C1 GLC E . 12.73 14.26 -21.22
C2 GLC E . 12.83 13.45 -22.52
C3 GLC E . 13.75 12.24 -22.35
C4 GLC E . 15.10 12.66 -21.75
C5 GLC E . 14.86 13.45 -20.46
C6 GLC E . 16.13 13.93 -19.79
O2 GLC E . 11.54 13.00 -22.89
O3 GLC E . 13.94 11.63 -23.63
O4 GLC E . 15.92 11.54 -21.42
O5 GLC E . 14.03 14.60 -20.73
O6 GLC E . 17.05 14.55 -20.68
C1 GLC E . 16.62 10.86 -22.50
C2 GLC E . 17.38 9.68 -21.87
C3 GLC E . 18.63 10.17 -21.16
C4 GLC E . 19.48 10.95 -22.16
C5 GLC E . 18.66 12.12 -22.66
C6 GLC E . 19.40 13.03 -23.63
O2 GLC E . 16.52 8.98 -20.97
O3 GLC E . 19.33 9.10 -20.54
O4 GLC E . 20.72 11.40 -21.59
O5 GLC E . 17.48 11.65 -23.35
O6 GLC E . 19.84 12.34 -24.78
C1 GLC E . 21.94 10.56 -21.59
C2 GLC E . 23.18 11.42 -21.54
C3 GLC E . 23.35 12.14 -22.85
C4 GLC E . 23.53 11.12 -23.98
C5 GLC E . 22.44 10.04 -23.91
C6 GLC E . 22.77 8.82 -24.74
O2 GLC E . 23.14 12.32 -20.43
O3 GLC E . 24.47 13.02 -22.78
O4 GLC E . 23.39 11.76 -25.26
O5 GLC E . 22.16 9.54 -22.58
O6 GLC E . 24.06 8.29 -24.44
C1 GLC E . 24.59 12.32 -25.82
C2 GLC E . 24.23 13.44 -26.81
C3 GLC E . 23.68 12.88 -28.12
C4 GLC E . 24.64 11.83 -28.68
C5 GLC E . 24.88 10.76 -27.61
C6 GLC E . 25.84 9.66 -28.06
O2 GLC E . 23.27 14.31 -26.21
O3 GLC E . 23.50 13.91 -29.08
O4 GLC E . 24.09 11.26 -29.86
O5 GLC E . 25.45 11.35 -26.44
O6 GLC E . 27.14 10.17 -28.30
C1 GLC F . -0.21 39.24 2.87
C2 GLC F . 0.95 39.13 3.88
C3 GLC F . 1.46 40.50 4.30
C4 GLC F . 1.79 41.33 3.06
C5 GLC F . 0.57 41.38 2.13
C6 GLC F . 0.82 42.15 0.85
O1 GLC F . -1.37 39.71 3.49
O2 GLC F . 0.54 38.41 5.04
O3 GLC F . 2.61 40.36 5.10
O4 GLC F . 2.29 42.64 3.40
O5 GLC F . 0.17 40.04 1.75
O6 GLC F . 2.15 41.99 0.35
C1 GLC F . 1.48 43.56 4.19
C2 GLC F . 1.91 45.01 3.92
C3 GLC F . 3.24 45.33 4.61
C4 GLC F . 3.18 44.95 6.08
C5 GLC F . 2.74 43.49 6.22
C6 GLC F . 2.60 43.06 7.68
O2 GLC F . 2.02 45.25 2.52
O3 GLC F . 3.52 46.71 4.48
O4 GLC F . 4.48 45.08 6.67
O5 GLC F . 1.45 43.32 5.61
O6 GLC F . 1.98 41.79 7.79
C1 GLC F . 4.58 45.99 7.78
C2 GLC F . 5.70 47.00 7.49
C3 GLC F . 7.05 46.32 7.56
C4 GLC F . 7.22 45.59 8.89
C5 GLC F . 6.04 44.64 9.12
C6 GLC F . 6.05 43.98 10.48
O2 GLC F . 5.51 47.60 6.21
O3 GLC F . 8.09 47.28 7.37
O4 GLC F . 8.44 44.84 8.88
O5 GLC F . 4.79 45.36 9.04
O6 GLC F . 7.21 43.18 10.70
C1 GLC F . 9.49 45.22 9.83
C2 GLC F . 10.71 45.81 9.12
C3 GLC F . 11.40 44.75 8.28
C4 GLC F . 11.72 43.50 9.10
C5 GLC F . 10.48 43.04 9.88
C6 GLC F . 10.76 41.91 10.84
O2 GLC F . 10.33 46.90 8.30
O3 GLC F . 12.59 45.28 7.72
O4 GLC F . 12.12 42.44 8.22
O5 GLC F . 9.93 44.12 10.65
O6 GLC F . 11.92 42.12 11.64
C1 GLC F . 13.42 41.84 8.44
C2 GLC F . 14.33 42.10 7.24
C3 GLC F . 13.79 41.39 6.01
C4 GLC F . 13.63 39.91 6.30
C5 GLC F . 12.81 39.69 7.57
C6 GLC F . 12.76 38.25 8.00
O2 GLC F . 14.44 43.50 6.99
O3 GLC F . 14.68 41.58 4.92
O4 GLC F . 12.96 39.28 5.21
O5 GLC F . 13.35 40.42 8.68
O6 GLC F . 11.97 38.06 9.18
#